data_2FQ4
# 
_entry.id   2FQ4 
# 
_audit_conform.dict_name       mmcif_pdbx.dic 
_audit_conform.dict_version    5.397 
_audit_conform.dict_location   http://mmcif.pdb.org/dictionaries/ascii/mmcif_pdbx.dic 
# 
loop_
_database_2.database_id 
_database_2.database_code 
_database_2.pdbx_database_accession 
_database_2.pdbx_DOI 
PDB   2FQ4         pdb_00002fq4 10.2210/pdb2fq4/pdb 
RCSB  RCSB036175   ?            ?                   
WWPDB D_1000036175 ?            ?                   
# 
loop_
_pdbx_audit_revision_history.ordinal 
_pdbx_audit_revision_history.data_content_type 
_pdbx_audit_revision_history.major_revision 
_pdbx_audit_revision_history.minor_revision 
_pdbx_audit_revision_history.revision_date 
1 'Structure model' 1 0 2006-02-28 
2 'Structure model' 1 1 2008-05-01 
3 'Structure model' 1 2 2011-07-13 
4 'Structure model' 1 3 2022-04-13 
5 'Structure model' 1 4 2024-10-16 
# 
_pdbx_audit_revision_details.ordinal             1 
_pdbx_audit_revision_details.revision_ordinal    1 
_pdbx_audit_revision_details.data_content_type   'Structure model' 
_pdbx_audit_revision_details.provider            repository 
_pdbx_audit_revision_details.type                'Initial release' 
_pdbx_audit_revision_details.description         ? 
_pdbx_audit_revision_details.details             ? 
# 
loop_
_pdbx_audit_revision_group.ordinal 
_pdbx_audit_revision_group.revision_ordinal 
_pdbx_audit_revision_group.data_content_type 
_pdbx_audit_revision_group.group 
1  2 'Structure model' 'Version format compliance' 
2  3 'Structure model' Advisory                    
3  3 'Structure model' 'Derived calculations'      
4  3 'Structure model' 'Source and taxonomy'       
5  3 'Structure model' 'Version format compliance' 
6  4 'Structure model' 'Database references'       
7  4 'Structure model' 'Derived calculations'      
8  4 'Structure model' 'Structure summary'         
9  5 'Structure model' 'Data collection'           
10 5 'Structure model' 'Structure summary'         
# 
loop_
_pdbx_audit_revision_category.ordinal 
_pdbx_audit_revision_category.revision_ordinal 
_pdbx_audit_revision_category.data_content_type 
_pdbx_audit_revision_category.category 
1 4 'Structure model' audit_author              
2 4 'Structure model' citation_author           
3 4 'Structure model' database_2                
4 4 'Structure model' struct_conn               
5 4 'Structure model' struct_ref_seq_dif        
6 5 'Structure model' chem_comp_atom            
7 5 'Structure model' chem_comp_bond            
8 5 'Structure model' pdbx_entry_details        
9 5 'Structure model' pdbx_modification_feature 
# 
loop_
_pdbx_audit_revision_item.ordinal 
_pdbx_audit_revision_item.revision_ordinal 
_pdbx_audit_revision_item.data_content_type 
_pdbx_audit_revision_item.item 
1 4 'Structure model' '_audit_author.identifier_ORCID'      
2 4 'Structure model' '_citation_author.identifier_ORCID'   
3 4 'Structure model' '_database_2.pdbx_DOI'                
4 4 'Structure model' '_database_2.pdbx_database_accession' 
5 4 'Structure model' '_struct_conn.pdbx_leaving_atom_flag' 
6 4 'Structure model' '_struct_ref_seq_dif.details'         
# 
_pdbx_database_status.status_code                     REL 
_pdbx_database_status.entry_id                        2FQ4 
_pdbx_database_status.recvd_initial_deposition_date   2006-01-17 
_pdbx_database_status.deposit_site                    RCSB 
_pdbx_database_status.process_site                    RCSB 
_pdbx_database_status.status_code_sf                  REL 
_pdbx_database_status.status_code_mr                  ? 
_pdbx_database_status.SG_entry                        Y 
_pdbx_database_status.pdb_format_compatible           Y 
_pdbx_database_status.status_code_cs                  ? 
_pdbx_database_status.status_code_nmr_data            ? 
_pdbx_database_status.methods_development_category    ? 
# 
_pdbx_database_related.db_name        TargetDB 
_pdbx_database_related.db_id          APC24909 
_pdbx_database_related.details        . 
_pdbx_database_related.content_type   unspecified 
# 
loop_
_audit_author.name 
_audit_author.pdbx_ordinal 
_audit_author.identifier_ORCID 
'Zhang, R.'                                     1 ?                   
'Wu, R.'                                        2 ?                   
'Moy, S.'                                       3 ?                   
'Cymborowski, M.'                               4 ?                   
'Minor, W.'                                     5 0000-0001-7075-7090 
'Joachimiak, A.'                                6 ?                   
'Midwest Center for Structural Genomics (MCSG)' 7 ?                   
# 
_citation.id                        primary 
_citation.title                     'The crystal structure of the transcriptional regulator (TetR family) from Bacillus cereus' 
_citation.journal_abbrev            'To be Published' 
_citation.journal_volume            ? 
_citation.page_first                ? 
_citation.page_last                 ? 
_citation.year                      ? 
_citation.journal_id_ASTM           ? 
_citation.country                   ? 
_citation.journal_id_ISSN           ? 
_citation.journal_id_CSD            0353 
_citation.book_publisher            ? 
_citation.pdbx_database_id_PubMed   ? 
_citation.pdbx_database_id_DOI      ? 
# 
loop_
_citation_author.citation_id 
_citation_author.name 
_citation_author.ordinal 
_citation_author.identifier_ORCID 
primary 'Zhang, R.'       1 ?                   
primary 'Wu, R.'          2 ?                   
primary 'Moy, S.'         3 ?                   
primary 'Cymborowski, M.' 4 ?                   
primary 'Minor, W.'       5 0000-0001-7075-7090 
primary 'Otwinowski, Z.'  6 ?                   
primary 'Joachimiak, A.'  7 ?                   
# 
loop_
_entity.id 
_entity.type 
_entity.src_method 
_entity.pdbx_description 
_entity.formula_weight 
_entity.pdbx_number_of_molecules 
_entity.pdbx_ec 
_entity.pdbx_mutation 
_entity.pdbx_fragment 
_entity.details 
1 polymer man 'Transcriptional regulator, TetR family' 21775.795 1   ? ? ? ? 
2 water   nat water                                    18.015    102 ? ? ? ? 
# 
_entity_poly.entity_id                      1 
_entity_poly.type                           'polypeptide(L)' 
_entity_poly.nstd_linkage                   no 
_entity_poly.nstd_monomer                   yes 
_entity_poly.pdbx_seq_one_letter_code       
;(MSE)QSKRGRPRNIETQKAILSASYELLLESGFKAVTVDKIAERAKVSKATIYKWWPNKAAVV(MSE)DGFLSAAAARL
PVPDTGSALNDILIHATSLANFLISREGTIINELVGEGQFDSKLAEEYRVRYFQPRRLQAKQLLEKGIKRGELKENLDIE
LSIDLIYGPIFYRLLVTGEKLDDSYVHDLVINAFEGIRLR
;
_entity_poly.pdbx_seq_one_letter_code_can   
;MQSKRGRPRNIETQKAILSASYELLLESGFKAVTVDKIAERAKVSKATIYKWWPNKAAVVMDGFLSAAAARLPVPDTGSA
LNDILIHATSLANFLISREGTIINELVGEGQFDSKLAEEYRVRYFQPRRLQAKQLLEKGIKRGELKENLDIELSIDLIYG
PIFYRLLVTGEKLDDSYVHDLVINAFEGIRLR
;
_entity_poly.pdbx_strand_id                 A 
_entity_poly.pdbx_target_identifier         APC24909 
# 
_pdbx_entity_nonpoly.entity_id   2 
_pdbx_entity_nonpoly.name        water 
_pdbx_entity_nonpoly.comp_id     HOH 
# 
loop_
_entity_poly_seq.entity_id 
_entity_poly_seq.num 
_entity_poly_seq.mon_id 
_entity_poly_seq.hetero 
1 1   MSE n 
1 2   GLN n 
1 3   SER n 
1 4   LYS n 
1 5   ARG n 
1 6   GLY n 
1 7   ARG n 
1 8   PRO n 
1 9   ARG n 
1 10  ASN n 
1 11  ILE n 
1 12  GLU n 
1 13  THR n 
1 14  GLN n 
1 15  LYS n 
1 16  ALA n 
1 17  ILE n 
1 18  LEU n 
1 19  SER n 
1 20  ALA n 
1 21  SER n 
1 22  TYR n 
1 23  GLU n 
1 24  LEU n 
1 25  LEU n 
1 26  LEU n 
1 27  GLU n 
1 28  SER n 
1 29  GLY n 
1 30  PHE n 
1 31  LYS n 
1 32  ALA n 
1 33  VAL n 
1 34  THR n 
1 35  VAL n 
1 36  ASP n 
1 37  LYS n 
1 38  ILE n 
1 39  ALA n 
1 40  GLU n 
1 41  ARG n 
1 42  ALA n 
1 43  LYS n 
1 44  VAL n 
1 45  SER n 
1 46  LYS n 
1 47  ALA n 
1 48  THR n 
1 49  ILE n 
1 50  TYR n 
1 51  LYS n 
1 52  TRP n 
1 53  TRP n 
1 54  PRO n 
1 55  ASN n 
1 56  LYS n 
1 57  ALA n 
1 58  ALA n 
1 59  VAL n 
1 60  VAL n 
1 61  MSE n 
1 62  ASP n 
1 63  GLY n 
1 64  PHE n 
1 65  LEU n 
1 66  SER n 
1 67  ALA n 
1 68  ALA n 
1 69  ALA n 
1 70  ALA n 
1 71  ARG n 
1 72  LEU n 
1 73  PRO n 
1 74  VAL n 
1 75  PRO n 
1 76  ASP n 
1 77  THR n 
1 78  GLY n 
1 79  SER n 
1 80  ALA n 
1 81  LEU n 
1 82  ASN n 
1 83  ASP n 
1 84  ILE n 
1 85  LEU n 
1 86  ILE n 
1 87  HIS n 
1 88  ALA n 
1 89  THR n 
1 90  SER n 
1 91  LEU n 
1 92  ALA n 
1 93  ASN n 
1 94  PHE n 
1 95  LEU n 
1 96  ILE n 
1 97  SER n 
1 98  ARG n 
1 99  GLU n 
1 100 GLY n 
1 101 THR n 
1 102 ILE n 
1 103 ILE n 
1 104 ASN n 
1 105 GLU n 
1 106 LEU n 
1 107 VAL n 
1 108 GLY n 
1 109 GLU n 
1 110 GLY n 
1 111 GLN n 
1 112 PHE n 
1 113 ASP n 
1 114 SER n 
1 115 LYS n 
1 116 LEU n 
1 117 ALA n 
1 118 GLU n 
1 119 GLU n 
1 120 TYR n 
1 121 ARG n 
1 122 VAL n 
1 123 ARG n 
1 124 TYR n 
1 125 PHE n 
1 126 GLN n 
1 127 PRO n 
1 128 ARG n 
1 129 ARG n 
1 130 LEU n 
1 131 GLN n 
1 132 ALA n 
1 133 LYS n 
1 134 GLN n 
1 135 LEU n 
1 136 LEU n 
1 137 GLU n 
1 138 LYS n 
1 139 GLY n 
1 140 ILE n 
1 141 LYS n 
1 142 ARG n 
1 143 GLY n 
1 144 GLU n 
1 145 LEU n 
1 146 LYS n 
1 147 GLU n 
1 148 ASN n 
1 149 LEU n 
1 150 ASP n 
1 151 ILE n 
1 152 GLU n 
1 153 LEU n 
1 154 SER n 
1 155 ILE n 
1 156 ASP n 
1 157 LEU n 
1 158 ILE n 
1 159 TYR n 
1 160 GLY n 
1 161 PRO n 
1 162 ILE n 
1 163 PHE n 
1 164 TYR n 
1 165 ARG n 
1 166 LEU n 
1 167 LEU n 
1 168 VAL n 
1 169 THR n 
1 170 GLY n 
1 171 GLU n 
1 172 LYS n 
1 173 LEU n 
1 174 ASP n 
1 175 ASP n 
1 176 SER n 
1 177 TYR n 
1 178 VAL n 
1 179 HIS n 
1 180 ASP n 
1 181 LEU n 
1 182 VAL n 
1 183 ILE n 
1 184 ASN n 
1 185 ALA n 
1 186 PHE n 
1 187 GLU n 
1 188 GLY n 
1 189 ILE n 
1 190 ARG n 
1 191 LEU n 
1 192 ARG n 
# 
_entity_src_gen.entity_id                          1 
_entity_src_gen.pdbx_src_id                        1 
_entity_src_gen.pdbx_alt_source_flag               sample 
_entity_src_gen.pdbx_seq_type                      ? 
_entity_src_gen.pdbx_beg_seq_num                   ? 
_entity_src_gen.pdbx_end_seq_num                   ? 
_entity_src_gen.gene_src_common_name               ? 
_entity_src_gen.gene_src_genus                     Bacillus 
_entity_src_gen.pdbx_gene_src_gene                 GI:29896827 
_entity_src_gen.gene_src_species                   'Bacillus cereus' 
_entity_src_gen.gene_src_strain                    'ATCC 14579' 
_entity_src_gen.gene_src_tissue                    ? 
_entity_src_gen.gene_src_tissue_fraction           ? 
_entity_src_gen.gene_src_details                   ? 
_entity_src_gen.pdbx_gene_src_fragment             ? 
_entity_src_gen.pdbx_gene_src_scientific_name      'Bacillus cereus' 
_entity_src_gen.pdbx_gene_src_ncbi_taxonomy_id     226900 
_entity_src_gen.pdbx_gene_src_variant              ? 
_entity_src_gen.pdbx_gene_src_cell_line            ? 
_entity_src_gen.pdbx_gene_src_atcc                 ? 
_entity_src_gen.pdbx_gene_src_organ                ? 
_entity_src_gen.pdbx_gene_src_organelle            ? 
_entity_src_gen.pdbx_gene_src_cell                 ? 
_entity_src_gen.pdbx_gene_src_cellular_location    ? 
_entity_src_gen.host_org_common_name               ? 
_entity_src_gen.pdbx_host_org_scientific_name      'Escherichia coli BL21' 
_entity_src_gen.pdbx_host_org_ncbi_taxonomy_id     511693 
_entity_src_gen.host_org_genus                     Escherichia 
_entity_src_gen.pdbx_host_org_gene                 ? 
_entity_src_gen.pdbx_host_org_organ                ? 
_entity_src_gen.host_org_species                   'Escherichia coli' 
_entity_src_gen.pdbx_host_org_tissue               ? 
_entity_src_gen.pdbx_host_org_tissue_fraction      ? 
_entity_src_gen.pdbx_host_org_strain               BL21 
_entity_src_gen.pdbx_host_org_variant              ? 
_entity_src_gen.pdbx_host_org_cell_line            ? 
_entity_src_gen.pdbx_host_org_atcc                 ? 
_entity_src_gen.pdbx_host_org_culture_collection   ? 
_entity_src_gen.pdbx_host_org_cell                 ? 
_entity_src_gen.pdbx_host_org_organelle            ? 
_entity_src_gen.pdbx_host_org_cellular_location    ? 
_entity_src_gen.pdbx_host_org_vector_type          Plasmid 
_entity_src_gen.pdbx_host_org_vector               ? 
_entity_src_gen.host_org_details                   ? 
_entity_src_gen.expression_system_id               ? 
_entity_src_gen.plasmid_name                       PDM68 
_entity_src_gen.plasmid_details                    ? 
_entity_src_gen.pdbx_description                   ? 
# 
loop_
_chem_comp.id 
_chem_comp.type 
_chem_comp.mon_nstd_flag 
_chem_comp.name 
_chem_comp.pdbx_synonyms 
_chem_comp.formula 
_chem_comp.formula_weight 
ALA 'L-peptide linking' y ALANINE          ? 'C3 H7 N O2'     89.093  
ARG 'L-peptide linking' y ARGININE         ? 'C6 H15 N4 O2 1' 175.209 
ASN 'L-peptide linking' y ASPARAGINE       ? 'C4 H8 N2 O3'    132.118 
ASP 'L-peptide linking' y 'ASPARTIC ACID'  ? 'C4 H7 N O4'     133.103 
GLN 'L-peptide linking' y GLUTAMINE        ? 'C5 H10 N2 O3'   146.144 
GLU 'L-peptide linking' y 'GLUTAMIC ACID'  ? 'C5 H9 N O4'     147.129 
GLY 'peptide linking'   y GLYCINE          ? 'C2 H5 N O2'     75.067  
HIS 'L-peptide linking' y HISTIDINE        ? 'C6 H10 N3 O2 1' 156.162 
HOH non-polymer         . WATER            ? 'H2 O'           18.015  
ILE 'L-peptide linking' y ISOLEUCINE       ? 'C6 H13 N O2'    131.173 
LEU 'L-peptide linking' y LEUCINE          ? 'C6 H13 N O2'    131.173 
LYS 'L-peptide linking' y LYSINE           ? 'C6 H15 N2 O2 1' 147.195 
MET 'L-peptide linking' y METHIONINE       ? 'C5 H11 N O2 S'  149.211 
MSE 'L-peptide linking' n SELENOMETHIONINE ? 'C5 H11 N O2 Se' 196.106 
PHE 'L-peptide linking' y PHENYLALANINE    ? 'C9 H11 N O2'    165.189 
PRO 'L-peptide linking' y PROLINE          ? 'C5 H9 N O2'     115.130 
SER 'L-peptide linking' y SERINE           ? 'C3 H7 N O3'     105.093 
THR 'L-peptide linking' y THREONINE        ? 'C4 H9 N O3'     119.119 
TRP 'L-peptide linking' y TRYPTOPHAN       ? 'C11 H12 N2 O2'  204.225 
TYR 'L-peptide linking' y TYROSINE         ? 'C9 H11 N O3'    181.189 
VAL 'L-peptide linking' y VALINE           ? 'C5 H11 N O2'    117.146 
# 
loop_
_pdbx_poly_seq_scheme.asym_id 
_pdbx_poly_seq_scheme.entity_id 
_pdbx_poly_seq_scheme.seq_id 
_pdbx_poly_seq_scheme.mon_id 
_pdbx_poly_seq_scheme.ndb_seq_num 
_pdbx_poly_seq_scheme.pdb_seq_num 
_pdbx_poly_seq_scheme.auth_seq_num 
_pdbx_poly_seq_scheme.pdb_mon_id 
_pdbx_poly_seq_scheme.auth_mon_id 
_pdbx_poly_seq_scheme.pdb_strand_id 
_pdbx_poly_seq_scheme.pdb_ins_code 
_pdbx_poly_seq_scheme.hetero 
A 1 1   MSE 1   1   ?   ?   ?   A . n 
A 1 2   GLN 2   2   ?   ?   ?   A . n 
A 1 3   SER 3   3   ?   ?   ?   A . n 
A 1 4   LYS 4   4   ?   ?   ?   A . n 
A 1 5   ARG 5   5   ?   ?   ?   A . n 
A 1 6   GLY 6   6   ?   ?   ?   A . n 
A 1 7   ARG 7   7   ?   ?   ?   A . n 
A 1 8   PRO 8   8   ?   ?   ?   A . n 
A 1 9   ARG 9   9   9   ARG ARG A . n 
A 1 10  ASN 10  10  10  ASN ASN A . n 
A 1 11  ILE 11  11  11  ILE ILE A . n 
A 1 12  GLU 12  12  12  GLU GLU A . n 
A 1 13  THR 13  13  13  THR THR A . n 
A 1 14  GLN 14  14  14  GLN GLN A . n 
A 1 15  LYS 15  15  15  LYS LYS A . n 
A 1 16  ALA 16  16  16  ALA ALA A . n 
A 1 17  ILE 17  17  17  ILE ILE A . n 
A 1 18  LEU 18  18  18  LEU LEU A . n 
A 1 19  SER 19  19  19  SER SER A . n 
A 1 20  ALA 20  20  20  ALA ALA A . n 
A 1 21  SER 21  21  21  SER SER A . n 
A 1 22  TYR 22  22  22  TYR TYR A . n 
A 1 23  GLU 23  23  23  GLU GLU A . n 
A 1 24  LEU 24  24  24  LEU LEU A . n 
A 1 25  LEU 25  25  25  LEU LEU A . n 
A 1 26  LEU 26  26  26  LEU LEU A . n 
A 1 27  GLU 27  27  27  GLU GLU A . n 
A 1 28  SER 28  28  28  SER SER A . n 
A 1 29  GLY 29  29  29  GLY GLY A . n 
A 1 30  PHE 30  30  30  PHE PHE A . n 
A 1 31  LYS 31  31  31  LYS LYS A . n 
A 1 32  ALA 32  32  32  ALA ALA A . n 
A 1 33  VAL 33  33  33  VAL VAL A . n 
A 1 34  THR 34  34  34  THR THR A . n 
A 1 35  VAL 35  35  35  VAL VAL A . n 
A 1 36  ASP 36  36  36  ASP ASP A . n 
A 1 37  LYS 37  37  37  LYS LYS A . n 
A 1 38  ILE 38  38  38  ILE ILE A . n 
A 1 39  ALA 39  39  39  ALA ALA A . n 
A 1 40  GLU 40  40  40  GLU GLU A . n 
A 1 41  ARG 41  41  41  ARG ARG A . n 
A 1 42  ALA 42  42  42  ALA ALA A . n 
A 1 43  LYS 43  43  43  LYS LYS A . n 
A 1 44  VAL 44  44  44  VAL VAL A . n 
A 1 45  SER 45  45  45  SER SER A . n 
A 1 46  LYS 46  46  46  LYS LYS A . n 
A 1 47  ALA 47  47  47  ALA ALA A . n 
A 1 48  THR 48  48  48  THR THR A . n 
A 1 49  ILE 49  49  49  ILE ILE A . n 
A 1 50  TYR 50  50  50  TYR TYR A . n 
A 1 51  LYS 51  51  51  LYS LYS A . n 
A 1 52  TRP 52  52  52  TRP TRP A . n 
A 1 53  TRP 53  53  53  TRP TRP A . n 
A 1 54  PRO 54  54  54  PRO PRO A . n 
A 1 55  ASN 55  55  55  ASN ASN A . n 
A 1 56  LYS 56  56  56  LYS LYS A . n 
A 1 57  ALA 57  57  57  ALA ALA A . n 
A 1 58  ALA 58  58  58  ALA ALA A . n 
A 1 59  VAL 59  59  59  VAL VAL A . n 
A 1 60  VAL 60  60  60  VAL VAL A . n 
A 1 61  MSE 61  61  61  MSE MSE A . n 
A 1 62  ASP 62  62  62  ASP ASP A . n 
A 1 63  GLY 63  63  63  GLY GLY A . n 
A 1 64  PHE 64  64  64  PHE PHE A . n 
A 1 65  LEU 65  65  65  LEU LEU A . n 
A 1 66  SER 66  66  66  SER SER A . n 
A 1 67  ALA 67  67  67  ALA ALA A . n 
A 1 68  ALA 68  68  68  ALA ALA A . n 
A 1 69  ALA 69  69  69  ALA ALA A . n 
A 1 70  ALA 70  70  70  ALA ALA A . n 
A 1 71  ARG 71  71  71  ARG ARG A . n 
A 1 72  LEU 72  72  72  LEU LEU A . n 
A 1 73  PRO 73  73  73  PRO PRO A . n 
A 1 74  VAL 74  74  74  VAL VAL A . n 
A 1 75  PRO 75  75  75  PRO PRO A . n 
A 1 76  ASP 76  76  76  ASP ASP A . n 
A 1 77  THR 77  77  77  THR THR A . n 
A 1 78  GLY 78  78  78  GLY GLY A . n 
A 1 79  SER 79  79  79  SER SER A . n 
A 1 80  ALA 80  80  80  ALA ALA A . n 
A 1 81  LEU 81  81  81  LEU LEU A . n 
A 1 82  ASN 82  82  82  ASN ASN A . n 
A 1 83  ASP 83  83  83  ASP ASP A . n 
A 1 84  ILE 84  84  84  ILE ILE A . n 
A 1 85  LEU 85  85  85  LEU LEU A . n 
A 1 86  ILE 86  86  86  ILE ILE A . n 
A 1 87  HIS 87  87  87  HIS HIS A . n 
A 1 88  ALA 88  88  88  ALA ALA A . n 
A 1 89  THR 89  89  89  THR THR A . n 
A 1 90  SER 90  90  90  SER SER A . n 
A 1 91  LEU 91  91  91  LEU LEU A . n 
A 1 92  ALA 92  92  92  ALA ALA A . n 
A 1 93  ASN 93  93  93  ASN ASN A . n 
A 1 94  PHE 94  94  94  PHE PHE A . n 
A 1 95  LEU 95  95  95  LEU LEU A . n 
A 1 96  ILE 96  96  96  ILE ILE A . n 
A 1 97  SER 97  97  97  SER SER A . n 
A 1 98  ARG 98  98  98  ARG ARG A . n 
A 1 99  GLU 99  99  99  GLU GLU A . n 
A 1 100 GLY 100 100 100 GLY GLY A . n 
A 1 101 THR 101 101 101 THR THR A . n 
A 1 102 ILE 102 102 102 ILE ILE A . n 
A 1 103 ILE 103 103 103 ILE ILE A . n 
A 1 104 ASN 104 104 104 ASN ASN A . n 
A 1 105 GLU 105 105 105 GLU GLU A . n 
A 1 106 LEU 106 106 106 LEU LEU A . n 
A 1 107 VAL 107 107 107 VAL VAL A . n 
A 1 108 GLY 108 108 108 GLY GLY A . n 
A 1 109 GLU 109 109 109 GLU GLU A . n 
A 1 110 GLY 110 110 110 GLY GLY A . n 
A 1 111 GLN 111 111 111 GLN GLN A . n 
A 1 112 PHE 112 112 112 PHE PHE A . n 
A 1 113 ASP 113 113 113 ASP ASP A . n 
A 1 114 SER 114 114 114 SER SER A . n 
A 1 115 LYS 115 115 115 LYS LYS A . n 
A 1 116 LEU 116 116 116 LEU LEU A . n 
A 1 117 ALA 117 117 117 ALA ALA A . n 
A 1 118 GLU 118 118 118 GLU GLU A . n 
A 1 119 GLU 119 119 119 GLU GLU A . n 
A 1 120 TYR 120 120 120 TYR TYR A . n 
A 1 121 ARG 121 121 121 ARG ARG A . n 
A 1 122 VAL 122 122 122 VAL VAL A . n 
A 1 123 ARG 123 123 123 ARG ARG A . n 
A 1 124 TYR 124 124 124 TYR TYR A . n 
A 1 125 PHE 125 125 125 PHE PHE A . n 
A 1 126 GLN 126 126 126 GLN GLN A . n 
A 1 127 PRO 127 127 127 PRO PRO A . n 
A 1 128 ARG 128 128 128 ARG ARG A . n 
A 1 129 ARG 129 129 129 ARG ARG A . n 
A 1 130 LEU 130 130 130 LEU LEU A . n 
A 1 131 GLN 131 131 131 GLN GLN A . n 
A 1 132 ALA 132 132 132 ALA ALA A . n 
A 1 133 LYS 133 133 133 LYS LYS A . n 
A 1 134 GLN 134 134 134 GLN GLN A . n 
A 1 135 LEU 135 135 135 LEU LEU A . n 
A 1 136 LEU 136 136 136 LEU LEU A . n 
A 1 137 GLU 137 137 137 GLU GLU A . n 
A 1 138 LYS 138 138 138 LYS LYS A . n 
A 1 139 GLY 139 139 139 GLY GLY A . n 
A 1 140 ILE 140 140 140 ILE ILE A . n 
A 1 141 LYS 141 141 141 LYS LYS A . n 
A 1 142 ARG 142 142 142 ARG ARG A . n 
A 1 143 GLY 143 143 143 GLY GLY A . n 
A 1 144 GLU 144 144 144 GLU GLU A . n 
A 1 145 LEU 145 145 145 LEU LEU A . n 
A 1 146 LYS 146 146 146 LYS LYS A . n 
A 1 147 GLU 147 147 147 GLU GLU A . n 
A 1 148 ASN 148 148 148 ASN ASN A . n 
A 1 149 LEU 149 149 149 LEU LEU A . n 
A 1 150 ASP 150 150 150 ASP ASP A . n 
A 1 151 ILE 151 151 151 ILE ILE A . n 
A 1 152 GLU 152 152 152 GLU GLU A . n 
A 1 153 LEU 153 153 153 LEU LEU A . n 
A 1 154 SER 154 154 154 SER SER A . n 
A 1 155 ILE 155 155 155 ILE ILE A . n 
A 1 156 ASP 156 156 156 ASP ASP A . n 
A 1 157 LEU 157 157 157 LEU LEU A . n 
A 1 158 ILE 158 158 158 ILE ILE A . n 
A 1 159 TYR 159 159 159 TYR TYR A . n 
A 1 160 GLY 160 160 160 GLY GLY A . n 
A 1 161 PRO 161 161 161 PRO PRO A . n 
A 1 162 ILE 162 162 162 ILE ILE A . n 
A 1 163 PHE 163 163 163 PHE PHE A . n 
A 1 164 TYR 164 164 164 TYR TYR A . n 
A 1 165 ARG 165 165 165 ARG ARG A . n 
A 1 166 LEU 166 166 166 LEU LEU A . n 
A 1 167 LEU 167 167 167 LEU LEU A . n 
A 1 168 VAL 168 168 168 VAL VAL A . n 
A 1 169 THR 169 169 169 THR THR A . n 
A 1 170 GLY 170 170 170 GLY GLY A . n 
A 1 171 GLU 171 171 171 GLU GLU A . n 
A 1 172 LYS 172 172 172 LYS LYS A . n 
A 1 173 LEU 173 173 173 LEU LEU A . n 
A 1 174 ASP 174 174 174 ASP ASP A . n 
A 1 175 ASP 175 175 175 ASP ASP A . n 
A 1 176 SER 176 176 176 SER SER A . n 
A 1 177 TYR 177 177 177 TYR TYR A . n 
A 1 178 VAL 178 178 178 VAL VAL A . n 
A 1 179 HIS 179 179 179 HIS HIS A . n 
A 1 180 ASP 180 180 180 ASP ASP A . n 
A 1 181 LEU 181 181 181 LEU LEU A . n 
A 1 182 VAL 182 182 182 VAL VAL A . n 
A 1 183 ILE 183 183 183 ILE ILE A . n 
A 1 184 ASN 184 184 184 ASN ASN A . n 
A 1 185 ALA 185 185 185 ALA ALA A . n 
A 1 186 PHE 186 186 186 PHE PHE A . n 
A 1 187 GLU 187 187 187 GLU GLU A . n 
A 1 188 GLY 188 188 188 GLY GLY A . n 
A 1 189 ILE 189 189 189 ILE ILE A . n 
A 1 190 ARG 190 190 190 ARG ARG A . n 
A 1 191 LEU 191 191 191 LEU LEU A . n 
A 1 192 ARG 192 192 192 ARG ARG A . n 
# 
loop_
_pdbx_nonpoly_scheme.asym_id 
_pdbx_nonpoly_scheme.entity_id 
_pdbx_nonpoly_scheme.mon_id 
_pdbx_nonpoly_scheme.ndb_seq_num 
_pdbx_nonpoly_scheme.pdb_seq_num 
_pdbx_nonpoly_scheme.auth_seq_num 
_pdbx_nonpoly_scheme.pdb_mon_id 
_pdbx_nonpoly_scheme.auth_mon_id 
_pdbx_nonpoly_scheme.pdb_strand_id 
_pdbx_nonpoly_scheme.pdb_ins_code 
B 2 HOH 1   193 1   HOH HOH A . 
B 2 HOH 2   194 2   HOH HOH A . 
B 2 HOH 3   195 3   HOH HOH A . 
B 2 HOH 4   196 4   HOH HOH A . 
B 2 HOH 5   197 5   HOH HOH A . 
B 2 HOH 6   198 6   HOH HOH A . 
B 2 HOH 7   199 7   HOH HOH A . 
B 2 HOH 8   200 8   HOH HOH A . 
B 2 HOH 9   201 9   HOH HOH A . 
B 2 HOH 10  202 10  HOH HOH A . 
B 2 HOH 11  203 11  HOH HOH A . 
B 2 HOH 12  204 12  HOH HOH A . 
B 2 HOH 13  205 13  HOH HOH A . 
B 2 HOH 14  206 14  HOH HOH A . 
B 2 HOH 15  207 15  HOH HOH A . 
B 2 HOH 16  208 16  HOH HOH A . 
B 2 HOH 17  209 17  HOH HOH A . 
B 2 HOH 18  210 18  HOH HOH A . 
B 2 HOH 19  211 19  HOH HOH A . 
B 2 HOH 20  212 20  HOH HOH A . 
B 2 HOH 21  213 21  HOH HOH A . 
B 2 HOH 22  214 22  HOH HOH A . 
B 2 HOH 23  215 23  HOH HOH A . 
B 2 HOH 24  216 24  HOH HOH A . 
B 2 HOH 25  217 25  HOH HOH A . 
B 2 HOH 26  218 26  HOH HOH A . 
B 2 HOH 27  219 27  HOH HOH A . 
B 2 HOH 28  220 28  HOH HOH A . 
B 2 HOH 29  221 29  HOH HOH A . 
B 2 HOH 30  222 30  HOH HOH A . 
B 2 HOH 31  223 31  HOH HOH A . 
B 2 HOH 32  224 32  HOH HOH A . 
B 2 HOH 33  225 34  HOH HOH A . 
B 2 HOH 34  226 35  HOH HOH A . 
B 2 HOH 35  227 36  HOH HOH A . 
B 2 HOH 36  228 37  HOH HOH A . 
B 2 HOH 37  229 38  HOH HOH A . 
B 2 HOH 38  230 39  HOH HOH A . 
B 2 HOH 39  231 40  HOH HOH A . 
B 2 HOH 40  232 41  HOH HOH A . 
B 2 HOH 41  233 42  HOH HOH A . 
B 2 HOH 42  234 43  HOH HOH A . 
B 2 HOH 43  235 44  HOH HOH A . 
B 2 HOH 44  236 45  HOH HOH A . 
B 2 HOH 45  237 46  HOH HOH A . 
B 2 HOH 46  238 47  HOH HOH A . 
B 2 HOH 47  239 48  HOH HOH A . 
B 2 HOH 48  240 49  HOH HOH A . 
B 2 HOH 49  241 50  HOH HOH A . 
B 2 HOH 50  242 51  HOH HOH A . 
B 2 HOH 51  243 52  HOH HOH A . 
B 2 HOH 52  244 53  HOH HOH A . 
B 2 HOH 53  245 54  HOH HOH A . 
B 2 HOH 54  246 55  HOH HOH A . 
B 2 HOH 55  247 56  HOH HOH A . 
B 2 HOH 56  248 57  HOH HOH A . 
B 2 HOH 57  249 58  HOH HOH A . 
B 2 HOH 58  250 59  HOH HOH A . 
B 2 HOH 59  251 60  HOH HOH A . 
B 2 HOH 60  252 61  HOH HOH A . 
B 2 HOH 61  253 62  HOH HOH A . 
B 2 HOH 62  254 63  HOH HOH A . 
B 2 HOH 63  255 64  HOH HOH A . 
B 2 HOH 64  256 65  HOH HOH A . 
B 2 HOH 65  257 66  HOH HOH A . 
B 2 HOH 66  258 67  HOH HOH A . 
B 2 HOH 67  259 68  HOH HOH A . 
B 2 HOH 68  260 69  HOH HOH A . 
B 2 HOH 69  261 70  HOH HOH A . 
B 2 HOH 70  262 71  HOH HOH A . 
B 2 HOH 71  263 72  HOH HOH A . 
B 2 HOH 72  264 73  HOH HOH A . 
B 2 HOH 73  265 74  HOH HOH A . 
B 2 HOH 74  266 75  HOH HOH A . 
B 2 HOH 75  267 76  HOH HOH A . 
B 2 HOH 76  268 77  HOH HOH A . 
B 2 HOH 77  269 78  HOH HOH A . 
B 2 HOH 78  270 79  HOH HOH A . 
B 2 HOH 79  271 80  HOH HOH A . 
B 2 HOH 80  272 81  HOH HOH A . 
B 2 HOH 81  273 82  HOH HOH A . 
B 2 HOH 82  274 83  HOH HOH A . 
B 2 HOH 83  275 84  HOH HOH A . 
B 2 HOH 84  276 85  HOH HOH A . 
B 2 HOH 85  277 86  HOH HOH A . 
B 2 HOH 86  278 87  HOH HOH A . 
B 2 HOH 87  279 88  HOH HOH A . 
B 2 HOH 88  280 89  HOH HOH A . 
B 2 HOH 89  281 90  HOH HOH A . 
B 2 HOH 90  282 91  HOH HOH A . 
B 2 HOH 91  283 92  HOH HOH A . 
B 2 HOH 92  284 93  HOH HOH A . 
B 2 HOH 93  285 95  HOH HOH A . 
B 2 HOH 94  286 96  HOH HOH A . 
B 2 HOH 95  287 97  HOH HOH A . 
B 2 HOH 96  288 98  HOH HOH A . 
B 2 HOH 97  289 100 HOH HOH A . 
B 2 HOH 98  290 101 HOH HOH A . 
B 2 HOH 99  291 102 HOH HOH A . 
B 2 HOH 100 292 103 HOH HOH A . 
B 2 HOH 101 293 104 HOH HOH A . 
B 2 HOH 102 294 105 HOH HOH A . 
# 
loop_
_software.name 
_software.classification 
_software.version 
_software.citation_id 
_software.pdbx_ordinal 
REFMAC      refinement        5.2.0005 ? 1 
SBC-Collect 'data collection' .        ? 2 
HKL-2000    'data scaling'    .        ? 3 
CNS         phasing           .        ? 4 
# 
_cell.entry_id           2FQ4 
_cell.length_a           52.891 
_cell.length_b           67.648 
_cell.length_c           111.250 
_cell.angle_alpha        90.00 
_cell.angle_beta         90.00 
_cell.angle_gamma        90.00 
_cell.Z_PDB              8 
_cell.pdbx_unique_axis   ? 
_cell.length_a_esd       ? 
_cell.length_b_esd       ? 
_cell.length_c_esd       ? 
_cell.angle_alpha_esd    ? 
_cell.angle_beta_esd     ? 
_cell.angle_gamma_esd    ? 
# 
_symmetry.entry_id                         2FQ4 
_symmetry.space_group_name_H-M             'C 2 2 21' 
_symmetry.pdbx_full_space_group_name_H-M   ? 
_symmetry.cell_setting                     ? 
_symmetry.Int_Tables_number                20 
_symmetry.space_group_name_Hall            ? 
# 
_exptl.entry_id          2FQ4 
_exptl.method            'X-RAY DIFFRACTION' 
_exptl.crystals_number   1 
# 
_exptl_crystal.id                    1 
_exptl_crystal.density_meas          ? 
_exptl_crystal.density_Matthews      2.28 
_exptl_crystal.density_percent_sol   46.15 
_exptl_crystal.description           ? 
_exptl_crystal.F_000                 ? 
_exptl_crystal.preparation           ? 
# 
_exptl_crystal_grow.crystal_id      1 
_exptl_crystal_grow.method          'VAPOR DIFFUSION, HANGING DROP' 
_exptl_crystal_grow.temp            298 
_exptl_crystal_grow.temp_details    ? 
_exptl_crystal_grow.pH              8.5 
_exptl_crystal_grow.pdbx_details    '25% PEG3350, 0.2M NaCl, pH 8.5, VAPOR DIFFUSION, HANGING DROP, temperature 298K' 
_exptl_crystal_grow.pdbx_pH_range   . 
# 
_diffrn.id                     1 
_diffrn.ambient_temp           100 
_diffrn.ambient_temp_details   ? 
_diffrn.crystal_id             1 
# 
_diffrn_detector.diffrn_id              1 
_diffrn_detector.detector               CCD 
_diffrn_detector.type                   'ADSC QUANTUM 4' 
_diffrn_detector.pdbx_collection_date   2004-04-04 
_diffrn_detector.details                mirrors 
# 
_diffrn_radiation.diffrn_id                        1 
_diffrn_radiation.wavelength_id                    1 
_diffrn_radiation.pdbx_monochromatic_or_laue_m_l   M 
_diffrn_radiation.monochromator                    'Si 111 channel' 
_diffrn_radiation.pdbx_diffrn_protocol             'SINGLE WAVELENGTH' 
_diffrn_radiation.pdbx_scattering_type             x-ray 
# 
_diffrn_radiation_wavelength.id           1 
_diffrn_radiation_wavelength.wavelength   0.9798 
_diffrn_radiation_wavelength.wt           1.0 
# 
_diffrn_source.diffrn_id                   1 
_diffrn_source.source                      SYNCHROTRON 
_diffrn_source.type                        'APS BEAMLINE 19-ID' 
_diffrn_source.pdbx_synchrotron_site       APS 
_diffrn_source.pdbx_synchrotron_beamline   19-ID 
_diffrn_source.pdbx_wavelength             ? 
_diffrn_source.pdbx_wavelength_list        0.9798 
# 
_reflns.entry_id                     2FQ4 
_reflns.observed_criterion_sigma_I   2.0 
_reflns.observed_criterion_sigma_F   2.0 
_reflns.d_resolution_low             55.64 
_reflns.d_resolution_high            1.79 
_reflns.number_obs                   17099 
_reflns.number_all                   18056 
_reflns.percent_possible_obs         94.70 
_reflns.pdbx_Rmerge_I_obs            0.059 
_reflns.pdbx_Rsym_value              ? 
_reflns.pdbx_netI_over_sigmaI        40.5 
_reflns.B_iso_Wilson_estimate        29 
_reflns.pdbx_redundancy              12.2 
_reflns.R_free_details               ? 
_reflns.limit_h_max                  ? 
_reflns.limit_h_min                  ? 
_reflns.limit_k_max                  ? 
_reflns.limit_k_min                  ? 
_reflns.limit_l_max                  ? 
_reflns.limit_l_min                  ? 
_reflns.observed_criterion_F_max     ? 
_reflns.observed_criterion_F_min     ? 
_reflns.pdbx_chi_squared             ? 
_reflns.pdbx_scaling_rejects         ? 
_reflns.pdbx_ordinal                 1 
_reflns.pdbx_diffrn_id               1 
# 
_reflns_shell.d_res_high             1.795 
_reflns_shell.d_res_low              1.841 
_reflns_shell.percent_possible_all   80.0 
_reflns_shell.Rmerge_I_obs           0.68 
_reflns_shell.pdbx_Rsym_value        ? 
_reflns_shell.meanI_over_sigI_obs    1.45 
_reflns_shell.pdbx_redundancy        7.8 
_reflns_shell.percent_possible_obs   ? 
_reflns_shell.number_unique_all      1280 
_reflns_shell.number_measured_all    ? 
_reflns_shell.number_measured_obs    ? 
_reflns_shell.number_unique_obs      ? 
_reflns_shell.pdbx_chi_squared       ? 
_reflns_shell.pdbx_ordinal           1 
_reflns_shell.pdbx_diffrn_id         1 
# 
_refine.entry_id                                 2FQ4 
_refine.ls_number_reflns_obs                     17099 
_refine.ls_number_reflns_all                     18056 
_refine.pdbx_ls_sigma_I                          0.0 
_refine.pdbx_ls_sigma_F                          0.0 
_refine.pdbx_data_cutoff_high_absF               ? 
_refine.pdbx_data_cutoff_low_absF                ? 
_refine.pdbx_data_cutoff_high_rms_absF           ? 
_refine.ls_d_res_low                             55.64 
_refine.ls_d_res_high                            1.79 
_refine.ls_percent_reflns_obs                    94.70 
_refine.ls_R_factor_obs                          0.23683 
_refine.ls_R_factor_all                          0.2368 
_refine.ls_R_factor_R_work                       0.2355 
_refine.ls_R_factor_R_free                       0.26208 
_refine.ls_R_factor_R_free_error                 ? 
_refine.ls_R_factor_R_free_error_details         ? 
_refine.ls_percent_reflns_R_free                 5.1 
_refine.ls_number_reflns_R_free                  925 
_refine.ls_number_parameters                     ? 
_refine.ls_number_restraints                     ? 
_refine.occupancy_min                            ? 
_refine.occupancy_max                            ? 
_refine.correlation_coeff_Fo_to_Fc               0.942 
_refine.correlation_coeff_Fo_to_Fc_free          0.926 
_refine.B_iso_mean                               28.292 
_refine.aniso_B[1][1]                            -0.31 
_refine.aniso_B[2][2]                            0.17 
_refine.aniso_B[3][3]                            0.14 
_refine.aniso_B[1][2]                            0.00 
_refine.aniso_B[1][3]                            0.00 
_refine.aniso_B[2][3]                            0.00 
_refine.solvent_model_details                    MASK 
_refine.solvent_model_param_ksol                 ? 
_refine.solvent_model_param_bsol                 ? 
_refine.pdbx_solvent_vdw_probe_radii             1.20 
_refine.pdbx_solvent_ion_probe_radii             0.80 
_refine.pdbx_solvent_shrinkage_radii             0.80 
_refine.pdbx_ls_cross_valid_method               THROUGHOUT 
_refine.details                                  'HYDROGENS HAVE BEEN ADDED IN THE RIDING POSITIONS' 
_refine.pdbx_starting_model                      ? 
_refine.pdbx_method_to_determine_struct          SAD 
_refine.pdbx_isotropic_thermal_model             Isotropic 
_refine.pdbx_stereochemistry_target_values       'MAXIMUM LIKELIHOOD WITH PHASES' 
_refine.pdbx_stereochem_target_val_spec_case     ? 
_refine.pdbx_R_Free_selection_details            RANDOM 
_refine.pdbx_overall_ESU_R                       0.167 
_refine.pdbx_overall_ESU_R_Free                  0.148 
_refine.overall_SU_ML                            0.134 
_refine.overall_SU_B                             8.782 
_refine.ls_redundancy_reflns_obs                 ? 
_refine.B_iso_min                                ? 
_refine.B_iso_max                                ? 
_refine.overall_SU_R_Cruickshank_DPI             ? 
_refine.overall_SU_R_free                        ? 
_refine.ls_wR_factor_R_free                      ? 
_refine.ls_wR_factor_R_work                      ? 
_refine.overall_FOM_free_R_set                   ? 
_refine.overall_FOM_work_R_set                   ? 
_refine.pdbx_refine_id                           'X-RAY DIFFRACTION' 
_refine.pdbx_TLS_residual_ADP_flag               'LIKELY RESIDUAL' 
_refine.pdbx_diffrn_id                           1 
_refine.pdbx_overall_phase_error                 ? 
_refine.pdbx_overall_SU_R_free_Cruickshank_DPI   ? 
_refine.pdbx_overall_SU_R_Blow_DPI               ? 
_refine.pdbx_overall_SU_R_free_Blow_DPI          ? 
# 
_refine_analyze.entry_id                        2FQ4 
_refine_analyze.Luzzati_coordinate_error_obs    0.035 
_refine_analyze.Luzzati_sigma_a_obs             0.034 
_refine_analyze.Luzzati_d_res_low_obs           6.0 
_refine_analyze.Luzzati_coordinate_error_free   0.040 
_refine_analyze.Luzzati_sigma_a_free            0.5 
_refine_analyze.Luzzati_d_res_low_free          ? 
_refine_analyze.number_disordered_residues      ? 
_refine_analyze.occupancy_sum_hydrogen          ? 
_refine_analyze.occupancy_sum_non_hydrogen      ? 
_refine_analyze.pdbx_Luzzati_d_res_high_obs     ? 
_refine_analyze.pdbx_refine_id                  'X-RAY DIFFRACTION' 
# 
_refine_hist.pdbx_refine_id                   'X-RAY DIFFRACTION' 
_refine_hist.cycle_id                         LAST 
_refine_hist.pdbx_number_atoms_protein        1464 
_refine_hist.pdbx_number_atoms_nucleic_acid   0 
_refine_hist.pdbx_number_atoms_ligand         0 
_refine_hist.number_atoms_solvent             102 
_refine_hist.number_atoms_total               1566 
_refine_hist.d_res_high                       1.79 
_refine_hist.d_res_low                        55.64 
# 
loop_
_refine_ls_restr.type 
_refine_ls_restr.dev_ideal 
_refine_ls_restr.dev_ideal_target 
_refine_ls_restr.weight 
_refine_ls_restr.number 
_refine_ls_restr.pdbx_refine_id 
_refine_ls_restr.pdbx_restraint_function 
r_bond_refined_d         0.011  0.022  ? 1488 'X-RAY DIFFRACTION' ? 
r_bond_other_d           0.001  0.020  ? 1419 'X-RAY DIFFRACTION' ? 
r_angle_refined_deg      1.311  1.981  ? 2010 'X-RAY DIFFRACTION' ? 
r_angle_other_deg        0.847  3.000  ? 3287 'X-RAY DIFFRACTION' ? 
r_dihedral_angle_1_deg   5.010  5.000  ? 183  'X-RAY DIFFRACTION' ? 
r_dihedral_angle_2_deg   35.015 23.731 ? 67   'X-RAY DIFFRACTION' ? 
r_dihedral_angle_3_deg   16.010 15.000 ? 275  'X-RAY DIFFRACTION' ? 
r_dihedral_angle_4_deg   19.849 15.000 ? 12   'X-RAY DIFFRACTION' ? 
r_chiral_restr           0.079  0.200  ? 231  'X-RAY DIFFRACTION' ? 
r_gen_planes_refined     0.005  0.020  ? 1635 'X-RAY DIFFRACTION' ? 
r_gen_planes_other       0.001  0.020  ? 303  'X-RAY DIFFRACTION' ? 
r_nbd_refined            0.209  0.200  ? 380  'X-RAY DIFFRACTION' ? 
r_nbd_other              0.184  0.200  ? 1397 'X-RAY DIFFRACTION' ? 
r_nbtor_refined          0.177  0.200  ? 743  'X-RAY DIFFRACTION' ? 
r_nbtor_other            0.084  0.200  ? 848  'X-RAY DIFFRACTION' ? 
r_xyhbond_nbd_refined    0.192  0.200  ? 90   'X-RAY DIFFRACTION' ? 
r_xyhbond_nbd_other      0.008  0.200  ? 1    'X-RAY DIFFRACTION' ? 
r_symmetry_vdw_refined   0.190  0.200  ? 16   'X-RAY DIFFRACTION' ? 
r_symmetry_vdw_other     0.239  0.200  ? 79   'X-RAY DIFFRACTION' ? 
r_symmetry_hbond_refined 0.158  0.200  ? 12   'X-RAY DIFFRACTION' ? 
r_mcbond_it              0.935  1.500  ? 1157 'X-RAY DIFFRACTION' ? 
r_mcbond_other           0.193  1.500  ? 376  'X-RAY DIFFRACTION' ? 
r_mcangle_it             1.236  2.000  ? 1469 'X-RAY DIFFRACTION' ? 
r_scbond_it              2.327  3.000  ? 647  'X-RAY DIFFRACTION' ? 
r_scangle_it             3.075  4.500  ? 541  'X-RAY DIFFRACTION' ? 
# 
_refine_ls_shell.pdbx_total_number_of_bins_used   20 
_refine_ls_shell.d_res_high                       1.795 
_refine_ls_shell.d_res_low                        1.841 
_refine_ls_shell.number_reflns_R_work             1020 
_refine_ls_shell.R_factor_R_work                  0.331 
_refine_ls_shell.percent_reflns_obs               80.00 
_refine_ls_shell.R_factor_R_free                  0.335 
_refine_ls_shell.R_factor_R_free_error            ? 
_refine_ls_shell.percent_reflns_R_free            ? 
_refine_ls_shell.number_reflns_R_free             64 
_refine_ls_shell.number_reflns_all                ? 
_refine_ls_shell.R_factor_all                     ? 
_refine_ls_shell.number_reflns_obs                1024 
_refine_ls_shell.redundancy_reflns_obs            ? 
_refine_ls_shell.pdbx_refine_id                   'X-RAY DIFFRACTION' 
# 
_struct.entry_id                  2FQ4 
_struct.title                     'The crystal structure of the transcriptional regulator (TetR family) from Bacillus cereus' 
_struct.pdbx_model_details        ? 
_struct.pdbx_CASP_flag            ? 
_struct.pdbx_model_type_details   ? 
# 
_struct_keywords.entry_id        2FQ4 
_struct_keywords.pdbx_keywords   'TRANSCRIPTION REGULATOR' 
_struct_keywords.text            
;Transcriptional regulator, TetR, DNA-binding protein, Bacillus cereus, Structural Genomics, PSI, Protein Structure Initiative, Midwest Center for Structural Genomics, MCSG, TRANSCRIPTION REGULATOR
;
# 
loop_
_struct_asym.id 
_struct_asym.pdbx_blank_PDB_chainid_flag 
_struct_asym.pdbx_modified 
_struct_asym.entity_id 
_struct_asym.details 
A N N 1 ? 
B N N 2 ? 
# 
_struct_ref.id                         1 
_struct_ref.db_name                    GB 
_struct_ref.db_code                    AAP10105 
_struct_ref.pdbx_db_accession          29896827 
_struct_ref.entity_id                  1 
_struct_ref.pdbx_seq_one_letter_code   
;MQSKRGRPRNIETQKAILSASYELLLESGFKAVTVDKIAERAKVSKATIYKWWPNKAAVVMDGFLSAAAARLPVPDTGSA
LNDILIHATSLANFLISREGTIINELVGEGQFDSKLAEEYRVRYFQPRRLQAKQLLEKGIKRGELKENLDIELSIDLIYG
PIFYRLLVTGEKLDDSYVHDLVINAFEGIRLR
;
_struct_ref.pdbx_align_begin           1 
_struct_ref.pdbx_db_isoform            ? 
# 
_struct_ref_seq.align_id                      1 
_struct_ref_seq.ref_id                        1 
_struct_ref_seq.pdbx_PDB_id_code              2FQ4 
_struct_ref_seq.pdbx_strand_id                A 
_struct_ref_seq.seq_align_beg                 1 
_struct_ref_seq.pdbx_seq_align_beg_ins_code   ? 
_struct_ref_seq.seq_align_end                 192 
_struct_ref_seq.pdbx_seq_align_end_ins_code   ? 
_struct_ref_seq.pdbx_db_accession             29896827 
_struct_ref_seq.db_align_beg                  1 
_struct_ref_seq.pdbx_db_align_beg_ins_code    ? 
_struct_ref_seq.db_align_end                  192 
_struct_ref_seq.pdbx_db_align_end_ins_code    ? 
_struct_ref_seq.pdbx_auth_seq_align_beg       1 
_struct_ref_seq.pdbx_auth_seq_align_end       192 
# 
loop_
_struct_ref_seq_dif.align_id 
_struct_ref_seq_dif.pdbx_pdb_id_code 
_struct_ref_seq_dif.mon_id 
_struct_ref_seq_dif.pdbx_pdb_strand_id 
_struct_ref_seq_dif.seq_num 
_struct_ref_seq_dif.pdbx_pdb_ins_code 
_struct_ref_seq_dif.pdbx_seq_db_name 
_struct_ref_seq_dif.pdbx_seq_db_accession_code 
_struct_ref_seq_dif.db_mon_id 
_struct_ref_seq_dif.pdbx_seq_db_seq_num 
_struct_ref_seq_dif.details 
_struct_ref_seq_dif.pdbx_auth_seq_num 
_struct_ref_seq_dif.pdbx_ordinal 
1 2FQ4 MSE A 1  ? GB 29896827 MET 1  'modified residue' 1  1 
1 2FQ4 MSE A 61 ? GB 29896827 MET 61 'modified residue' 61 2 
# 
_pdbx_struct_assembly.id                   1 
_pdbx_struct_assembly.details              author_and_software_defined_assembly 
_pdbx_struct_assembly.method_details       PISA,PQS 
_pdbx_struct_assembly.oligomeric_details   dimeric 
_pdbx_struct_assembly.oligomeric_count     2 
# 
loop_
_pdbx_struct_assembly_prop.biol_id 
_pdbx_struct_assembly_prop.type 
_pdbx_struct_assembly_prop.value 
_pdbx_struct_assembly_prop.details 
1 'ABSA (A^2)' 4230  ? 
1 MORE         -22   ? 
1 'SSA (A^2)'  17040 ? 
# 
_pdbx_struct_assembly_gen.assembly_id       1 
_pdbx_struct_assembly_gen.oper_expression   1,2 
_pdbx_struct_assembly_gen.asym_id_list      A,B 
# 
loop_
_pdbx_struct_oper_list.id 
_pdbx_struct_oper_list.type 
_pdbx_struct_oper_list.name 
_pdbx_struct_oper_list.symmetry_operation 
_pdbx_struct_oper_list.matrix[1][1] 
_pdbx_struct_oper_list.matrix[1][2] 
_pdbx_struct_oper_list.matrix[1][3] 
_pdbx_struct_oper_list.vector[1] 
_pdbx_struct_oper_list.matrix[2][1] 
_pdbx_struct_oper_list.matrix[2][2] 
_pdbx_struct_oper_list.matrix[2][3] 
_pdbx_struct_oper_list.vector[2] 
_pdbx_struct_oper_list.matrix[3][1] 
_pdbx_struct_oper_list.matrix[3][2] 
_pdbx_struct_oper_list.matrix[3][3] 
_pdbx_struct_oper_list.vector[3] 
1 'identity operation'         1_555 x,y,z         1.0000000000  0.0000000000 0.0000000000 0.0000000000 0.0000000000 1.0000000000  0.0000000000 0.0000000000  0.0000000000 0.0000000000 1.0000000000 0.0000000000  
2 'crystal symmetry operation' 3_655 -x+1,y,-z+1/2 -0.4570325746 0.1687384248 0.8732975265 4.5629651889 0.1687384248 -0.9475610236 0.2713953767 23.6720294282 0.8732975265 0.2713953767 0.4045935982 -7.4109020368 
# 
_struct_biol.id                    1 
_struct_biol.details               'This protein existed as dimer.' 
_struct_biol.pdbx_parent_biol_id   ? 
# 
loop_
_struct_conf.conf_type_id 
_struct_conf.id 
_struct_conf.pdbx_PDB_helix_id 
_struct_conf.beg_label_comp_id 
_struct_conf.beg_label_asym_id 
_struct_conf.beg_label_seq_id 
_struct_conf.pdbx_beg_PDB_ins_code 
_struct_conf.end_label_comp_id 
_struct_conf.end_label_asym_id 
_struct_conf.end_label_seq_id 
_struct_conf.pdbx_end_PDB_ins_code 
_struct_conf.beg_auth_comp_id 
_struct_conf.beg_auth_asym_id 
_struct_conf.beg_auth_seq_id 
_struct_conf.end_auth_comp_id 
_struct_conf.end_auth_asym_id 
_struct_conf.end_auth_seq_id 
_struct_conf.pdbx_PDB_helix_class 
_struct_conf.details 
_struct_conf.pdbx_PDB_helix_length 
HELX_P HELX_P1  1  ASN A 10  ? GLY A 29  ? ASN A 10  GLY A 29  1 ? 20 
HELX_P HELX_P2  2  THR A 34  ? LYS A 43  ? THR A 34  LYS A 43  1 ? 10 
HELX_P HELX_P3  3  SER A 45  ? TRP A 53  ? SER A 45  TRP A 53  1 ? 9  
HELX_P HELX_P4  4  ASN A 55  ? ALA A 68  ? ASN A 55  ALA A 68  1 ? 14 
HELX_P HELX_P5  5  SER A 79  ? SER A 97  ? SER A 79  SER A 97  1 ? 19 
HELX_P HELX_P6  6  THR A 101 ? GLN A 111 ? THR A 101 GLN A 111 1 ? 11 
HELX_P HELX_P7  7  ASP A 113 ? TYR A 124 ? ASP A 113 TYR A 124 1 ? 12 
HELX_P HELX_P8  8  TYR A 124 ? ARG A 142 ? TYR A 124 ARG A 142 1 ? 19 
HELX_P HELX_P9  9  ASP A 150 ? VAL A 168 ? ASP A 150 VAL A 168 1 ? 19 
HELX_P HELX_P10 10 ASP A 174 ? GLY A 188 ? ASP A 174 GLY A 188 1 ? 15 
# 
_struct_conf_type.id          HELX_P 
_struct_conf_type.criteria    ? 
_struct_conf_type.reference   ? 
# 
loop_
_struct_conn.id 
_struct_conn.conn_type_id 
_struct_conn.pdbx_leaving_atom_flag 
_struct_conn.pdbx_PDB_id 
_struct_conn.ptnr1_label_asym_id 
_struct_conn.ptnr1_label_comp_id 
_struct_conn.ptnr1_label_seq_id 
_struct_conn.ptnr1_label_atom_id 
_struct_conn.pdbx_ptnr1_label_alt_id 
_struct_conn.pdbx_ptnr1_PDB_ins_code 
_struct_conn.pdbx_ptnr1_standard_comp_id 
_struct_conn.ptnr1_symmetry 
_struct_conn.ptnr2_label_asym_id 
_struct_conn.ptnr2_label_comp_id 
_struct_conn.ptnr2_label_seq_id 
_struct_conn.ptnr2_label_atom_id 
_struct_conn.pdbx_ptnr2_label_alt_id 
_struct_conn.pdbx_ptnr2_PDB_ins_code 
_struct_conn.ptnr1_auth_asym_id 
_struct_conn.ptnr1_auth_comp_id 
_struct_conn.ptnr1_auth_seq_id 
_struct_conn.ptnr2_auth_asym_id 
_struct_conn.ptnr2_auth_comp_id 
_struct_conn.ptnr2_auth_seq_id 
_struct_conn.ptnr2_symmetry 
_struct_conn.pdbx_ptnr3_label_atom_id 
_struct_conn.pdbx_ptnr3_label_seq_id 
_struct_conn.pdbx_ptnr3_label_comp_id 
_struct_conn.pdbx_ptnr3_label_asym_id 
_struct_conn.pdbx_ptnr3_label_alt_id 
_struct_conn.pdbx_ptnr3_PDB_ins_code 
_struct_conn.details 
_struct_conn.pdbx_dist_value 
_struct_conn.pdbx_value_order 
_struct_conn.pdbx_role 
covale1 covale both ? A VAL 60 C ? ? ? 1_555 A MSE 61 N ? ? A VAL 60 A MSE 61 1_555 ? ? ? ? ? ? ? 1.329 ? ? 
covale2 covale both ? A MSE 61 C ? ? ? 1_555 A ASP 62 N ? ? A MSE 61 A ASP 62 1_555 ? ? ? ? ? ? ? 1.319 ? ? 
# 
_struct_conn_type.id          covale 
_struct_conn_type.criteria    ? 
_struct_conn_type.reference   ? 
# 
_pdbx_modification_feature.ordinal                            1 
_pdbx_modification_feature.label_comp_id                      MSE 
_pdbx_modification_feature.label_asym_id                      A 
_pdbx_modification_feature.label_seq_id                       61 
_pdbx_modification_feature.label_alt_id                       ? 
_pdbx_modification_feature.modified_residue_label_comp_id     . 
_pdbx_modification_feature.modified_residue_label_asym_id     . 
_pdbx_modification_feature.modified_residue_label_seq_id      . 
_pdbx_modification_feature.modified_residue_label_alt_id      . 
_pdbx_modification_feature.auth_comp_id                       MSE 
_pdbx_modification_feature.auth_asym_id                       A 
_pdbx_modification_feature.auth_seq_id                        61 
_pdbx_modification_feature.PDB_ins_code                       ? 
_pdbx_modification_feature.symmetry                           1_555 
_pdbx_modification_feature.modified_residue_auth_comp_id      . 
_pdbx_modification_feature.modified_residue_auth_asym_id      . 
_pdbx_modification_feature.modified_residue_auth_seq_id       . 
_pdbx_modification_feature.modified_residue_PDB_ins_code      . 
_pdbx_modification_feature.modified_residue_symmetry          . 
_pdbx_modification_feature.comp_id_linking_atom               . 
_pdbx_modification_feature.modified_residue_id_linking_atom   . 
_pdbx_modification_feature.modified_residue_id                MET 
_pdbx_modification_feature.ref_pcm_id                         1 
_pdbx_modification_feature.ref_comp_id                        MSE 
_pdbx_modification_feature.type                               Selenomethionine 
_pdbx_modification_feature.category                           'Named protein modification' 
# 
_pdbx_entry_details.entry_id                   2FQ4 
_pdbx_entry_details.compound_details           ? 
_pdbx_entry_details.source_details             ? 
_pdbx_entry_details.nonpolymer_details         ? 
_pdbx_entry_details.sequence_details           ? 
_pdbx_entry_details.has_ligand_of_interest     ? 
_pdbx_entry_details.has_protein_modification   Y 
# 
_pdbx_validate_close_contact.id               1 
_pdbx_validate_close_contact.PDB_model_num    1 
_pdbx_validate_close_contact.auth_atom_id_1   OE1 
_pdbx_validate_close_contact.auth_asym_id_1   A 
_pdbx_validate_close_contact.auth_comp_id_1   GLU 
_pdbx_validate_close_contact.auth_seq_id_1    119 
_pdbx_validate_close_contact.PDB_ins_code_1   ? 
_pdbx_validate_close_contact.label_alt_id_1   ? 
_pdbx_validate_close_contact.auth_atom_id_2   NE 
_pdbx_validate_close_contact.auth_asym_id_2   A 
_pdbx_validate_close_contact.auth_comp_id_2   ARG 
_pdbx_validate_close_contact.auth_seq_id_2    123 
_pdbx_validate_close_contact.PDB_ins_code_2   ? 
_pdbx_validate_close_contact.label_alt_id_2   ? 
_pdbx_validate_close_contact.dist             1.92 
# 
_pdbx_validate_rmsd_angle.id                         1 
_pdbx_validate_rmsd_angle.PDB_model_num              1 
_pdbx_validate_rmsd_angle.auth_atom_id_1             NE 
_pdbx_validate_rmsd_angle.auth_asym_id_1             A 
_pdbx_validate_rmsd_angle.auth_comp_id_1             ARG 
_pdbx_validate_rmsd_angle.auth_seq_id_1              128 
_pdbx_validate_rmsd_angle.PDB_ins_code_1             ? 
_pdbx_validate_rmsd_angle.label_alt_id_1             ? 
_pdbx_validate_rmsd_angle.auth_atom_id_2             CZ 
_pdbx_validate_rmsd_angle.auth_asym_id_2             A 
_pdbx_validate_rmsd_angle.auth_comp_id_2             ARG 
_pdbx_validate_rmsd_angle.auth_seq_id_2              128 
_pdbx_validate_rmsd_angle.PDB_ins_code_2             ? 
_pdbx_validate_rmsd_angle.label_alt_id_2             ? 
_pdbx_validate_rmsd_angle.auth_atom_id_3             NH1 
_pdbx_validate_rmsd_angle.auth_asym_id_3             A 
_pdbx_validate_rmsd_angle.auth_comp_id_3             ARG 
_pdbx_validate_rmsd_angle.auth_seq_id_3              128 
_pdbx_validate_rmsd_angle.PDB_ins_code_3             ? 
_pdbx_validate_rmsd_angle.label_alt_id_3             ? 
_pdbx_validate_rmsd_angle.angle_value                123.66 
_pdbx_validate_rmsd_angle.angle_target_value         120.30 
_pdbx_validate_rmsd_angle.angle_deviation            3.36 
_pdbx_validate_rmsd_angle.angle_standard_deviation   0.50 
_pdbx_validate_rmsd_angle.linker_flag                N 
# 
_pdbx_validate_torsion.id              1 
_pdbx_validate_torsion.PDB_model_num   1 
_pdbx_validate_torsion.auth_comp_id    TYR 
_pdbx_validate_torsion.auth_asym_id    A 
_pdbx_validate_torsion.auth_seq_id     124 
_pdbx_validate_torsion.PDB_ins_code    ? 
_pdbx_validate_torsion.label_alt_id    ? 
_pdbx_validate_torsion.phi             -104.63 
_pdbx_validate_torsion.psi             -61.57 
# 
_pdbx_SG_project.id                    1 
_pdbx_SG_project.project_name          'PSI, Protein Structure Initiative' 
_pdbx_SG_project.full_name_of_center   'Midwest Center for Structural Genomics' 
_pdbx_SG_project.initial_of_center     MCSG 
# 
_pdbx_struct_mod_residue.id               1 
_pdbx_struct_mod_residue.label_asym_id    A 
_pdbx_struct_mod_residue.label_comp_id    MSE 
_pdbx_struct_mod_residue.label_seq_id     61 
_pdbx_struct_mod_residue.auth_asym_id     A 
_pdbx_struct_mod_residue.auth_comp_id     MSE 
_pdbx_struct_mod_residue.auth_seq_id      61 
_pdbx_struct_mod_residue.PDB_ins_code     ? 
_pdbx_struct_mod_residue.parent_comp_id   MET 
_pdbx_struct_mod_residue.details          SELENOMETHIONINE 
# 
_pdbx_struct_special_symmetry.id              1 
_pdbx_struct_special_symmetry.PDB_model_num   1 
_pdbx_struct_special_symmetry.auth_asym_id    A 
_pdbx_struct_special_symmetry.auth_comp_id    HOH 
_pdbx_struct_special_symmetry.auth_seq_id     265 
_pdbx_struct_special_symmetry.PDB_ins_code    ? 
_pdbx_struct_special_symmetry.label_asym_id   B 
_pdbx_struct_special_symmetry.label_comp_id   HOH 
_pdbx_struct_special_symmetry.label_seq_id    . 
# 
_pdbx_refine_tls.id               1 
_pdbx_refine_tls.details          ? 
_pdbx_refine_tls.method           refined 
_pdbx_refine_tls.origin_x         0.1251 
_pdbx_refine_tls.origin_y         -0.0748 
_pdbx_refine_tls.origin_z         0.0423 
_pdbx_refine_tls.T[1][1]          -0.0315 
_pdbx_refine_tls.T[2][2]          -0.1794 
_pdbx_refine_tls.T[3][3]          -0.0207 
_pdbx_refine_tls.T[1][2]          -0.0696 
_pdbx_refine_tls.T[1][3]          0.0272 
_pdbx_refine_tls.T[2][3]          0.0464 
_pdbx_refine_tls.L[1][1]          1.6185 
_pdbx_refine_tls.L[2][2]          2.0186 
_pdbx_refine_tls.L[3][3]          2.8150 
_pdbx_refine_tls.L[1][2]          -0.2048 
_pdbx_refine_tls.L[1][3]          1.0033 
_pdbx_refine_tls.L[2][3]          -1.8575 
_pdbx_refine_tls.S[1][1]          -0.0371 
_pdbx_refine_tls.S[1][2]          0.0305 
_pdbx_refine_tls.S[1][3]          -0.0208 
_pdbx_refine_tls.S[2][1]          -0.1653 
_pdbx_refine_tls.S[2][2]          0.0719 
_pdbx_refine_tls.S[2][3]          0.0412 
_pdbx_refine_tls.S[3][1]          0.2758 
_pdbx_refine_tls.S[3][2]          -0.1155 
_pdbx_refine_tls.S[3][3]          -0.0348 
_pdbx_refine_tls.pdbx_refine_id   'X-RAY DIFFRACTION' 
# 
loop_
_pdbx_refine_tls_group.id 
_pdbx_refine_tls_group.refine_tls_id 
_pdbx_refine_tls_group.beg_auth_asym_id 
_pdbx_refine_tls_group.beg_auth_seq_id 
_pdbx_refine_tls_group.beg_label_asym_id 
_pdbx_refine_tls_group.beg_label_seq_id 
_pdbx_refine_tls_group.end_auth_asym_id 
_pdbx_refine_tls_group.end_auth_seq_id 
_pdbx_refine_tls_group.end_label_asym_id 
_pdbx_refine_tls_group.end_label_seq_id 
_pdbx_refine_tls_group.selection 
_pdbx_refine_tls_group.pdbx_refine_id 
_pdbx_refine_tls_group.selection_details 
1 1 A 9   A 9   A 50  A 50  ? 'X-RAY DIFFRACTION' ? 
2 1 A 51  A 51  A 90  A 90  ? 'X-RAY DIFFRACTION' ? 
3 1 A 91  A 91  A 130 A 130 ? 'X-RAY DIFFRACTION' ? 
4 1 A 131 A 131 A 170 A 170 ? 'X-RAY DIFFRACTION' ? 
5 1 A 171 A 171 A 192 A 192 ? 'X-RAY DIFFRACTION' ? 
# 
loop_
_pdbx_unobs_or_zero_occ_residues.id 
_pdbx_unobs_or_zero_occ_residues.PDB_model_num 
_pdbx_unobs_or_zero_occ_residues.polymer_flag 
_pdbx_unobs_or_zero_occ_residues.occupancy_flag 
_pdbx_unobs_or_zero_occ_residues.auth_asym_id 
_pdbx_unobs_or_zero_occ_residues.auth_comp_id 
_pdbx_unobs_or_zero_occ_residues.auth_seq_id 
_pdbx_unobs_or_zero_occ_residues.PDB_ins_code 
_pdbx_unobs_or_zero_occ_residues.label_asym_id 
_pdbx_unobs_or_zero_occ_residues.label_comp_id 
_pdbx_unobs_or_zero_occ_residues.label_seq_id 
1 1 Y 1 A MSE 1 ? A MSE 1 
2 1 Y 1 A GLN 2 ? A GLN 2 
3 1 Y 1 A SER 3 ? A SER 3 
4 1 Y 1 A LYS 4 ? A LYS 4 
5 1 Y 1 A ARG 5 ? A ARG 5 
6 1 Y 1 A GLY 6 ? A GLY 6 
7 1 Y 1 A ARG 7 ? A ARG 7 
8 1 Y 1 A PRO 8 ? A PRO 8 
# 
loop_
_chem_comp_atom.comp_id 
_chem_comp_atom.atom_id 
_chem_comp_atom.type_symbol 
_chem_comp_atom.pdbx_aromatic_flag 
_chem_comp_atom.pdbx_stereo_config 
_chem_comp_atom.pdbx_ordinal 
ALA N    N  N N 1   
ALA CA   C  N S 2   
ALA C    C  N N 3   
ALA O    O  N N 4   
ALA CB   C  N N 5   
ALA OXT  O  N N 6   
ALA H    H  N N 7   
ALA H2   H  N N 8   
ALA HA   H  N N 9   
ALA HB1  H  N N 10  
ALA HB2  H  N N 11  
ALA HB3  H  N N 12  
ALA HXT  H  N N 13  
ARG N    N  N N 14  
ARG CA   C  N S 15  
ARG C    C  N N 16  
ARG O    O  N N 17  
ARG CB   C  N N 18  
ARG CG   C  N N 19  
ARG CD   C  N N 20  
ARG NE   N  N N 21  
ARG CZ   C  N N 22  
ARG NH1  N  N N 23  
ARG NH2  N  N N 24  
ARG OXT  O  N N 25  
ARG H    H  N N 26  
ARG H2   H  N N 27  
ARG HA   H  N N 28  
ARG HB2  H  N N 29  
ARG HB3  H  N N 30  
ARG HG2  H  N N 31  
ARG HG3  H  N N 32  
ARG HD2  H  N N 33  
ARG HD3  H  N N 34  
ARG HE   H  N N 35  
ARG HH11 H  N N 36  
ARG HH12 H  N N 37  
ARG HH21 H  N N 38  
ARG HH22 H  N N 39  
ARG HXT  H  N N 40  
ASN N    N  N N 41  
ASN CA   C  N S 42  
ASN C    C  N N 43  
ASN O    O  N N 44  
ASN CB   C  N N 45  
ASN CG   C  N N 46  
ASN OD1  O  N N 47  
ASN ND2  N  N N 48  
ASN OXT  O  N N 49  
ASN H    H  N N 50  
ASN H2   H  N N 51  
ASN HA   H  N N 52  
ASN HB2  H  N N 53  
ASN HB3  H  N N 54  
ASN HD21 H  N N 55  
ASN HD22 H  N N 56  
ASN HXT  H  N N 57  
ASP N    N  N N 58  
ASP CA   C  N S 59  
ASP C    C  N N 60  
ASP O    O  N N 61  
ASP CB   C  N N 62  
ASP CG   C  N N 63  
ASP OD1  O  N N 64  
ASP OD2  O  N N 65  
ASP OXT  O  N N 66  
ASP H    H  N N 67  
ASP H2   H  N N 68  
ASP HA   H  N N 69  
ASP HB2  H  N N 70  
ASP HB3  H  N N 71  
ASP HD2  H  N N 72  
ASP HXT  H  N N 73  
GLN N    N  N N 74  
GLN CA   C  N S 75  
GLN C    C  N N 76  
GLN O    O  N N 77  
GLN CB   C  N N 78  
GLN CG   C  N N 79  
GLN CD   C  N N 80  
GLN OE1  O  N N 81  
GLN NE2  N  N N 82  
GLN OXT  O  N N 83  
GLN H    H  N N 84  
GLN H2   H  N N 85  
GLN HA   H  N N 86  
GLN HB2  H  N N 87  
GLN HB3  H  N N 88  
GLN HG2  H  N N 89  
GLN HG3  H  N N 90  
GLN HE21 H  N N 91  
GLN HE22 H  N N 92  
GLN HXT  H  N N 93  
GLU N    N  N N 94  
GLU CA   C  N S 95  
GLU C    C  N N 96  
GLU O    O  N N 97  
GLU CB   C  N N 98  
GLU CG   C  N N 99  
GLU CD   C  N N 100 
GLU OE1  O  N N 101 
GLU OE2  O  N N 102 
GLU OXT  O  N N 103 
GLU H    H  N N 104 
GLU H2   H  N N 105 
GLU HA   H  N N 106 
GLU HB2  H  N N 107 
GLU HB3  H  N N 108 
GLU HG2  H  N N 109 
GLU HG3  H  N N 110 
GLU HE2  H  N N 111 
GLU HXT  H  N N 112 
GLY N    N  N N 113 
GLY CA   C  N N 114 
GLY C    C  N N 115 
GLY O    O  N N 116 
GLY OXT  O  N N 117 
GLY H    H  N N 118 
GLY H2   H  N N 119 
GLY HA2  H  N N 120 
GLY HA3  H  N N 121 
GLY HXT  H  N N 122 
HIS N    N  N N 123 
HIS CA   C  N S 124 
HIS C    C  N N 125 
HIS O    O  N N 126 
HIS CB   C  N N 127 
HIS CG   C  Y N 128 
HIS ND1  N  Y N 129 
HIS CD2  C  Y N 130 
HIS CE1  C  Y N 131 
HIS NE2  N  Y N 132 
HIS OXT  O  N N 133 
HIS H    H  N N 134 
HIS H2   H  N N 135 
HIS HA   H  N N 136 
HIS HB2  H  N N 137 
HIS HB3  H  N N 138 
HIS HD1  H  N N 139 
HIS HD2  H  N N 140 
HIS HE1  H  N N 141 
HIS HE2  H  N N 142 
HIS HXT  H  N N 143 
HOH O    O  N N 144 
HOH H1   H  N N 145 
HOH H2   H  N N 146 
ILE N    N  N N 147 
ILE CA   C  N S 148 
ILE C    C  N N 149 
ILE O    O  N N 150 
ILE CB   C  N S 151 
ILE CG1  C  N N 152 
ILE CG2  C  N N 153 
ILE CD1  C  N N 154 
ILE OXT  O  N N 155 
ILE H    H  N N 156 
ILE H2   H  N N 157 
ILE HA   H  N N 158 
ILE HB   H  N N 159 
ILE HG12 H  N N 160 
ILE HG13 H  N N 161 
ILE HG21 H  N N 162 
ILE HG22 H  N N 163 
ILE HG23 H  N N 164 
ILE HD11 H  N N 165 
ILE HD12 H  N N 166 
ILE HD13 H  N N 167 
ILE HXT  H  N N 168 
LEU N    N  N N 169 
LEU CA   C  N S 170 
LEU C    C  N N 171 
LEU O    O  N N 172 
LEU CB   C  N N 173 
LEU CG   C  N N 174 
LEU CD1  C  N N 175 
LEU CD2  C  N N 176 
LEU OXT  O  N N 177 
LEU H    H  N N 178 
LEU H2   H  N N 179 
LEU HA   H  N N 180 
LEU HB2  H  N N 181 
LEU HB3  H  N N 182 
LEU HG   H  N N 183 
LEU HD11 H  N N 184 
LEU HD12 H  N N 185 
LEU HD13 H  N N 186 
LEU HD21 H  N N 187 
LEU HD22 H  N N 188 
LEU HD23 H  N N 189 
LEU HXT  H  N N 190 
LYS N    N  N N 191 
LYS CA   C  N S 192 
LYS C    C  N N 193 
LYS O    O  N N 194 
LYS CB   C  N N 195 
LYS CG   C  N N 196 
LYS CD   C  N N 197 
LYS CE   C  N N 198 
LYS NZ   N  N N 199 
LYS OXT  O  N N 200 
LYS H    H  N N 201 
LYS H2   H  N N 202 
LYS HA   H  N N 203 
LYS HB2  H  N N 204 
LYS HB3  H  N N 205 
LYS HG2  H  N N 206 
LYS HG3  H  N N 207 
LYS HD2  H  N N 208 
LYS HD3  H  N N 209 
LYS HE2  H  N N 210 
LYS HE3  H  N N 211 
LYS HZ1  H  N N 212 
LYS HZ2  H  N N 213 
LYS HZ3  H  N N 214 
LYS HXT  H  N N 215 
MET N    N  N N 216 
MET CA   C  N S 217 
MET C    C  N N 218 
MET O    O  N N 219 
MET CB   C  N N 220 
MET CG   C  N N 221 
MET SD   S  N N 222 
MET CE   C  N N 223 
MET OXT  O  N N 224 
MET H    H  N N 225 
MET H2   H  N N 226 
MET HA   H  N N 227 
MET HB2  H  N N 228 
MET HB3  H  N N 229 
MET HG2  H  N N 230 
MET HG3  H  N N 231 
MET HE1  H  N N 232 
MET HE2  H  N N 233 
MET HE3  H  N N 234 
MET HXT  H  N N 235 
MSE N    N  N N 236 
MSE CA   C  N S 237 
MSE C    C  N N 238 
MSE O    O  N N 239 
MSE OXT  O  N N 240 
MSE CB   C  N N 241 
MSE CG   C  N N 242 
MSE SE   SE N N 243 
MSE CE   C  N N 244 
MSE H    H  N N 245 
MSE H2   H  N N 246 
MSE HA   H  N N 247 
MSE HXT  H  N N 248 
MSE HB2  H  N N 249 
MSE HB3  H  N N 250 
MSE HG2  H  N N 251 
MSE HG3  H  N N 252 
MSE HE1  H  N N 253 
MSE HE2  H  N N 254 
MSE HE3  H  N N 255 
PHE N    N  N N 256 
PHE CA   C  N S 257 
PHE C    C  N N 258 
PHE O    O  N N 259 
PHE CB   C  N N 260 
PHE CG   C  Y N 261 
PHE CD1  C  Y N 262 
PHE CD2  C  Y N 263 
PHE CE1  C  Y N 264 
PHE CE2  C  Y N 265 
PHE CZ   C  Y N 266 
PHE OXT  O  N N 267 
PHE H    H  N N 268 
PHE H2   H  N N 269 
PHE HA   H  N N 270 
PHE HB2  H  N N 271 
PHE HB3  H  N N 272 
PHE HD1  H  N N 273 
PHE HD2  H  N N 274 
PHE HE1  H  N N 275 
PHE HE2  H  N N 276 
PHE HZ   H  N N 277 
PHE HXT  H  N N 278 
PRO N    N  N N 279 
PRO CA   C  N S 280 
PRO C    C  N N 281 
PRO O    O  N N 282 
PRO CB   C  N N 283 
PRO CG   C  N N 284 
PRO CD   C  N N 285 
PRO OXT  O  N N 286 
PRO H    H  N N 287 
PRO HA   H  N N 288 
PRO HB2  H  N N 289 
PRO HB3  H  N N 290 
PRO HG2  H  N N 291 
PRO HG3  H  N N 292 
PRO HD2  H  N N 293 
PRO HD3  H  N N 294 
PRO HXT  H  N N 295 
SER N    N  N N 296 
SER CA   C  N S 297 
SER C    C  N N 298 
SER O    O  N N 299 
SER CB   C  N N 300 
SER OG   O  N N 301 
SER OXT  O  N N 302 
SER H    H  N N 303 
SER H2   H  N N 304 
SER HA   H  N N 305 
SER HB2  H  N N 306 
SER HB3  H  N N 307 
SER HG   H  N N 308 
SER HXT  H  N N 309 
THR N    N  N N 310 
THR CA   C  N S 311 
THR C    C  N N 312 
THR O    O  N N 313 
THR CB   C  N R 314 
THR OG1  O  N N 315 
THR CG2  C  N N 316 
THR OXT  O  N N 317 
THR H    H  N N 318 
THR H2   H  N N 319 
THR HA   H  N N 320 
THR HB   H  N N 321 
THR HG1  H  N N 322 
THR HG21 H  N N 323 
THR HG22 H  N N 324 
THR HG23 H  N N 325 
THR HXT  H  N N 326 
TRP N    N  N N 327 
TRP CA   C  N S 328 
TRP C    C  N N 329 
TRP O    O  N N 330 
TRP CB   C  N N 331 
TRP CG   C  Y N 332 
TRP CD1  C  Y N 333 
TRP CD2  C  Y N 334 
TRP NE1  N  Y N 335 
TRP CE2  C  Y N 336 
TRP CE3  C  Y N 337 
TRP CZ2  C  Y N 338 
TRP CZ3  C  Y N 339 
TRP CH2  C  Y N 340 
TRP OXT  O  N N 341 
TRP H    H  N N 342 
TRP H2   H  N N 343 
TRP HA   H  N N 344 
TRP HB2  H  N N 345 
TRP HB3  H  N N 346 
TRP HD1  H  N N 347 
TRP HE1  H  N N 348 
TRP HE3  H  N N 349 
TRP HZ2  H  N N 350 
TRP HZ3  H  N N 351 
TRP HH2  H  N N 352 
TRP HXT  H  N N 353 
TYR N    N  N N 354 
TYR CA   C  N S 355 
TYR C    C  N N 356 
TYR O    O  N N 357 
TYR CB   C  N N 358 
TYR CG   C  Y N 359 
TYR CD1  C  Y N 360 
TYR CD2  C  Y N 361 
TYR CE1  C  Y N 362 
TYR CE2  C  Y N 363 
TYR CZ   C  Y N 364 
TYR OH   O  N N 365 
TYR OXT  O  N N 366 
TYR H    H  N N 367 
TYR H2   H  N N 368 
TYR HA   H  N N 369 
TYR HB2  H  N N 370 
TYR HB3  H  N N 371 
TYR HD1  H  N N 372 
TYR HD2  H  N N 373 
TYR HE1  H  N N 374 
TYR HE2  H  N N 375 
TYR HH   H  N N 376 
TYR HXT  H  N N 377 
VAL N    N  N N 378 
VAL CA   C  N S 379 
VAL C    C  N N 380 
VAL O    O  N N 381 
VAL CB   C  N N 382 
VAL CG1  C  N N 383 
VAL CG2  C  N N 384 
VAL OXT  O  N N 385 
VAL H    H  N N 386 
VAL H2   H  N N 387 
VAL HA   H  N N 388 
VAL HB   H  N N 389 
VAL HG11 H  N N 390 
VAL HG12 H  N N 391 
VAL HG13 H  N N 392 
VAL HG21 H  N N 393 
VAL HG22 H  N N 394 
VAL HG23 H  N N 395 
VAL HXT  H  N N 396 
# 
loop_
_chem_comp_bond.comp_id 
_chem_comp_bond.atom_id_1 
_chem_comp_bond.atom_id_2 
_chem_comp_bond.value_order 
_chem_comp_bond.pdbx_aromatic_flag 
_chem_comp_bond.pdbx_stereo_config 
_chem_comp_bond.pdbx_ordinal 
ALA N   CA   sing N N 1   
ALA N   H    sing N N 2   
ALA N   H2   sing N N 3   
ALA CA  C    sing N N 4   
ALA CA  CB   sing N N 5   
ALA CA  HA   sing N N 6   
ALA C   O    doub N N 7   
ALA C   OXT  sing N N 8   
ALA CB  HB1  sing N N 9   
ALA CB  HB2  sing N N 10  
ALA CB  HB3  sing N N 11  
ALA OXT HXT  sing N N 12  
ARG N   CA   sing N N 13  
ARG N   H    sing N N 14  
ARG N   H2   sing N N 15  
ARG CA  C    sing N N 16  
ARG CA  CB   sing N N 17  
ARG CA  HA   sing N N 18  
ARG C   O    doub N N 19  
ARG C   OXT  sing N N 20  
ARG CB  CG   sing N N 21  
ARG CB  HB2  sing N N 22  
ARG CB  HB3  sing N N 23  
ARG CG  CD   sing N N 24  
ARG CG  HG2  sing N N 25  
ARG CG  HG3  sing N N 26  
ARG CD  NE   sing N N 27  
ARG CD  HD2  sing N N 28  
ARG CD  HD3  sing N N 29  
ARG NE  CZ   sing N N 30  
ARG NE  HE   sing N N 31  
ARG CZ  NH1  sing N N 32  
ARG CZ  NH2  doub N N 33  
ARG NH1 HH11 sing N N 34  
ARG NH1 HH12 sing N N 35  
ARG NH2 HH21 sing N N 36  
ARG NH2 HH22 sing N N 37  
ARG OXT HXT  sing N N 38  
ASN N   CA   sing N N 39  
ASN N   H    sing N N 40  
ASN N   H2   sing N N 41  
ASN CA  C    sing N N 42  
ASN CA  CB   sing N N 43  
ASN CA  HA   sing N N 44  
ASN C   O    doub N N 45  
ASN C   OXT  sing N N 46  
ASN CB  CG   sing N N 47  
ASN CB  HB2  sing N N 48  
ASN CB  HB3  sing N N 49  
ASN CG  OD1  doub N N 50  
ASN CG  ND2  sing N N 51  
ASN ND2 HD21 sing N N 52  
ASN ND2 HD22 sing N N 53  
ASN OXT HXT  sing N N 54  
ASP N   CA   sing N N 55  
ASP N   H    sing N N 56  
ASP N   H2   sing N N 57  
ASP CA  C    sing N N 58  
ASP CA  CB   sing N N 59  
ASP CA  HA   sing N N 60  
ASP C   O    doub N N 61  
ASP C   OXT  sing N N 62  
ASP CB  CG   sing N N 63  
ASP CB  HB2  sing N N 64  
ASP CB  HB3  sing N N 65  
ASP CG  OD1  doub N N 66  
ASP CG  OD2  sing N N 67  
ASP OD2 HD2  sing N N 68  
ASP OXT HXT  sing N N 69  
GLN N   CA   sing N N 70  
GLN N   H    sing N N 71  
GLN N   H2   sing N N 72  
GLN CA  C    sing N N 73  
GLN CA  CB   sing N N 74  
GLN CA  HA   sing N N 75  
GLN C   O    doub N N 76  
GLN C   OXT  sing N N 77  
GLN CB  CG   sing N N 78  
GLN CB  HB2  sing N N 79  
GLN CB  HB3  sing N N 80  
GLN CG  CD   sing N N 81  
GLN CG  HG2  sing N N 82  
GLN CG  HG3  sing N N 83  
GLN CD  OE1  doub N N 84  
GLN CD  NE2  sing N N 85  
GLN NE2 HE21 sing N N 86  
GLN NE2 HE22 sing N N 87  
GLN OXT HXT  sing N N 88  
GLU N   CA   sing N N 89  
GLU N   H    sing N N 90  
GLU N   H2   sing N N 91  
GLU CA  C    sing N N 92  
GLU CA  CB   sing N N 93  
GLU CA  HA   sing N N 94  
GLU C   O    doub N N 95  
GLU C   OXT  sing N N 96  
GLU CB  CG   sing N N 97  
GLU CB  HB2  sing N N 98  
GLU CB  HB3  sing N N 99  
GLU CG  CD   sing N N 100 
GLU CG  HG2  sing N N 101 
GLU CG  HG3  sing N N 102 
GLU CD  OE1  doub N N 103 
GLU CD  OE2  sing N N 104 
GLU OE2 HE2  sing N N 105 
GLU OXT HXT  sing N N 106 
GLY N   CA   sing N N 107 
GLY N   H    sing N N 108 
GLY N   H2   sing N N 109 
GLY CA  C    sing N N 110 
GLY CA  HA2  sing N N 111 
GLY CA  HA3  sing N N 112 
GLY C   O    doub N N 113 
GLY C   OXT  sing N N 114 
GLY OXT HXT  sing N N 115 
HIS N   CA   sing N N 116 
HIS N   H    sing N N 117 
HIS N   H2   sing N N 118 
HIS CA  C    sing N N 119 
HIS CA  CB   sing N N 120 
HIS CA  HA   sing N N 121 
HIS C   O    doub N N 122 
HIS C   OXT  sing N N 123 
HIS CB  CG   sing N N 124 
HIS CB  HB2  sing N N 125 
HIS CB  HB3  sing N N 126 
HIS CG  ND1  sing Y N 127 
HIS CG  CD2  doub Y N 128 
HIS ND1 CE1  doub Y N 129 
HIS ND1 HD1  sing N N 130 
HIS CD2 NE2  sing Y N 131 
HIS CD2 HD2  sing N N 132 
HIS CE1 NE2  sing Y N 133 
HIS CE1 HE1  sing N N 134 
HIS NE2 HE2  sing N N 135 
HIS OXT HXT  sing N N 136 
HOH O   H1   sing N N 137 
HOH O   H2   sing N N 138 
ILE N   CA   sing N N 139 
ILE N   H    sing N N 140 
ILE N   H2   sing N N 141 
ILE CA  C    sing N N 142 
ILE CA  CB   sing N N 143 
ILE CA  HA   sing N N 144 
ILE C   O    doub N N 145 
ILE C   OXT  sing N N 146 
ILE CB  CG1  sing N N 147 
ILE CB  CG2  sing N N 148 
ILE CB  HB   sing N N 149 
ILE CG1 CD1  sing N N 150 
ILE CG1 HG12 sing N N 151 
ILE CG1 HG13 sing N N 152 
ILE CG2 HG21 sing N N 153 
ILE CG2 HG22 sing N N 154 
ILE CG2 HG23 sing N N 155 
ILE CD1 HD11 sing N N 156 
ILE CD1 HD12 sing N N 157 
ILE CD1 HD13 sing N N 158 
ILE OXT HXT  sing N N 159 
LEU N   CA   sing N N 160 
LEU N   H    sing N N 161 
LEU N   H2   sing N N 162 
LEU CA  C    sing N N 163 
LEU CA  CB   sing N N 164 
LEU CA  HA   sing N N 165 
LEU C   O    doub N N 166 
LEU C   OXT  sing N N 167 
LEU CB  CG   sing N N 168 
LEU CB  HB2  sing N N 169 
LEU CB  HB3  sing N N 170 
LEU CG  CD1  sing N N 171 
LEU CG  CD2  sing N N 172 
LEU CG  HG   sing N N 173 
LEU CD1 HD11 sing N N 174 
LEU CD1 HD12 sing N N 175 
LEU CD1 HD13 sing N N 176 
LEU CD2 HD21 sing N N 177 
LEU CD2 HD22 sing N N 178 
LEU CD2 HD23 sing N N 179 
LEU OXT HXT  sing N N 180 
LYS N   CA   sing N N 181 
LYS N   H    sing N N 182 
LYS N   H2   sing N N 183 
LYS CA  C    sing N N 184 
LYS CA  CB   sing N N 185 
LYS CA  HA   sing N N 186 
LYS C   O    doub N N 187 
LYS C   OXT  sing N N 188 
LYS CB  CG   sing N N 189 
LYS CB  HB2  sing N N 190 
LYS CB  HB3  sing N N 191 
LYS CG  CD   sing N N 192 
LYS CG  HG2  sing N N 193 
LYS CG  HG3  sing N N 194 
LYS CD  CE   sing N N 195 
LYS CD  HD2  sing N N 196 
LYS CD  HD3  sing N N 197 
LYS CE  NZ   sing N N 198 
LYS CE  HE2  sing N N 199 
LYS CE  HE3  sing N N 200 
LYS NZ  HZ1  sing N N 201 
LYS NZ  HZ2  sing N N 202 
LYS NZ  HZ3  sing N N 203 
LYS OXT HXT  sing N N 204 
MET N   CA   sing N N 205 
MET N   H    sing N N 206 
MET N   H2   sing N N 207 
MET CA  C    sing N N 208 
MET CA  CB   sing N N 209 
MET CA  HA   sing N N 210 
MET C   O    doub N N 211 
MET C   OXT  sing N N 212 
MET CB  CG   sing N N 213 
MET CB  HB2  sing N N 214 
MET CB  HB3  sing N N 215 
MET CG  SD   sing N N 216 
MET CG  HG2  sing N N 217 
MET CG  HG3  sing N N 218 
MET SD  CE   sing N N 219 
MET CE  HE1  sing N N 220 
MET CE  HE2  sing N N 221 
MET CE  HE3  sing N N 222 
MET OXT HXT  sing N N 223 
MSE N   CA   sing N N 224 
MSE N   H    sing N N 225 
MSE N   H2   sing N N 226 
MSE CA  C    sing N N 227 
MSE CA  CB   sing N N 228 
MSE CA  HA   sing N N 229 
MSE C   O    doub N N 230 
MSE C   OXT  sing N N 231 
MSE OXT HXT  sing N N 232 
MSE CB  CG   sing N N 233 
MSE CB  HB2  sing N N 234 
MSE CB  HB3  sing N N 235 
MSE CG  SE   sing N N 236 
MSE CG  HG2  sing N N 237 
MSE CG  HG3  sing N N 238 
MSE SE  CE   sing N N 239 
MSE CE  HE1  sing N N 240 
MSE CE  HE2  sing N N 241 
MSE CE  HE3  sing N N 242 
PHE N   CA   sing N N 243 
PHE N   H    sing N N 244 
PHE N   H2   sing N N 245 
PHE CA  C    sing N N 246 
PHE CA  CB   sing N N 247 
PHE CA  HA   sing N N 248 
PHE C   O    doub N N 249 
PHE C   OXT  sing N N 250 
PHE CB  CG   sing N N 251 
PHE CB  HB2  sing N N 252 
PHE CB  HB3  sing N N 253 
PHE CG  CD1  doub Y N 254 
PHE CG  CD2  sing Y N 255 
PHE CD1 CE1  sing Y N 256 
PHE CD1 HD1  sing N N 257 
PHE CD2 CE2  doub Y N 258 
PHE CD2 HD2  sing N N 259 
PHE CE1 CZ   doub Y N 260 
PHE CE1 HE1  sing N N 261 
PHE CE2 CZ   sing Y N 262 
PHE CE2 HE2  sing N N 263 
PHE CZ  HZ   sing N N 264 
PHE OXT HXT  sing N N 265 
PRO N   CA   sing N N 266 
PRO N   CD   sing N N 267 
PRO N   H    sing N N 268 
PRO CA  C    sing N N 269 
PRO CA  CB   sing N N 270 
PRO CA  HA   sing N N 271 
PRO C   O    doub N N 272 
PRO C   OXT  sing N N 273 
PRO CB  CG   sing N N 274 
PRO CB  HB2  sing N N 275 
PRO CB  HB3  sing N N 276 
PRO CG  CD   sing N N 277 
PRO CG  HG2  sing N N 278 
PRO CG  HG3  sing N N 279 
PRO CD  HD2  sing N N 280 
PRO CD  HD3  sing N N 281 
PRO OXT HXT  sing N N 282 
SER N   CA   sing N N 283 
SER N   H    sing N N 284 
SER N   H2   sing N N 285 
SER CA  C    sing N N 286 
SER CA  CB   sing N N 287 
SER CA  HA   sing N N 288 
SER C   O    doub N N 289 
SER C   OXT  sing N N 290 
SER CB  OG   sing N N 291 
SER CB  HB2  sing N N 292 
SER CB  HB3  sing N N 293 
SER OG  HG   sing N N 294 
SER OXT HXT  sing N N 295 
THR N   CA   sing N N 296 
THR N   H    sing N N 297 
THR N   H2   sing N N 298 
THR CA  C    sing N N 299 
THR CA  CB   sing N N 300 
THR CA  HA   sing N N 301 
THR C   O    doub N N 302 
THR C   OXT  sing N N 303 
THR CB  OG1  sing N N 304 
THR CB  CG2  sing N N 305 
THR CB  HB   sing N N 306 
THR OG1 HG1  sing N N 307 
THR CG2 HG21 sing N N 308 
THR CG2 HG22 sing N N 309 
THR CG2 HG23 sing N N 310 
THR OXT HXT  sing N N 311 
TRP N   CA   sing N N 312 
TRP N   H    sing N N 313 
TRP N   H2   sing N N 314 
TRP CA  C    sing N N 315 
TRP CA  CB   sing N N 316 
TRP CA  HA   sing N N 317 
TRP C   O    doub N N 318 
TRP C   OXT  sing N N 319 
TRP CB  CG   sing N N 320 
TRP CB  HB2  sing N N 321 
TRP CB  HB3  sing N N 322 
TRP CG  CD1  doub Y N 323 
TRP CG  CD2  sing Y N 324 
TRP CD1 NE1  sing Y N 325 
TRP CD1 HD1  sing N N 326 
TRP CD2 CE2  doub Y N 327 
TRP CD2 CE3  sing Y N 328 
TRP NE1 CE2  sing Y N 329 
TRP NE1 HE1  sing N N 330 
TRP CE2 CZ2  sing Y N 331 
TRP CE3 CZ3  doub Y N 332 
TRP CE3 HE3  sing N N 333 
TRP CZ2 CH2  doub Y N 334 
TRP CZ2 HZ2  sing N N 335 
TRP CZ3 CH2  sing Y N 336 
TRP CZ3 HZ3  sing N N 337 
TRP CH2 HH2  sing N N 338 
TRP OXT HXT  sing N N 339 
TYR N   CA   sing N N 340 
TYR N   H    sing N N 341 
TYR N   H2   sing N N 342 
TYR CA  C    sing N N 343 
TYR CA  CB   sing N N 344 
TYR CA  HA   sing N N 345 
TYR C   O    doub N N 346 
TYR C   OXT  sing N N 347 
TYR CB  CG   sing N N 348 
TYR CB  HB2  sing N N 349 
TYR CB  HB3  sing N N 350 
TYR CG  CD1  doub Y N 351 
TYR CG  CD2  sing Y N 352 
TYR CD1 CE1  sing Y N 353 
TYR CD1 HD1  sing N N 354 
TYR CD2 CE2  doub Y N 355 
TYR CD2 HD2  sing N N 356 
TYR CE1 CZ   doub Y N 357 
TYR CE1 HE1  sing N N 358 
TYR CE2 CZ   sing Y N 359 
TYR CE2 HE2  sing N N 360 
TYR CZ  OH   sing N N 361 
TYR OH  HH   sing N N 362 
TYR OXT HXT  sing N N 363 
VAL N   CA   sing N N 364 
VAL N   H    sing N N 365 
VAL N   H2   sing N N 366 
VAL CA  C    sing N N 367 
VAL CA  CB   sing N N 368 
VAL CA  HA   sing N N 369 
VAL C   O    doub N N 370 
VAL C   OXT  sing N N 371 
VAL CB  CG1  sing N N 372 
VAL CB  CG2  sing N N 373 
VAL CB  HB   sing N N 374 
VAL CG1 HG11 sing N N 375 
VAL CG1 HG12 sing N N 376 
VAL CG1 HG13 sing N N 377 
VAL CG2 HG21 sing N N 378 
VAL CG2 HG22 sing N N 379 
VAL CG2 HG23 sing N N 380 
VAL OXT HXT  sing N N 381 
# 
_atom_sites.entry_id                    2FQ4 
_atom_sites.fract_transf_matrix[1][1]   -0.01522538 
_atom_sites.fract_transf_matrix[1][2]   0.00791657 
_atom_sites.fract_transf_matrix[1][3]   0.00793665 
_atom_sites.fract_transf_matrix[2][1]   0.00770203 
_atom_sites.fract_transf_matrix[2][2]   0.00239357 
_atom_sites.fract_transf_matrix[2][3]   0.01238778 
_atom_sites.fract_transf_matrix[3][1]   0.00254318 
_atom_sites.fract_transf_matrix[3][2]   0.00803227 
_atom_sites.fract_transf_matrix[3][3]   -0.00313320 
_atom_sites.fract_transf_vector[1]      0.470450 
_atom_sites.fract_transf_vector[2]      0.368832 
_atom_sites.fract_transf_vector[3]      0.137524 
# 
loop_
_atom_type.symbol 
C  
N  
O  
SE 
# 
loop_
_atom_site.group_PDB 
_atom_site.id 
_atom_site.type_symbol 
_atom_site.label_atom_id 
_atom_site.label_alt_id 
_atom_site.label_comp_id 
_atom_site.label_asym_id 
_atom_site.label_entity_id 
_atom_site.label_seq_id 
_atom_site.pdbx_PDB_ins_code 
_atom_site.Cartn_x 
_atom_site.Cartn_y 
_atom_site.Cartn_z 
_atom_site.occupancy 
_atom_site.B_iso_or_equiv 
_atom_site.pdbx_formal_charge 
_atom_site.auth_seq_id 
_atom_site.auth_comp_id 
_atom_site.auth_asym_id 
_atom_site.auth_atom_id 
_atom_site.pdbx_PDB_model_num 
ATOM   1    N  N   . ARG A 1 9   ? 10.341  -19.823 11.784  1.00 37.06 ? 9   ARG A N   1 
ATOM   2    C  CA  . ARG A 1 9   ? 9.911   -21.090 12.455  1.00 36.00 ? 9   ARG A CA  1 
ATOM   3    C  C   . ARG A 1 9   ? 9.050   -20.796 13.685  1.00 35.65 ? 9   ARG A C   1 
ATOM   4    O  O   . ARG A 1 9   ? 7.955   -21.353 13.842  1.00 36.17 ? 9   ARG A O   1 
ATOM   5    C  CB  . ARG A 1 9   ? 11.125  -21.924 12.872  1.00 37.04 ? 9   ARG A CB  1 
ATOM   6    C  CG  . ARG A 1 9   ? 10.805  -23.164 13.712  1.00 38.13 ? 9   ARG A CG  1 
ATOM   7    C  CD  . ARG A 1 9   ? 10.376  -24.372 12.869  1.00 42.53 ? 9   ARG A CD  1 
ATOM   8    N  NE  . ARG A 1 9   ? 9.203   -25.027 13.447  1.00 43.93 ? 9   ARG A NE  1 
ATOM   9    C  CZ  . ARG A 1 9   ? 9.204   -25.751 14.565  1.00 45.73 ? 9   ARG A CZ  1 
ATOM   10   N  NH1 . ARG A 1 9   ? 10.322  -25.953 15.256  1.00 47.90 ? 9   ARG A NH1 1 
ATOM   11   N  NH2 . ARG A 1 9   ? 8.074   -26.289 14.993  1.00 45.88 ? 9   ARG A NH2 1 
ATOM   12   N  N   . ASN A 1 10  ? 9.561   -19.944 14.565  1.00 34.21 ? 10  ASN A N   1 
ATOM   13   C  CA  . ASN A 1 10  ? 8.852   -19.561 15.783  1.00 32.27 ? 10  ASN A CA  1 
ATOM   14   C  C   . ASN A 1 10  ? 7.820   -18.439 15.608  1.00 30.11 ? 10  ASN A C   1 
ATOM   15   O  O   . ASN A 1 10  ? 8.156   -17.239 15.684  1.00 29.58 ? 10  ASN A O   1 
ATOM   16   C  CB  . ASN A 1 10  ? 9.858   -19.162 16.841  1.00 33.10 ? 10  ASN A CB  1 
ATOM   17   C  CG  . ASN A 1 10  ? 9.253   -19.088 18.201  1.00 33.78 ? 10  ASN A CG  1 
ATOM   18   O  OD1 . ASN A 1 10  ? 8.073   -18.757 18.366  1.00 32.95 ? 10  ASN A OD1 1 
ATOM   19   N  ND2 . ASN A 1 10  ? 10.056  -19.399 19.204  1.00 39.44 ? 10  ASN A ND2 1 
ATOM   20   N  N   . ILE A 1 11  ? 6.557   -18.813 15.418  1.00 27.39 ? 11  ILE A N   1 
ATOM   21   C  CA  . ILE A 1 11  ? 5.543   -17.811 15.108  1.00 26.83 ? 11  ILE A CA  1 
ATOM   22   C  C   . ILE A 1 11  ? 5.266   -16.865 16.292  1.00 24.88 ? 11  ILE A C   1 
ATOM   23   O  O   . ILE A 1 11  ? 4.968   -15.688 16.062  1.00 24.69 ? 11  ILE A O   1 
ATOM   24   C  CB  . ILE A 1 11  ? 4.217   -18.434 14.553  1.00 26.44 ? 11  ILE A CB  1 
ATOM   25   C  CG1 . ILE A 1 11  ? 3.485   -17.419 13.650  1.00 28.50 ? 11  ILE A CG1 1 
ATOM   26   C  CG2 . ILE A 1 11  ? 3.343   -18.953 15.676  1.00 29.15 ? 11  ILE A CG2 1 
ATOM   27   C  CD1 . ILE A 1 11  ? 3.798   -17.574 12.175  1.00 28.66 ? 11  ILE A CD1 1 
ATOM   28   N  N   . GLU A 1 12  ? 5.378   -17.362 17.535  1.00 24.22 ? 12  GLU A N   1 
ATOM   29   C  CA  . GLU A 1 12  ? 5.142   -16.514 18.717  1.00 24.38 ? 12  GLU A CA  1 
ATOM   30   C  C   . GLU A 1 12  ? 6.214   -15.416 18.852  1.00 23.31 ? 12  GLU A C   1 
ATOM   31   O  O   . GLU A 1 12  ? 5.904   -14.255 19.172  1.00 20.98 ? 12  GLU A O   1 
ATOM   32   C  CB  . GLU A 1 12  ? 5.032   -17.344 19.994  1.00 24.24 ? 12  GLU A CB  1 
ATOM   33   C  CG  . GLU A 1 12  ? 3.771   -18.182 20.026  1.00 24.83 ? 12  GLU A CG  1 
ATOM   34   C  CD  . GLU A 1 12  ? 3.562   -18.933 21.336  1.00 25.02 ? 12  GLU A CD  1 
ATOM   35   O  OE1 . GLU A 1 12  ? 4.283   -19.909 21.602  1.00 24.74 ? 12  GLU A OE1 1 
ATOM   36   O  OE2 . GLU A 1 12  ? 2.641   -18.554 22.082  1.00 26.11 ? 12  GLU A OE2 1 
ATOM   37   N  N   . THR A 1 13  ? 7.462   -15.783 18.585  1.00 23.22 ? 13  THR A N   1 
ATOM   38   C  CA  . THR A 1 13  ? 8.544   -14.808 18.601  1.00 23.22 ? 13  THR A CA  1 
ATOM   39   C  C   . THR A 1 13  ? 8.328   -13.743 17.535  1.00 23.43 ? 13  THR A C   1 
ATOM   40   O  O   . THR A 1 13  ? 8.484   -12.538 17.806  1.00 22.42 ? 13  THR A O   1 
ATOM   41   C  CB  . THR A 1 13  ? 9.899   -15.498 18.403  1.00 23.31 ? 13  THR A CB  1 
ATOM   42   O  OG1 . THR A 1 13  ? 10.059  -16.470 19.444  1.00 24.62 ? 13  THR A OG1 1 
ATOM   43   C  CG2 . THR A 1 13  ? 11.070  -14.498 18.408  1.00 25.03 ? 13  THR A CG2 1 
ATOM   44   N  N   . GLN A 1 14  ? 8.027   -14.193 16.317  1.00 23.63 ? 14  GLN A N   1 
ATOM   45   C  CA  . GLN A 1 14  ? 7.815   -13.286 15.158  1.00 24.62 ? 14  GLN A CA  1 
ATOM   46   C  C   . GLN A 1 14  ? 6.674   -12.328 15.515  1.00 23.77 ? 14  GLN A C   1 
ATOM   47   O  O   . GLN A 1 14  ? 6.782   -11.120 15.359  1.00 22.74 ? 14  GLN A O   1 
ATOM   48   C  CB  . GLN A 1 14  ? 7.517   -14.161 13.931  1.00 24.42 ? 14  GLN A CB  1 
ATOM   49   C  CG  . GLN A 1 14  ? 7.406   -13.491 12.580  1.00 26.57 ? 14  GLN A CG  1 
ATOM   50   C  CD  . GLN A 1 14  ? 7.802   -14.462 11.456  1.00 28.94 ? 14  GLN A CD  1 
ATOM   51   O  OE1 . GLN A 1 14  ? 8.865   -14.313 10.822  1.00 37.88 ? 14  GLN A OE1 1 
ATOM   52   N  NE2 . GLN A 1 14  ? 6.987   -15.488 11.252  1.00 32.67 ? 14  GLN A NE2 1 
ATOM   53   N  N   . LYS A 1 15  ? 5.590   -12.882 16.066  1.00 24.12 ? 15  LYS A N   1 
ATOM   54   C  CA  . LYS A 1 15  ? 4.424   -12.070 16.464  1.00 24.26 ? 15  LYS A CA  1 
ATOM   55   C  C   . LYS A 1 15  ? 4.788   -10.961 17.476  1.00 23.29 ? 15  LYS A C   1 
ATOM   56   O  O   . LYS A 1 15  ? 4.309   -9.814  17.349  1.00 24.41 ? 15  LYS A O   1 
ATOM   57   C  CB  . LYS A 1 15  ? 3.362   -12.980 17.086  1.00 24.63 ? 15  LYS A CB  1 
ATOM   58   C  CG  . LYS A 1 15  ? 2.081   -12.281 17.518  1.00 24.92 ? 15  LYS A CG  1 
ATOM   59   C  CD  . LYS A 1 15  ? 1.277   -13.180 18.420  1.00 26.15 ? 15  LYS A CD  1 
ATOM   60   C  CE  . LYS A 1 15  ? -0.142  -12.672 18.573  1.00 27.48 ? 15  LYS A CE  1 
ATOM   61   N  NZ  . LYS A 1 15  ? -0.883  -13.603 19.413  1.00 25.99 ? 15  LYS A NZ  1 
ATOM   62   N  N   . ALA A 1 16  ? 5.584   -11.325 18.479  1.00 23.14 ? 16  ALA A N   1 
ATOM   63   C  CA  . ALA A 1 16  ? 6.021   -10.408 19.555  1.00 23.19 ? 16  ALA A CA  1 
ATOM   64   C  C   . ALA A 1 16  ? 6.858   -9.254  18.989  1.00 23.00 ? 16  ALA A C   1 
ATOM   65   O  O   . ALA A 1 16  ? 6.645   -8.098  19.331  1.00 22.45 ? 16  ALA A O   1 
ATOM   66   C  CB  . ALA A 1 16  ? 6.803   -11.165 20.637  1.00 23.43 ? 16  ALA A CB  1 
ATOM   67   N  N   . ILE A 1 17  ? 7.802   -9.582  18.119  1.00 22.37 ? 17  ILE A N   1 
ATOM   68   C  CA  . ILE A 1 17  ? 8.641   -8.552  17.443  1.00 22.84 ? 17  ILE A CA  1 
ATOM   69   C  C   . ILE A 1 17  ? 7.800   -7.606  16.562  1.00 22.88 ? 17  ILE A C   1 
ATOM   70   O  O   . ILE A 1 17  ? 7.980   -6.367  16.575  1.00 22.53 ? 17  ILE A O   1 
ATOM   71   C  CB  . ILE A 1 17  ? 9.730   -9.239  16.581  1.00 22.62 ? 17  ILE A CB  1 
ATOM   72   C  CG1 . ILE A 1 17  ? 10.706  -10.028 17.459  1.00 23.52 ? 17  ILE A CG1 1 
ATOM   73   C  CG2 . ILE A 1 17  ? 10.518  -8.227  15.750  1.00 22.33 ? 17  ILE A CG2 1 
ATOM   74   C  CD1 . ILE A 1 17  ? 11.539  -11.063 16.712  1.00 23.74 ? 17  ILE A CD1 1 
ATOM   75   N  N   . LEU A 1 18  ? 6.891   -8.187  15.780  1.00 22.98 ? 18  LEU A N   1 
ATOM   76   C  CA  . LEU A 1 18  ? 6.024   -7.412  14.891  1.00 24.32 ? 18  LEU A CA  1 
ATOM   77   C  C   . LEU A 1 18  ? 5.040   -6.534  15.642  1.00 24.53 ? 18  LEU A C   1 
ATOM   78   O  O   . LEU A 1 18  ? 4.828   -5.384  15.253  1.00 26.12 ? 18  LEU A O   1 
ATOM   79   C  CB  . LEU A 1 18  ? 5.278   -8.323  13.909  1.00 24.16 ? 18  LEU A CB  1 
ATOM   80   C  CG  . LEU A 1 18  ? 6.168   -9.016  12.892  1.00 25.71 ? 18  LEU A CG  1 
ATOM   81   C  CD1 . LEU A 1 18  ? 5.340   -10.033 12.071  1.00 29.29 ? 18  LEU A CD1 1 
ATOM   82   C  CD2 . LEU A 1 18  ? 6.910   -8.065  11.989  1.00 27.69 ? 18  LEU A CD2 1 
ATOM   83   N  N   . SER A 1 19  ? 4.465   -7.048  16.728  1.00 25.24 ? 19  SER A N   1 
ATOM   84   C  CA  . SER A 1 19  ? 3.543   -6.259  17.554  1.00 25.98 ? 19  SER A CA  1 
ATOM   85   C  C   . SER A 1 19  ? 4.264   -5.106  18.240  1.00 25.45 ? 19  SER A C   1 
ATOM   86   O  O   . SER A 1 19  ? 3.762   -3.965  18.289  1.00 25.12 ? 19  SER A O   1 
ATOM   87   C  CB  . SER A 1 19  ? 2.852   -7.124  18.607  1.00 26.04 ? 19  SER A CB  1 
ATOM   88   O  OG  . SER A 1 19  ? 2.038   -8.076  17.965  1.00 30.95 ? 19  SER A OG  1 
ATOM   89   N  N   . ALA A 1 20  ? 5.448   -5.412  18.744  1.00 24.92 ? 20  ALA A N   1 
ATOM   90   C  CA  . ALA A 1 20  ? 6.292   -4.410  19.389  1.00 25.09 ? 20  ALA A CA  1 
ATOM   91   C  C   . ALA A 1 20  ? 6.653   -3.285  18.428  1.00 24.46 ? 20  ALA A C   1 
ATOM   92   O  O   . ALA A 1 20  ? 6.551   -2.100  18.771  1.00 23.59 ? 20  ALA A O   1 
ATOM   93   C  CB  . ALA A 1 20  ? 7.533   -5.046  19.900  1.00 24.82 ? 20  ALA A CB  1 
ATOM   94   N  N   . SER A 1 21  ? 7.058   -3.635  17.208  1.00 24.98 ? 21  SER A N   1 
ATOM   95   C  CA  . SER A 1 21  ? 7.446   -2.602  16.237  1.00 26.37 ? 21  SER A CA  1 
ATOM   96   C  C   . SER A 1 21  ? 6.280   -1.659  15.912  1.00 26.90 ? 21  SER A C   1 
ATOM   97   O  O   . SER A 1 21  ? 6.461   -0.449  15.746  1.00 26.56 ? 21  SER A O   1 
ATOM   98   C  CB  . SER A 1 21  ? 8.024   -3.235  14.963  1.00 26.30 ? 21  SER A CB  1 
ATOM   99   O  OG  . SER A 1 21  ? 7.035   -3.803  14.157  1.00 27.02 ? 21  SER A OG  1 
ATOM   100  N  N   . TYR A 1 22  ? 5.083   -2.215  15.814  1.00 28.30 ? 22  TYR A N   1 
ATOM   101  C  CA  . TYR A 1 22  ? 3.891   -1.432  15.433  1.00 28.86 ? 22  TYR A CA  1 
ATOM   102  C  C   . TYR A 1 22  ? 3.438   -0.567  16.608  1.00 28.91 ? 22  TYR A C   1 
ATOM   103  O  O   . TYR A 1 22  ? 3.073   0.600   16.422  1.00 28.73 ? 22  TYR A O   1 
ATOM   104  C  CB  . TYR A 1 22  ? 2.796   -2.388  14.973  1.00 30.20 ? 22  TYR A CB  1 
ATOM   105  C  CG  . TYR A 1 22  ? 1.552   -1.709  14.463  1.00 29.83 ? 22  TYR A CG  1 
ATOM   106  C  CD1 . TYR A 1 22  ? 1.593   -0.912  13.316  1.00 32.58 ? 22  TYR A CD1 1 
ATOM   107  C  CD2 . TYR A 1 22  ? 0.341   -1.848  15.126  1.00 31.59 ? 22  TYR A CD2 1 
ATOM   108  C  CE1 . TYR A 1 22  ? 0.445   -0.280  12.843  1.00 33.53 ? 22  TYR A CE1 1 
ATOM   109  C  CE2 . TYR A 1 22  ? -0.809  -1.231  14.660  1.00 32.40 ? 22  TYR A CE2 1 
ATOM   110  C  CZ  . TYR A 1 22  ? -0.760  -0.458  13.524  1.00 33.56 ? 22  TYR A CZ  1 
ATOM   111  O  OH  . TYR A 1 22  ? -1.916  0.163   13.070  1.00 32.79 ? 22  TYR A OH  1 
ATOM   112  N  N   . GLU A 1 23  ? 3.484   -1.140  17.807  1.00 28.85 ? 23  GLU A N   1 
ATOM   113  C  CA  . GLU A 1 23  ? 3.192   -0.394  19.032  1.00 29.80 ? 23  GLU A CA  1 
ATOM   114  C  C   . GLU A 1 23  ? 4.107   0.819   19.134  1.00 29.08 ? 23  GLU A C   1 
ATOM   115  O  O   . GLU A 1 23  ? 3.637   1.931   19.360  1.00 30.13 ? 23  GLU A O   1 
ATOM   116  C  CB  . GLU A 1 23  ? 3.351   -1.260  20.289  1.00 29.71 ? 23  GLU A CB  1 
ATOM   117  C  CG  . GLU A 1 23  ? 2.168   -2.194  20.570  1.00 32.31 ? 23  GLU A CG  1 
ATOM   118  C  CD  . GLU A 1 23  ? 2.435   -3.161  21.714  1.00 32.77 ? 23  GLU A CD  1 
ATOM   119  O  OE1 . GLU A 1 23  ? 3.446   -2.984  22.449  1.00 34.99 ? 23  GLU A OE1 1 
ATOM   120  O  OE2 . GLU A 1 23  ? 1.630   -4.112  21.874  1.00 40.20 ? 23  GLU A OE2 1 
ATOM   121  N  N   . LEU A 1 24  ? 5.410   0.598   19.001  1.00 28.64 ? 24  LEU A N   1 
ATOM   122  C  CA  . LEU A 1 24  ? 6.386   1.679   19.061  1.00 28.37 ? 24  LEU A CA  1 
ATOM   123  C  C   . LEU A 1 24  ? 6.147   2.717   17.965  1.00 28.54 ? 24  LEU A C   1 
ATOM   124  O  O   . LEU A 1 24  ? 6.319   3.922   18.207  1.00 28.46 ? 24  LEU A O   1 
ATOM   125  C  CB  . LEU A 1 24  ? 7.818   1.120   18.973  1.00 28.09 ? 24  LEU A CB  1 
ATOM   126  C  CG  . LEU A 1 24  ? 8.280   0.359   20.223  1.00 28.88 ? 24  LEU A CG  1 
ATOM   127  C  CD1 . LEU A 1 24  ? 9.594   -0.392  20.023  1.00 27.25 ? 24  LEU A CD1 1 
ATOM   128  C  CD2 . LEU A 1 24  ? 8.353   1.322   21.411  1.00 27.78 ? 24  LEU A CD2 1 
ATOM   129  N  N   . LEU A 1 25  ? 5.783   2.247   16.769  1.00 28.83 ? 25  LEU A N   1 
ATOM   130  C  CA  . LEU A 1 25  ? 5.504   3.135   15.640  1.00 29.66 ? 25  LEU A CA  1 
ATOM   131  C  C   . LEU A 1 25  ? 4.339   4.080   15.958  1.00 30.13 ? 25  LEU A C   1 
ATOM   132  O  O   . LEU A 1 25  ? 4.431   5.286   15.710  1.00 28.01 ? 25  LEU A O   1 
ATOM   133  C  CB  . LEU A 1 25  ? 5.211   2.350   14.354  1.00 29.75 ? 25  LEU A CB  1 
ATOM   134  C  CG  . LEU A 1 25  ? 4.776   3.200   13.147  1.00 29.22 ? 25  LEU A CG  1 
ATOM   135  C  CD1 . LEU A 1 25  ? 5.939   3.995   12.606  1.00 30.79 ? 25  LEU A CD1 1 
ATOM   136  C  CD2 . LEU A 1 25  ? 4.198   2.339   12.029  1.00 29.10 ? 25  LEU A CD2 1 
ATOM   137  N  N   . LEU A 1 26  ? 3.239   3.523   16.459  1.00 30.79 ? 26  LEU A N   1 
ATOM   138  C  CA  . LEU A 1 26  ? 2.071   4.350   16.802  1.00 31.76 ? 26  LEU A CA  1 
ATOM   139  C  C   . LEU A 1 26  ? 2.347   5.295   17.970  1.00 32.29 ? 26  LEU A C   1 
ATOM   140  O  O   . LEU A 1 26  ? 1.902   6.439   17.943  1.00 31.70 ? 26  LEU A O   1 
ATOM   141  C  CB  . LEU A 1 26  ? 0.857   3.486   17.138  1.00 32.01 ? 26  LEU A CB  1 
ATOM   142  C  CG  . LEU A 1 26  ? 0.259   2.631   16.025  1.00 32.96 ? 26  LEU A CG  1 
ATOM   143  C  CD1 . LEU A 1 26  ? -1.042  2.040   16.515  1.00 34.55 ? 26  LEU A CD1 1 
ATOM   144  C  CD2 . LEU A 1 26  ? 0.050   3.408   14.743  1.00 33.09 ? 26  LEU A CD2 1 
ATOM   145  N  N   . GLU A 1 27  ? 3.081   4.812   18.974  1.00 32.33 ? 27  GLU A N   1 
ATOM   146  C  CA  . GLU A 1 27  ? 3.417   5.593   20.165  1.00 32.94 ? 27  GLU A CA  1 
ATOM   147  C  C   . GLU A 1 27  ? 4.312   6.816   19.899  1.00 33.71 ? 27  GLU A C   1 
ATOM   148  O  O   . GLU A 1 27  ? 4.026   7.929   20.384  1.00 33.59 ? 27  GLU A O   1 
ATOM   149  C  CB  . GLU A 1 27  ? 4.137   4.712   21.182  1.00 33.18 ? 27  GLU A CB  1 
ATOM   150  C  CG  . GLU A 1 27  ? 3.236   3.813   21.985  1.00 32.77 ? 27  GLU A CG  1 
ATOM   151  C  CD  . GLU A 1 27  ? 4.013   2.781   22.783  1.00 33.13 ? 27  GLU A CD  1 
ATOM   152  O  OE1 . GLU A 1 27  ? 5.204   3.017   23.067  1.00 31.35 ? 27  GLU A OE1 1 
ATOM   153  O  OE2 . GLU A 1 27  ? 3.420   1.736   23.127  1.00 32.04 ? 27  GLU A OE2 1 
ATOM   154  N  N   . SER A 1 28  ? 5.388   6.591   19.138  1.00 34.02 ? 28  SER A N   1 
ATOM   155  C  CA  . SER A 1 28  ? 6.526   7.519   19.043  1.00 34.23 ? 28  SER A CA  1 
ATOM   156  C  C   . SER A 1 28  ? 6.839   7.985   17.625  1.00 34.08 ? 28  SER A C   1 
ATOM   157  O  O   . SER A 1 28  ? 7.642   8.883   17.441  1.00 34.92 ? 28  SER A O   1 
ATOM   158  C  CB  . SER A 1 28  ? 7.785   6.816   19.574  1.00 34.54 ? 28  SER A CB  1 
ATOM   159  O  OG  . SER A 1 28  ? 8.185   5.736   18.708  1.00 36.60 ? 28  SER A OG  1 
ATOM   160  N  N   . GLY A 1 29  ? 6.265   7.347   16.614  1.00 33.98 ? 29  GLY A N   1 
ATOM   161  C  CA  . GLY A 1 29  ? 6.632   7.678   15.249  1.00 33.45 ? 29  GLY A CA  1 
ATOM   162  C  C   . GLY A 1 29  ? 7.850   6.932   14.738  1.00 32.99 ? 29  GLY A C   1 
ATOM   163  O  O   . GLY A 1 29  ? 8.651   6.398   15.502  1.00 32.14 ? 29  GLY A O   1 
ATOM   164  N  N   . PHE A 1 30  ? 7.984   6.912   13.417  1.00 32.84 ? 30  PHE A N   1 
ATOM   165  C  CA  . PHE A 1 30  ? 8.964   6.062   12.755  1.00 32.88 ? 30  PHE A CA  1 
ATOM   166  C  C   . PHE A 1 30  ? 10.383  6.376   13.151  1.00 32.25 ? 30  PHE A C   1 
ATOM   167  O  O   . PHE A 1 30  ? 11.175  5.471   13.404  1.00 32.10 ? 30  PHE A O   1 
ATOM   168  C  CB  . PHE A 1 30  ? 8.875   6.226   11.240  1.00 33.22 ? 30  PHE A CB  1 
ATOM   169  C  CG  . PHE A 1 30  ? 9.829   5.364   10.498  1.00 32.58 ? 30  PHE A CG  1 
ATOM   170  C  CD1 . PHE A 1 30  ? 9.541   4.043   10.285  1.00 34.34 ? 30  PHE A CD1 1 
ATOM   171  C  CD2 . PHE A 1 30  ? 11.037  5.872   10.036  1.00 33.87 ? 30  PHE A CD2 1 
ATOM   172  C  CE1 . PHE A 1 30  ? 10.434  3.223   9.613   1.00 35.34 ? 30  PHE A CE1 1 
ATOM   173  C  CE2 . PHE A 1 30  ? 11.935  5.066   9.353   1.00 33.38 ? 30  PHE A CE2 1 
ATOM   174  C  CZ  . PHE A 1 30  ? 11.629  3.734   9.145   1.00 33.39 ? 30  PHE A CZ  1 
ATOM   175  N  N   . LYS A 1 31  ? 10.721  7.666   13.142  1.00 32.86 ? 31  LYS A N   1 
ATOM   176  C  CA  . LYS A 1 31  ? 12.096  8.083   13.367  1.00 31.73 ? 31  LYS A CA  1 
ATOM   177  C  C   . LYS A 1 31  ? 12.596  7.597   14.715  1.00 30.62 ? 31  LYS A C   1 
ATOM   178  O  O   . LYS A 1 31  ? 13.740  7.175   14.811  1.00 30.16 ? 31  LYS A O   1 
ATOM   179  C  CB  . LYS A 1 31  ? 12.241  9.610   13.244  1.00 33.36 ? 31  LYS A CB  1 
ATOM   180  C  CG  . LYS A 1 31  ? 13.627  10.072  12.818  1.00 36.36 ? 31  LYS A CG  1 
ATOM   181  C  CD  . LYS A 1 31  ? 13.628  10.766  11.463  1.00 39.07 ? 31  LYS A CD  1 
ATOM   182  C  CE  . LYS A 1 31  ? 15.059  11.062  10.966  1.00 39.43 ? 31  LYS A CE  1 
ATOM   183  N  NZ  . LYS A 1 31  ? 15.075  11.588  9.546   1.00 41.02 ? 31  LYS A NZ  1 
ATOM   184  N  N   . ALA A 1 32  ? 11.734  7.622   15.740  1.00 29.25 ? 32  ALA A N   1 
ATOM   185  C  CA  . ALA A 1 32  ? 12.100  7.186   17.096  1.00 28.87 ? 32  ALA A CA  1 
ATOM   186  C  C   . ALA A 1 32  ? 12.219  5.656   17.293  1.00 27.96 ? 32  ALA A C   1 
ATOM   187  O  O   . ALA A 1 32  ? 12.870  5.195   18.237  1.00 27.62 ? 32  ALA A O   1 
ATOM   188  C  CB  . ALA A 1 32  ? 11.114  7.739   18.094  1.00 29.21 ? 32  ALA A CB  1 
ATOM   189  N  N   . VAL A 1 33  ? 11.592  4.871   16.425  1.00 26.61 ? 33  VAL A N   1 
ATOM   190  C  CA  . VAL A 1 33  ? 11.730  3.425   16.515  1.00 25.96 ? 33  VAL A CA  1 
ATOM   191  C  C   . VAL A 1 33  ? 13.194  3.060   16.252  1.00 24.64 ? 33  VAL A C   1 
ATOM   192  O  O   . VAL A 1 33  ? 13.830  3.613   15.388  1.00 23.70 ? 33  VAL A O   1 
ATOM   193  C  CB  . VAL A 1 33  ? 10.817  2.664   15.542  1.00 25.80 ? 33  VAL A CB  1 
ATOM   194  C  CG1 . VAL A 1 33  ? 11.027  1.133   15.665  1.00 27.67 ? 33  VAL A CG1 1 
ATOM   195  C  CG2 . VAL A 1 33  ? 9.351   3.017   15.814  1.00 27.23 ? 33  VAL A CG2 1 
ATOM   196  N  N   . THR A 1 34  ? 13.704  2.116   17.029  1.00 23.60 ? 34  THR A N   1 
ATOM   197  C  CA  . THR A 1 34  ? 15.020  1.525   16.781  1.00 23.26 ? 34  THR A CA  1 
ATOM   198  C  C   . THR A 1 34  ? 14.883  0.038   17.001  1.00 22.98 ? 34  THR A C   1 
ATOM   199  O  O   . THR A 1 34  ? 13.991  -0.421  17.722  1.00 22.74 ? 34  THR A O   1 
ATOM   200  C  CB  . THR A 1 34  ? 16.125  2.072   17.711  1.00 22.86 ? 34  THR A CB  1 
ATOM   201  O  OG1 . THR A 1 34  ? 15.941  1.600   19.067  1.00 21.76 ? 34  THR A OG1 1 
ATOM   202  C  CG2 . THR A 1 34  ? 16.165  3.620   17.654  1.00 23.44 ? 34  THR A CG2 1 
ATOM   203  N  N   . VAL A 1 35  ? 15.772  -0.719  16.385  1.00 22.58 ? 35  VAL A N   1 
ATOM   204  C  CA  . VAL A 1 35  ? 15.795  -2.138  16.588  1.00 22.89 ? 35  VAL A CA  1 
ATOM   205  C  C   . VAL A 1 35  ? 16.028  -2.480  18.071  1.00 22.31 ? 35  VAL A C   1 
ATOM   206  O  O   . VAL A 1 35  ? 15.425  -3.389  18.591  1.00 21.38 ? 35  VAL A O   1 
ATOM   207  C  CB  . VAL A 1 35  ? 16.848  -2.828  15.680  1.00 22.89 ? 35  VAL A CB  1 
ATOM   208  C  CG1 . VAL A 1 35  ? 16.965  -4.300  16.068  1.00 24.32 ? 35  VAL A CG1 1 
ATOM   209  C  CG2 . VAL A 1 35  ? 16.430  -2.682  14.218  1.00 23.50 ? 35  VAL A CG2 1 
ATOM   210  N  N   . ASP A 1 36  ? 16.913  -1.748  18.740  1.00 22.64 ? 36  ASP A N   1 
ATOM   211  C  CA  . ASP A 1 36  ? 17.094  -1.935  20.169  1.00 22.54 ? 36  ASP A CA  1 
ATOM   212  C  C   . ASP A 1 36  ? 15.784  -1.779  20.957  1.00 22.24 ? 36  ASP A C   1 
ATOM   213  O  O   . ASP A 1 36  ? 15.485  -2.597  21.812  1.00 21.02 ? 36  ASP A O   1 
ATOM   214  C  CB  . ASP A 1 36  ? 18.124  -0.970  20.701  1.00 22.77 ? 36  ASP A CB  1 
ATOM   215  C  CG  . ASP A 1 36  ? 19.529  -1.355  20.311  1.00 24.10 ? 36  ASP A CG  1 
ATOM   216  O  OD1 . ASP A 1 36  ? 19.821  -2.547  20.049  1.00 26.10 ? 36  ASP A OD1 1 
ATOM   217  O  OD2 . ASP A 1 36  ? 20.342  -0.447  20.301  1.00 23.96 ? 36  ASP A OD2 1 
ATOM   218  N  N   . LYS A 1 37  ? 15.020  -0.729  20.674  1.00 22.30 ? 37  LYS A N   1 
ATOM   219  C  CA  . LYS A 1 37  ? 13.734  -0.508  21.365  1.00 23.13 ? 37  LYS A CA  1 
ATOM   220  C  C   . LYS A 1 37  ? 12.708  -1.629  21.132  1.00 22.65 ? 37  LYS A C   1 
ATOM   221  O  O   . LYS A 1 37  ? 11.943  -1.987  22.027  1.00 21.51 ? 37  LYS A O   1 
ATOM   222  C  CB  . LYS A 1 37  ? 13.132  0.829   20.956  1.00 23.64 ? 37  LYS A CB  1 
ATOM   223  C  CG  . LYS A 1 37  ? 13.854  2.049   21.524  1.00 24.14 ? 37  LYS A CG  1 
ATOM   224  C  CD  . LYS A 1 37  ? 13.135  3.317   21.107  1.00 25.42 ? 37  LYS A CD  1 
ATOM   225  C  CE  . LYS A 1 37  ? 13.731  4.584   21.684  1.00 28.05 ? 37  LYS A CE  1 
ATOM   226  N  NZ  . LYS A 1 37  ? 13.106  5.850   21.096  1.00 29.43 ? 37  LYS A NZ  1 
ATOM   227  N  N   . ILE A 1 38  ? 12.681  -2.147  19.909  1.00 22.48 ? 38  ILE A N   1 
ATOM   228  C  CA  . ILE A 1 38  ? 11.805  -3.261  19.525  1.00 22.92 ? 38  ILE A CA  1 
ATOM   229  C  C   . ILE A 1 38  ? 12.223  -4.500  20.293  1.00 22.98 ? 38  ILE A C   1 
ATOM   230  O  O   . ILE A 1 38  ? 11.362  -5.194  20.848  1.00 22.70 ? 38  ILE A O   1 
ATOM   231  C  CB  . ILE A 1 38  ? 11.886  -3.526  17.997  1.00 22.72 ? 38  ILE A CB  1 
ATOM   232  C  CG1 . ILE A 1 38  ? 11.282  -2.351  17.224  1.00 22.59 ? 38  ILE A CG1 1 
ATOM   233  C  CG2 . ILE A 1 38  ? 11.175  -4.853  17.606  1.00 22.25 ? 38  ILE A CG2 1 
ATOM   234  C  CD1 . ILE A 1 38  ? 11.524  -2.386  15.747  1.00 24.27 ? 38  ILE A CD1 1 
ATOM   235  N  N   . ALA A 1 39  ? 13.534  -4.772  20.346  1.00 22.95 ? 39  ALA A N   1 
ATOM   236  C  CA  . ALA A 1 39  ? 14.066  -5.924  21.091  1.00 24.17 ? 39  ALA A CA  1 
ATOM   237  C  C   . ALA A 1 39  ? 13.632  -5.854  22.561  1.00 24.59 ? 39  ALA A C   1 
ATOM   238  O  O   . ALA A 1 39  ? 13.158  -6.847  23.150  1.00 24.23 ? 39  ALA A O   1 
ATOM   239  C  CB  . ALA A 1 39  ? 15.592  -5.956  21.016  1.00 24.00 ? 39  ALA A CB  1 
ATOM   240  N  N   . GLU A 1 40  ? 13.814  -4.669  23.138  1.00 25.52 ? 40  GLU A N   1 
ATOM   241  C  CA  . GLU A 1 40  ? 13.448  -4.393  24.530  1.00 26.11 ? 40  GLU A CA  1 
ATOM   242  C  C   . GLU A 1 40  ? 11.949  -4.652  24.790  1.00 25.87 ? 40  GLU A C   1 
ATOM   243  O  O   . GLU A 1 40  ? 11.600  -5.327  25.751  1.00 25.74 ? 40  GLU A O   1 
ATOM   244  C  CB  . GLU A 1 40  ? 13.874  -2.955  24.885  1.00 26.65 ? 40  GLU A CB  1 
ATOM   245  C  CG  . GLU A 1 40  ? 13.395  -2.378  26.239  1.00 27.81 ? 40  GLU A CG  1 
ATOM   246  C  CD  . GLU A 1 40  ? 13.809  -0.897  26.433  1.00 29.40 ? 40  GLU A CD  1 
ATOM   247  O  OE1 . GLU A 1 40  ? 13.895  -0.114  25.438  1.00 34.47 ? 40  GLU A OE1 1 
ATOM   248  O  OE2 . GLU A 1 40  ? 14.046  -0.496  27.599  1.00 35.13 ? 40  GLU A OE2 1 
ATOM   249  N  N   . ARG A 1 41  ? 11.084  -4.137  23.921  1.00 26.22 ? 41  ARG A N   1 
ATOM   250  C  CA  . ARG A 1 41  ? 9.627   -4.233  24.073  1.00 26.38 ? 41  ARG A CA  1 
ATOM   251  C  C   . ARG A 1 41  ? 9.136   -5.663  23.862  1.00 26.09 ? 41  ARG A C   1 
ATOM   252  O  O   . ARG A 1 41  ? 8.238   -6.144  24.566  1.00 26.75 ? 41  ARG A O   1 
ATOM   253  C  CB  . ARG A 1 41  ? 8.940   -3.321  23.046  1.00 26.87 ? 41  ARG A CB  1 
ATOM   254  C  CG  . ARG A 1 41  ? 7.399   -3.395  23.011  1.00 27.35 ? 41  ARG A CG  1 
ATOM   255  C  CD  . ARG A 1 41  ? 6.786   -2.942  24.311  1.00 29.49 ? 41  ARG A CD  1 
ATOM   256  N  NE  . ARG A 1 41  ? 7.035   -1.532  24.605  1.00 30.83 ? 41  ARG A NE  1 
ATOM   257  C  CZ  . ARG A 1 41  ? 6.284   -0.525  24.175  1.00 32.15 ? 41  ARG A CZ  1 
ATOM   258  N  NH1 . ARG A 1 41  ? 5.223   -0.751  23.402  1.00 33.38 ? 41  ARG A NH1 1 
ATOM   259  N  NH2 . ARG A 1 41  ? 6.600   0.720   24.512  1.00 31.41 ? 41  ARG A NH2 1 
ATOM   260  N  N   . ALA A 1 42  ? 9.735   -6.332  22.887  1.00 25.85 ? 42  ALA A N   1 
ATOM   261  C  CA  . ALA A 1 42  ? 9.403   -7.710  22.548  1.00 26.25 ? 42  ALA A CA  1 
ATOM   262  C  C   . ALA A 1 42  ? 10.076  -8.735  23.465  1.00 26.35 ? 42  ALA A C   1 
ATOM   263  O  O   . ALA A 1 42  ? 9.751   -9.914  23.404  1.00 26.26 ? 42  ALA A O   1 
ATOM   264  C  CB  . ALA A 1 42  ? 9.788   -7.987  21.091  1.00 26.27 ? 42  ALA A CB  1 
ATOM   265  N  N   . LYS A 1 43  ? 11.029  -8.299  24.292  1.00 27.11 ? 43  LYS A N   1 
ATOM   266  C  CA  . LYS A 1 43  ? 11.787  -9.212  25.160  1.00 27.09 ? 43  LYS A CA  1 
ATOM   267  C  C   . LYS A 1 43  ? 12.504  -10.314 24.382  1.00 26.84 ? 43  LYS A C   1 
ATOM   268  O  O   . LYS A 1 43  ? 12.434  -11.500 24.736  1.00 25.30 ? 43  LYS A O   1 
ATOM   269  C  CB  . LYS A 1 43  ? 10.881  -9.859  26.224  1.00 28.24 ? 43  LYS A CB  1 
ATOM   270  C  CG  . LYS A 1 43  ? 10.419  -8.920  27.337  1.00 29.91 ? 43  LYS A CG  1 
ATOM   271  C  CD  . LYS A 1 43  ? 8.998   -8.422  27.103  1.00 33.04 ? 43  LYS A CD  1 
ATOM   272  C  CE  . LYS A 1 43  ? 8.283   -8.091  28.423  1.00 33.42 ? 43  LYS A CE  1 
ATOM   273  N  NZ  . LYS A 1 43  ? 7.461   -9.233  28.894  1.00 36.75 ? 43  LYS A NZ  1 
ATOM   274  N  N   . VAL A 1 44  ? 13.171  -9.911  23.315  1.00 26.29 ? 44  VAL A N   1 
ATOM   275  C  CA  . VAL A 1 44  ? 14.009  -10.785 22.505  1.00 26.82 ? 44  VAL A CA  1 
ATOM   276  C  C   . VAL A 1 44  ? 15.348  -10.042 22.295  1.00 26.58 ? 44  VAL A C   1 
ATOM   277  O  O   . VAL A 1 44  ? 15.475  -8.850  22.625  1.00 26.14 ? 44  VAL A O   1 
ATOM   278  C  CB  . VAL A 1 44  ? 13.345  -11.131 21.131  1.00 26.12 ? 44  VAL A CB  1 
ATOM   279  C  CG1 . VAL A 1 44  ? 11.984  -11.749 21.329  1.00 27.42 ? 44  VAL A CG1 1 
ATOM   280  C  CG2 . VAL A 1 44  ? 13.211  -9.869  20.224  1.00 26.33 ? 44  VAL A CG2 1 
ATOM   281  N  N   . SER A 1 45  ? 16.346  -10.735 21.764  1.00 26.56 ? 45  SER A N   1 
ATOM   282  C  CA  . SER A 1 45  ? 17.624  -10.084 21.434  1.00 26.80 ? 45  SER A CA  1 
ATOM   283  C  C   . SER A 1 45  ? 17.596  -9.496  20.053  1.00 26.32 ? 45  SER A C   1 
ATOM   284  O  O   . SER A 1 45  ? 16.806  -9.915  19.216  1.00 25.25 ? 45  SER A O   1 
ATOM   285  C  CB  . SER A 1 45  ? 18.788  -11.073 21.499  1.00 27.34 ? 45  SER A CB  1 
ATOM   286  O  OG  . SER A 1 45  ? 18.777  -11.976 20.403  1.00 27.23 ? 45  SER A OG  1 
ATOM   287  N  N   . LYS A 1 46  ? 18.489  -8.533  19.808  1.00 26.02 ? 46  LYS A N   1 
ATOM   288  C  CA  . LYS A 1 46  ? 18.671  -7.947  18.466  1.00 26.65 ? 46  LYS A CA  1 
ATOM   289  C  C   . LYS A 1 46  ? 19.048  -9.020  17.449  1.00 26.82 ? 46  LYS A C   1 
ATOM   290  O  O   . LYS A 1 46  ? 18.694  -8.929  16.285  1.00 26.90 ? 46  LYS A O   1 
ATOM   291  C  CB  . LYS A 1 46  ? 19.748  -6.857  18.453  1.00 26.48 ? 46  LYS A CB  1 
ATOM   292  C  CG  . LYS A 1 46  ? 19.199  -5.458  18.517  1.00 28.48 ? 46  LYS A CG  1 
ATOM   293  C  CD  . LYS A 1 46  ? 19.994  -4.435  17.637  1.00 26.65 ? 46  LYS A CD  1 
ATOM   294  C  CE  . LYS A 1 46  ? 21.439  -4.339  18.046  1.00 25.16 ? 46  LYS A CE  1 
ATOM   295  N  NZ  . LYS A 1 46  ? 21.865  -2.939  18.158  1.00 21.44 ? 46  LYS A NZ  1 
ATOM   296  N  N   . ALA A 1 47  ? 19.782  -10.026 17.897  1.00 26.69 ? 47  ALA A N   1 
ATOM   297  C  CA  . ALA A 1 47  ? 20.244  -11.072 17.007  1.00 27.43 ? 47  ALA A CA  1 
ATOM   298  C  C   . ALA A 1 47  ? 19.068  -11.882 16.485  1.00 27.29 ? 47  ALA A C   1 
ATOM   299  O  O   . ALA A 1 47  ? 19.063  -12.282 15.327  1.00 27.48 ? 47  ALA A O   1 
ATOM   300  C  CB  . ALA A 1 47  ? 21.250  -11.964 17.712  1.00 27.33 ? 47  ALA A CB  1 
ATOM   301  N  N   . THR A 1 48  ? 18.070  -12.077 17.338  1.00 27.54 ? 48  THR A N   1 
ATOM   302  C  CA  . THR A 1 48  ? 16.842  -12.776 16.967  1.00 28.42 ? 48  THR A CA  1 
ATOM   303  C  C   . THR A 1 48  ? 16.097  -12.009 15.904  1.00 28.54 ? 48  THR A C   1 
ATOM   304  O  O   . THR A 1 48  ? 15.707  -12.560 14.885  1.00 28.52 ? 48  THR A O   1 
ATOM   305  C  CB  . THR A 1 48  ? 15.930  -12.981 18.196  1.00 28.44 ? 48  THR A CB  1 
ATOM   306  O  OG1 . THR A 1 48  ? 16.575  -13.859 19.114  1.00 30.15 ? 48  THR A OG1 1 
ATOM   307  C  CG2 . THR A 1 48  ? 14.574  -13.573 17.806  1.00 28.54 ? 48  THR A CG2 1 
ATOM   308  N  N   . ILE A 1 49  ? 15.925  -10.710 16.131  1.00 28.58 ? 49  ILE A N   1 
ATOM   309  C  CA  . ILE A 1 49  ? 15.274  -9.852  15.159  1.00 28.87 ? 49  ILE A CA  1 
ATOM   310  C  C   . ILE A 1 49  ? 16.018  -9.937  13.846  1.00 30.27 ? 49  ILE A C   1 
ATOM   311  O  O   . ILE A 1 49  ? 15.400  -10.090 12.801  1.00 30.24 ? 49  ILE A O   1 
ATOM   312  C  CB  . ILE A 1 49  ? 15.221  -8.386  15.636  1.00 28.00 ? 49  ILE A CB  1 
ATOM   313  C  CG1 . ILE A 1 49  ? 14.318  -8.298  16.871  1.00 27.12 ? 49  ILE A CG1 1 
ATOM   314  C  CG2 . ILE A 1 49  ? 14.704  -7.506  14.528  1.00 27.74 ? 49  ILE A CG2 1 
ATOM   315  C  CD1 . ILE A 1 49  ? 14.346  -6.977  17.554  1.00 27.82 ? 49  ILE A CD1 1 
ATOM   316  N  N   . TYR A 1 50  ? 17.346  -9.833  13.903  1.00 32.76 ? 50  TYR A N   1 
ATOM   317  C  CA  . TYR A 1 50  ? 18.160  -9.880  12.701  1.00 34.86 ? 50  TYR A CA  1 
ATOM   318  C  C   . TYR A 1 50  ? 18.148  -11.310 12.064  1.00 35.61 ? 50  TYR A C   1 
ATOM   319  O  O   . TYR A 1 50  ? 18.676  -11.484 10.976  1.00 38.09 ? 50  TYR A O   1 
ATOM   320  C  CB  . TYR A 1 50  ? 19.594  -9.272  12.938  1.00 35.32 ? 50  TYR A CB  1 
ATOM   321  C  CG  . TYR A 1 50  ? 19.691  -7.722  13.185  1.00 34.80 ? 50  TYR A CG  1 
ATOM   322  C  CD1 . TYR A 1 50  ? 18.928  -6.811  12.465  1.00 36.85 ? 50  TYR A CD1 1 
ATOM   323  C  CD2 . TYR A 1 50  ? 20.603  -7.184  14.119  1.00 36.49 ? 50  TYR A CD2 1 
ATOM   324  C  CE1 . TYR A 1 50  ? 19.031  -5.403  12.680  1.00 36.70 ? 50  TYR A CE1 1 
ATOM   325  C  CE2 . TYR A 1 50  ? 20.718  -5.790  14.341  1.00 35.10 ? 50  TYR A CE2 1 
ATOM   326  C  CZ  . TYR A 1 50  ? 19.924  -4.893  13.618  1.00 37.35 ? 50  TYR A CZ  1 
ATOM   327  O  OH  . TYR A 1 50  ? 19.991  -3.497  13.806  1.00 33.74 ? 50  TYR A OH  1 
ATOM   328  N  N   . LYS A 1 51  ? 17.510  -12.305 12.701  1.00 37.12 ? 51  LYS A N   1 
ATOM   329  C  CA  . LYS A 1 51  ? 17.207  -13.611 12.050  1.00 36.67 ? 51  LYS A CA  1 
ATOM   330  C  C   . LYS A 1 51  ? 16.268  -13.411 10.856  1.00 37.07 ? 51  LYS A C   1 
ATOM   331  O  O   . LYS A 1 51  ? 16.391  -14.105 9.836   1.00 37.47 ? 51  LYS A O   1 
ATOM   332  C  CB  . LYS A 1 51  ? 16.539  -14.624 13.013  1.00 37.37 ? 51  LYS A CB  1 
ATOM   333  C  CG  . LYS A 1 51  ? 17.451  -15.240 14.078  1.00 37.02 ? 51  LYS A CG  1 
ATOM   334  C  CD  . LYS A 1 51  ? 16.659  -15.877 15.248  1.00 37.75 ? 51  LYS A CD  1 
ATOM   335  C  CE  . LYS A 1 51  ? 16.161  -17.270 14.955  1.00 37.93 ? 51  LYS A CE  1 
ATOM   336  N  NZ  . LYS A 1 51  ? 17.100  -18.337 15.436  1.00 39.23 ? 51  LYS A NZ  1 
ATOM   337  N  N   . TRP A 1 52  ? 15.335  -12.466 10.996  1.00 35.90 ? 52  TRP A N   1 
ATOM   338  C  CA  . TRP A 1 52  ? 14.243  -12.297 10.055  1.00 35.39 ? 52  TRP A CA  1 
ATOM   339  C  C   . TRP A 1 52  ? 14.217  -10.940 9.345   1.00 34.63 ? 52  TRP A C   1 
ATOM   340  O  O   . TRP A 1 52  ? 13.628  -10.837 8.278   1.00 35.05 ? 52  TRP A O   1 
ATOM   341  C  CB  . TRP A 1 52  ? 12.922  -12.544 10.782  1.00 36.29 ? 52  TRP A CB  1 
ATOM   342  C  CG  . TRP A 1 52  ? 12.851  -13.937 11.335  1.00 37.84 ? 52  TRP A CG  1 
ATOM   343  C  CD1 . TRP A 1 52  ? 13.031  -15.094 10.636  1.00 38.61 ? 52  TRP A CD1 1 
ATOM   344  C  CD2 . TRP A 1 52  ? 12.633  -14.327 12.706  1.00 38.12 ? 52  TRP A CD2 1 
ATOM   345  N  NE1 . TRP A 1 52  ? 12.918  -16.175 11.472  1.00 38.49 ? 52  TRP A NE1 1 
ATOM   346  C  CE2 . TRP A 1 52  ? 12.673  -15.736 12.747  1.00 39.07 ? 52  TRP A CE2 1 
ATOM   347  C  CE3 . TRP A 1 52  ? 12.385  -13.626 13.887  1.00 37.80 ? 52  TRP A CE3 1 
ATOM   348  C  CZ2 . TRP A 1 52  ? 12.486  -16.467 13.936  1.00 38.31 ? 52  TRP A CZ2 1 
ATOM   349  C  CZ3 . TRP A 1 52  ? 12.195  -14.338 15.064  1.00 38.22 ? 52  TRP A CZ3 1 
ATOM   350  C  CH2 . TRP A 1 52  ? 12.249  -15.748 15.083  1.00 37.94 ? 52  TRP A CH2 1 
ATOM   351  N  N   . TRP A 1 53  ? 14.826  -9.917  9.943   1.00 33.06 ? 53  TRP A N   1 
ATOM   352  C  CA  . TRP A 1 53  ? 14.790  -8.541  9.403   1.00 33.85 ? 53  TRP A CA  1 
ATOM   353  C  C   . TRP A 1 53  ? 16.140  -7.838  9.640   1.00 34.28 ? 53  TRP A C   1 
ATOM   354  O  O   . TRP A 1 53  ? 16.578  -7.722  10.773  1.00 35.87 ? 53  TRP A O   1 
ATOM   355  C  CB  . TRP A 1 53  ? 13.708  -7.719  10.073  1.00 31.86 ? 53  TRP A CB  1 
ATOM   356  C  CG  . TRP A 1 53  ? 12.350  -8.264  9.928   1.00 30.49 ? 53  TRP A CG  1 
ATOM   357  C  CD1 . TRP A 1 53  ? 11.495  -8.101  8.880   1.00 29.55 ? 53  TRP A CD1 1 
ATOM   358  C  CD2 . TRP A 1 53  ? 11.675  -9.084  10.879  1.00 29.20 ? 53  TRP A CD2 1 
ATOM   359  N  NE1 . TRP A 1 53  ? 10.320  -8.768  9.124   1.00 29.42 ? 53  TRP A NE1 1 
ATOM   360  C  CE2 . TRP A 1 53  ? 10.404  -9.384  10.345  1.00 29.58 ? 53  TRP A CE2 1 
ATOM   361  C  CE3 . TRP A 1 53  ? 12.020  -9.589  12.138  1.00 29.37 ? 53  TRP A CE3 1 
ATOM   362  C  CZ2 . TRP A 1 53  ? 9.469   -10.167 11.028  1.00 29.26 ? 53  TRP A CZ2 1 
ATOM   363  C  CZ3 . TRP A 1 53  ? 11.089  -10.394 12.814  1.00 29.81 ? 53  TRP A CZ3 1 
ATOM   364  C  CH2 . TRP A 1 53  ? 9.832   -10.661 12.256  1.00 29.90 ? 53  TRP A CH2 1 
ATOM   365  N  N   . PRO A 1 54  ? 16.784  -7.368  8.578   1.00 35.03 ? 54  PRO A N   1 
ATOM   366  C  CA  . PRO A 1 54  ? 18.076  -6.671  8.676   1.00 34.31 ? 54  PRO A CA  1 
ATOM   367  C  C   . PRO A 1 54  ? 18.077  -5.304  9.371   1.00 34.54 ? 54  PRO A C   1 
ATOM   368  O  O   . PRO A 1 54  ? 19.139  -4.848  9.840   1.00 34.70 ? 54  PRO A O   1 
ATOM   369  C  CB  . PRO A 1 54  ? 18.444  -6.433  7.205   1.00 34.82 ? 54  PRO A CB  1 
ATOM   370  C  CG  . PRO A 1 54  ? 17.617  -7.369  6.426   1.00 35.69 ? 54  PRO A CG  1 
ATOM   371  C  CD  . PRO A 1 54  ? 16.339  -7.490  7.175   1.00 35.19 ? 54  PRO A CD  1 
ATOM   372  N  N   . ASN A 1 55  ? 16.932  -4.622  9.372   1.00 33.14 ? 55  ASN A N   1 
ATOM   373  C  CA  . ASN A 1 55  ? 16.918  -3.184  9.686   1.00 31.81 ? 55  ASN A CA  1 
ATOM   374  C  C   . ASN A 1 55  ? 15.590  -2.724  10.179  1.00 29.54 ? 55  ASN A C   1 
ATOM   375  O  O   . ASN A 1 55  ? 14.586  -3.438  10.042  1.00 27.42 ? 55  ASN A O   1 
ATOM   376  C  CB  . ASN A 1 55  ? 17.360  -2.367  8.480   1.00 31.92 ? 55  ASN A CB  1 
ATOM   377  C  CG  . ASN A 1 55  ? 16.563  -2.674  7.225   1.00 34.17 ? 55  ASN A CG  1 
ATOM   378  O  OD1 . ASN A 1 55  ? 17.048  -3.357  6.329   1.00 39.11 ? 55  ASN A OD1 1 
ATOM   379  N  ND2 . ASN A 1 55  ? 15.366  -2.137  7.133   1.00 32.16 ? 55  ASN A ND2 1 
ATOM   380  N  N   . LYS A 1 56  ? 15.558  -1.530  10.769  1.00 27.94 ? 56  LYS A N   1 
ATOM   381  C  CA  . LYS A 1 56  ? 14.318  -1.101  11.399  1.00 27.75 ? 56  LYS A CA  1 
ATOM   382  C  C   . LYS A 1 56  ? 13.178  -0.906  10.398  1.00 27.11 ? 56  LYS A C   1 
ATOM   383  O  O   . LYS A 1 56  ? 12.049  -1.215  10.728  1.00 28.20 ? 56  LYS A O   1 
ATOM   384  C  CB  . LYS A 1 56  ? 14.489  0.104   12.330  1.00 27.98 ? 56  LYS A CB  1 
ATOM   385  C  CG  . LYS A 1 56  ? 14.615  1.397   11.723  1.00 29.00 ? 56  LYS A CG  1 
ATOM   386  C  CD  . LYS A 1 56  ? 13.780  2.422   12.513  1.00 30.71 ? 56  LYS A CD  1 
ATOM   387  C  CE  . LYS A 1 56  ? 13.958  3.787   12.012  1.00 27.17 ? 56  LYS A CE  1 
ATOM   388  N  NZ  . LYS A 1 56  ? 13.699  4.862   13.042  1.00 24.84 ? 56  LYS A NZ  1 
ATOM   389  N  N   . ALA A 1 57  ? 13.463  -0.449  9.178   1.00 26.90 ? 57  ALA A N   1 
ATOM   390  C  CA  . ALA A 1 57  ? 12.365  -0.200  8.223   1.00 26.97 ? 57  ALA A CA  1 
ATOM   391  C  C   . ALA A 1 57  ? 11.632  -1.503  7.860   1.00 26.64 ? 57  ALA A C   1 
ATOM   392  O  O   . ALA A 1 57  ? 10.410  -1.541  7.762   1.00 25.82 ? 57  ALA A O   1 
ATOM   393  C  CB  . ALA A 1 57  ? 12.883  0.488   6.980   1.00 27.43 ? 57  ALA A CB  1 
ATOM   394  N  N   . ALA A 1 58  ? 12.410  -2.562  7.683   1.00 27.04 ? 58  ALA A N   1 
ATOM   395  C  CA  . ALA A 1 58  ? 11.891  -3.864  7.282   1.00 26.97 ? 58  ALA A CA  1 
ATOM   396  C  C   . ALA A 1 58  ? 10.935  -4.382  8.346   1.00 26.86 ? 58  ALA A C   1 
ATOM   397  O  O   . ALA A 1 58  ? 9.804   -4.783  8.047   1.00 25.53 ? 58  ALA A O   1 
ATOM   398  C  CB  . ALA A 1 58  ? 13.047  -4.841  7.040   1.00 27.13 ? 58  ALA A CB  1 
ATOM   399  N  N   . VAL A 1 59  ? 11.385  -4.345  9.596   1.00 26.96 ? 59  VAL A N   1 
ATOM   400  C  CA  . VAL A 1 59  ? 10.551  -4.857  10.688  1.00 27.08 ? 59  VAL A CA  1 
ATOM   401  C  C   . VAL A 1 59  ? 9.311   -3.982  10.920  1.00 26.91 ? 59  VAL A C   1 
ATOM   402  O  O   . VAL A 1 59  ? 8.253   -4.523  11.169  1.00 27.31 ? 59  VAL A O   1 
ATOM   403  C  CB  . VAL A 1 59  ? 11.346  -5.100  12.006  1.00 27.59 ? 59  VAL A CB  1 
ATOM   404  C  CG1 . VAL A 1 59  ? 11.945  -3.858  12.517  1.00 30.10 ? 59  VAL A CG1 1 
ATOM   405  C  CG2 . VAL A 1 59  ? 10.400  -5.725  13.064  1.00 27.72 ? 59  VAL A CG2 1 
ATOM   406  N  N   . VAL A 1 60  ? 9.449   -2.657  10.862  1.00 26.47 ? 60  VAL A N   1 
ATOM   407  C  CA  . VAL A 1 60  ? 8.309   -1.731  11.039  1.00 27.15 ? 60  VAL A CA  1 
ATOM   408  C  C   . VAL A 1 60  ? 7.291   -1.928  9.913   1.00 26.94 ? 60  VAL A C   1 
ATOM   409  O  O   . VAL A 1 60  ? 6.092   -1.978  10.170  1.00 26.35 ? 60  VAL A O   1 
ATOM   410  C  CB  . VAL A 1 60  ? 8.732   -0.230  11.143  1.00 27.83 ? 60  VAL A CB  1 
ATOM   411  C  CG1 . VAL A 1 60  ? 7.523   0.696   11.021  1.00 28.55 ? 60  VAL A CG1 1 
ATOM   412  C  CG2 . VAL A 1 60  ? 9.456   0.042   12.474  1.00 29.72 ? 60  VAL A CG2 1 
HETATM 413  N  N   . MSE A 1 61  ? 7.775   -2.092  8.686   1.00 27.40 ? 61  MSE A N   1 
HETATM 414  C  CA  . MSE A 1 61  ? 6.905   -2.369  7.535   1.00 28.43 ? 61  MSE A CA  1 
HETATM 415  C  C   . MSE A 1 61  ? 6.105   -3.667  7.666   1.00 27.58 ? 61  MSE A C   1 
HETATM 416  O  O   . MSE A 1 61  ? 4.885   -3.693  7.471   1.00 27.65 ? 61  MSE A O   1 
HETATM 417  C  CB  . MSE A 1 61  ? 7.724   -2.338  6.261   1.00 29.57 ? 61  MSE A CB  1 
HETATM 418  C  CG  . MSE A 1 61  ? 8.068   -0.883  5.890   1.00 34.72 ? 61  MSE A CG  1 
HETATM 419  SE SE  . MSE A 1 61  ? 6.422   0.251   5.520   1.00 51.78 ? 61  MSE A SE  1 
HETATM 420  C  CE  . MSE A 1 61  ? 5.674   -1.213  4.445   1.00 26.13 ? 61  MSE A CE  1 
ATOM   421  N  N   . ASP A 1 62  ? 6.767   -4.728  8.085   1.00 26.99 ? 62  ASP A N   1 
ATOM   422  C  CA  . ASP A 1 62  ? 6.072   -5.993  8.328   1.00 26.64 ? 62  ASP A CA  1 
ATOM   423  C  C   . ASP A 1 62  ? 5.111   -5.901  9.528   1.00 26.65 ? 62  ASP A C   1 
ATOM   424  O  O   . ASP A 1 62  ? 4.061   -6.546  9.521   1.00 27.15 ? 62  ASP A O   1 
ATOM   425  C  CB  . ASP A 1 62  ? 7.089   -7.128  8.477   1.00 26.03 ? 62  ASP A CB  1 
ATOM   426  C  CG  . ASP A 1 62  ? 7.466   -7.721  7.138   1.00 26.38 ? 62  ASP A CG  1 
ATOM   427  O  OD1 . ASP A 1 62  ? 7.098   -7.135  6.094   1.00 25.73 ? 62  ASP A OD1 1 
ATOM   428  O  OD2 . ASP A 1 62  ? 8.104   -8.771  7.124   1.00 26.44 ? 62  ASP A OD2 1 
ATOM   429  N  N   . GLY A 1 63  ? 5.471   -5.096  10.530  1.00 26.97 ? 63  GLY A N   1 
ATOM   430  C  CA  . GLY A 1 63  ? 4.619   -4.804  11.680  1.00 27.90 ? 63  GLY A CA  1 
ATOM   431  C  C   . GLY A 1 63  ? 3.321   -4.135  11.248  1.00 28.70 ? 63  GLY A C   1 
ATOM   432  O  O   . GLY A 1 63  ? 2.239   -4.553  11.638  1.00 29.13 ? 63  GLY A O   1 
ATOM   433  N  N   . PHE A 1 64  ? 3.462   -3.135  10.397  1.00 29.31 ? 64  PHE A N   1 
ATOM   434  C  CA  . PHE A 1 64  ? 2.316   -2.417  9.814   1.00 30.06 ? 64  PHE A CA  1 
ATOM   435  C  C   . PHE A 1 64  ? 1.417   -3.372  9.009   1.00 30.02 ? 64  PHE A C   1 
ATOM   436  O  O   . PHE A 1 64  ? 0.209   -3.503  9.272   1.00 30.99 ? 64  PHE A O   1 
ATOM   437  C  CB  . PHE A 1 64  ? 2.854   -1.284  8.937   1.00 31.18 ? 64  PHE A CB  1 
ATOM   438  C  CG  . PHE A 1 64  ? 1.814   -0.634  8.071   1.00 30.89 ? 64  PHE A CG  1 
ATOM   439  C  CD1 . PHE A 1 64  ? 0.670   -0.086  8.632   1.00 34.61 ? 64  PHE A CD1 1 
ATOM   440  C  CD2 . PHE A 1 64  ? 1.988   -0.568  6.695   1.00 35.02 ? 64  PHE A CD2 1 
ATOM   441  C  CE1 . PHE A 1 64  ? -0.301  0.529   7.817   1.00 33.35 ? 64  PHE A CE1 1 
ATOM   442  C  CE2 . PHE A 1 64  ? 1.027   0.048   5.868   1.00 33.54 ? 64  PHE A CE2 1 
ATOM   443  C  CZ  . PHE A 1 64  ? -0.104  0.578   6.427   1.00 33.36 ? 64  PHE A CZ  1 
ATOM   444  N  N   . LEU A 1 65  ? 2.015   -4.073  8.068   1.00 29.90 ? 65  LEU A N   1 
ATOM   445  C  CA  . LEU A 1 65  ? 1.288   -4.988  7.193   1.00 30.21 ? 65  LEU A CA  1 
ATOM   446  C  C   . LEU A 1 65  ? 0.625   -6.112  7.977   1.00 30.63 ? 65  LEU A C   1 
ATOM   447  O  O   . LEU A 1 65  ? -0.472  -6.596  7.608   1.00 31.31 ? 65  LEU A O   1 
ATOM   448  C  CB  . LEU A 1 65  ? 2.229   -5.569  6.139   1.00 29.17 ? 65  LEU A CB  1 
ATOM   449  C  CG  . LEU A 1 65  ? 2.765   -4.537  5.114   1.00 29.55 ? 65  LEU A CG  1 
ATOM   450  C  CD1 . LEU A 1 65  ? 3.817   -5.198  4.246   1.00 30.03 ? 65  LEU A CD1 1 
ATOM   451  C  CD2 . LEU A 1 65  ? 1.652   -3.994  4.253   1.00 29.90 ? 65  LEU A CD2 1 
ATOM   452  N  N   . SER A 1 66  ? 1.292   -6.547  9.039   1.00 30.59 ? 66  SER A N   1 
ATOM   453  C  CA  . SER A 1 66  ? 0.684   -7.539  9.965   1.00 31.59 ? 66  SER A CA  1 
ATOM   454  C  C   . SER A 1 66  ? -0.535  -6.998  10.725  1.00 31.79 ? 66  SER A C   1 
ATOM   455  O  O   . SER A 1 66  ? -1.509  -7.722  10.926  1.00 32.02 ? 66  SER A O   1 
ATOM   456  C  CB  . SER A 1 66  ? 1.722   -8.067  10.963  1.00 30.77 ? 66  SER A CB  1 
ATOM   457  O  OG  . SER A 1 66  ? 1.101   -9.002  11.853  1.00 34.11 ? 66  SER A OG  1 
ATOM   458  N  N   . ALA A 1 67  ? -0.480  -5.746  11.164  1.00 32.44 ? 67  ALA A N   1 
ATOM   459  C  CA  . ALA A 1 67  ? -1.504  -5.213  12.042  1.00 33.58 ? 67  ALA A CA  1 
ATOM   460  C  C   . ALA A 1 67  ? -2.724  -4.697  11.261  1.00 34.86 ? 67  ALA A C   1 
ATOM   461  O  O   . ALA A 1 67  ? -3.843  -4.684  11.788  1.00 35.48 ? 67  ALA A O   1 
ATOM   462  C  CB  . ALA A 1 67  ? -0.929  -4.121  12.930  1.00 33.68 ? 67  ALA A CB  1 
ATOM   463  N  N   . ALA A 1 68  ? -2.512  -4.303  10.007  1.00 35.78 ? 68  ALA A N   1 
ATOM   464  C  CA  . ALA A 1 68  ? -3.552  -3.656  9.210   1.00 36.22 ? 68  ALA A CA  1 
ATOM   465  C  C   . ALA A 1 68  ? -4.177  -4.579  8.150   1.00 37.06 ? 68  ALA A C   1 
ATOM   466  O  O   . ALA A 1 68  ? -3.565  -5.571  7.706   1.00 36.83 ? 68  ALA A O   1 
ATOM   467  C  CB  . ALA A 1 68  ? -2.983  -2.395  8.541   1.00 36.35 ? 68  ALA A CB  1 
ATOM   468  N  N   . ALA A 1 69  ? -5.384  -4.208  7.722   1.00 37.38 ? 69  ALA A N   1 
ATOM   469  C  CA  . ALA A 1 69  ? -6.149  -5.002  6.755   1.00 37.55 ? 69  ALA A CA  1 
ATOM   470  C  C   . ALA A 1 69  ? -5.813  -4.470  5.389   1.00 37.38 ? 69  ALA A C   1 
ATOM   471  O  O   . ALA A 1 69  ? -6.661  -3.943  4.687   1.00 36.81 ? 69  ALA A O   1 
ATOM   472  C  CB  . ALA A 1 69  ? -7.637  -4.917  7.031   1.00 38.01 ? 69  ALA A CB  1 
ATOM   473  N  N   . ALA A 1 70  ? -4.538  -4.576  5.048   1.00 37.14 ? 70  ALA A N   1 
ATOM   474  C  CA  . ALA A 1 70  ? -4.027  -3.949  3.863   1.00 37.38 ? 70  ALA A CA  1 
ATOM   475  C  C   . ALA A 1 70  ? -4.189  -4.814  2.608   1.00 37.07 ? 70  ALA A C   1 
ATOM   476  O  O   . ALA A 1 70  ? -4.040  -4.314  1.512   1.00 37.31 ? 70  ALA A O   1 
ATOM   477  C  CB  . ALA A 1 70  ? -2.565  -3.545  4.096   1.00 38.04 ? 70  ALA A CB  1 
ATOM   478  N  N   . ARG A 1 71  ? -4.489  -6.102  2.762   1.00 36.86 ? 71  ARG A N   1 
ATOM   479  C  CA  . ARG A 1 71  ? -4.646  -6.992  1.598   1.00 36.47 ? 71  ARG A CA  1 
ATOM   480  C  C   . ARG A 1 71  ? -6.041  -6.815  0.963   1.00 35.79 ? 71  ARG A C   1 
ATOM   481  O  O   . ARG A 1 71  ? -7.065  -7.117  1.584   1.00 35.57 ? 71  ARG A O   1 
ATOM   482  C  CB  . ARG A 1 71  ? -4.393  -8.443  2.031   1.00 36.76 ? 71  ARG A CB  1 
ATOM   483  C  CG  . ARG A 1 71  ? -4.134  -9.467  0.918   1.00 37.42 ? 71  ARG A CG  1 
ATOM   484  C  CD  . ARG A 1 71  ? -4.021  -10.880 1.541   1.00 38.11 ? 71  ARG A CD  1 
ATOM   485  N  NE  . ARG A 1 71  ? -3.853  -11.963 0.566   1.00 39.63 ? 71  ARG A NE  1 
ATOM   486  C  CZ  . ARG A 1 71  ? -4.621  -13.054 0.456   1.00 39.81 ? 71  ARG A CZ  1 
ATOM   487  N  NH1 . ARG A 1 71  ? -4.332  -13.946 -0.485  1.00 40.51 ? 71  ARG A NH1 1 
ATOM   488  N  NH2 . ARG A 1 71  ? -5.668  -13.283 1.257   1.00 39.66 ? 71  ARG A NH2 1 
ATOM   489  N  N   . LEU A 1 72  ? -6.076  -6.347  -0.287  1.00 34.76 ? 72  LEU A N   1 
ATOM   490  C  CA  . LEU A 1 72  ? -7.333  -6.046  -0.975  1.00 34.72 ? 72  LEU A CA  1 
ATOM   491  C  C   . LEU A 1 72  ? -7.992  -7.297  -1.603  1.00 34.17 ? 72  LEU A C   1 
ATOM   492  O  O   . LEU A 1 72  ? -7.309  -8.170  -2.158  1.00 31.99 ? 72  LEU A O   1 
ATOM   493  C  CB  . LEU A 1 72  ? -7.126  -4.984  -2.046  1.00 34.62 ? 72  LEU A CB  1 
ATOM   494  C  CG  . LEU A 1 72  ? -6.475  -3.654  -1.624  1.00 36.37 ? 72  LEU A CG  1 
ATOM   495  C  CD1 . LEU A 1 72  ? -6.309  -2.759  -2.815  1.00 37.30 ? 72  LEU A CD1 1 
ATOM   496  C  CD2 . LEU A 1 72  ? -7.276  -2.950  -0.554  1.00 36.99 ? 72  LEU A CD2 1 
ATOM   497  N  N   . PRO A 1 73  ? -9.330  -7.390  -1.521  1.00 34.81 ? 73  PRO A N   1 
ATOM   498  C  CA  . PRO A 1 73  ? -10.020 -8.457  -2.241  1.00 34.63 ? 73  PRO A CA  1 
ATOM   499  C  C   . PRO A 1 73  ? -9.922  -8.313  -3.756  1.00 34.53 ? 73  PRO A C   1 
ATOM   500  O  O   . PRO A 1 73  ? -9.710  -7.221  -4.273  1.00 33.04 ? 73  PRO A O   1 
ATOM   501  C  CB  . PRO A 1 73  ? -11.479 -8.330  -1.768  1.00 35.05 ? 73  PRO A CB  1 
ATOM   502  C  CG  . PRO A 1 73  ? -11.429 -7.505  -0.550  1.00 35.25 ? 73  PRO A CG  1 
ATOM   503  C  CD  . PRO A 1 73  ? -10.282 -6.568  -0.756  1.00 35.32 ? 73  PRO A CD  1 
ATOM   504  N  N   . VAL A 1 74  ? -10.076 -9.431  -4.455  1.00 34.34 ? 74  VAL A N   1 
ATOM   505  C  CA  . VAL A 1 74  ? -9.873  -9.474  -5.902  1.00 34.82 ? 74  VAL A CA  1 
ATOM   506  C  C   . VAL A 1 74  ? -11.189 -9.571  -6.644  1.00 34.41 ? 74  VAL A C   1 
ATOM   507  O  O   . VAL A 1 74  ? -11.838 -10.612 -6.650  1.00 34.15 ? 74  VAL A O   1 
ATOM   508  C  CB  . VAL A 1 74  ? -8.918  -10.624 -6.314  1.00 35.39 ? 74  VAL A CB  1 
ATOM   509  C  CG1 . VAL A 1 74  ? -7.519  -10.334 -5.792  1.00 35.81 ? 74  VAL A CG1 1 
ATOM   510  C  CG2 . VAL A 1 74  ? -9.384  -11.967 -5.790  1.00 36.82 ? 74  VAL A CG2 1 
ATOM   511  N  N   . PRO A 1 75  ? -11.607 -8.476  -7.287  1.00 34.48 ? 75  PRO A N   1 
ATOM   512  C  CA  . PRO A 1 75  ? -12.885 -8.579  -7.956  1.00 34.57 ? 75  PRO A CA  1 
ATOM   513  C  C   . PRO A 1 75  ? -12.753 -9.414  -9.217  1.00 34.88 ? 75  PRO A C   1 
ATOM   514  O  O   . PRO A 1 75  ? -11.666 -9.527  -9.783  1.00 35.35 ? 75  PRO A O   1 
ATOM   515  C  CB  . PRO A 1 75  ? -13.244 -7.129  -8.268  1.00 34.65 ? 75  PRO A CB  1 
ATOM   516  C  CG  . PRO A 1 75  ? -11.947 -6.428  -8.360  1.00 34.13 ? 75  PRO A CG  1 
ATOM   517  C  CD  . PRO A 1 75  ? -10.987 -7.151  -7.459  1.00 34.33 ? 75  PRO A CD  1 
ATOM   518  N  N   . ASP A 1 76  ? -13.847 -10.043 -9.609  1.00 35.21 ? 76  ASP A N   1 
ATOM   519  C  CA  . ASP A 1 76  ? -13.924 -10.697 -10.896 1.00 35.37 ? 76  ASP A CA  1 
ATOM   520  C  C   . ASP A 1 76  ? -15.339 -10.521 -11.409 1.00 35.28 ? 76  ASP A C   1 
ATOM   521  O  O   . ASP A 1 76  ? -16.131 -11.453 -11.392 1.00 34.85 ? 76  ASP A O   1 
ATOM   522  C  CB  . ASP A 1 76  ? -13.551 -12.176 -10.785 1.00 35.37 ? 76  ASP A CB  1 
ATOM   523  C  CG  . ASP A 1 76  ? -13.458 -12.855 -12.135 1.00 35.99 ? 76  ASP A CG  1 
ATOM   524  O  OD1 . ASP A 1 76  ? -13.109 -12.167 -13.119 1.00 36.29 ? 76  ASP A OD1 1 
ATOM   525  O  OD2 . ASP A 1 76  ? -13.730 -14.074 -12.214 1.00 35.78 ? 76  ASP A OD2 1 
ATOM   526  N  N   . THR A 1 77  ? -15.639 -9.295  -11.847 1.00 34.66 ? 77  THR A N   1 
ATOM   527  C  CA  . THR A 1 77  ? -16.976 -8.924  -12.296 1.00 34.37 ? 77  THR A CA  1 
ATOM   528  C  C   . THR A 1 77  ? -17.178 -9.142  -13.796 1.00 34.45 ? 77  THR A C   1 
ATOM   529  O  O   . THR A 1 77  ? -18.228 -8.790  -14.325 1.00 34.78 ? 77  THR A O   1 
ATOM   530  C  CB  . THR A 1 77  ? -17.271 -7.431  -12.001 1.00 34.07 ? 77  THR A CB  1 
ATOM   531  O  OG1 . THR A 1 77  ? -16.487 -6.578  -12.865 1.00 34.99 ? 77  THR A OG1 1 
ATOM   532  C  CG2 . THR A 1 77  ? -16.987 -7.102  -10.543 1.00 33.87 ? 77  THR A CG2 1 
ATOM   533  N  N   . GLY A 1 78  ? -16.161 -9.677  -14.478 1.00 34.40 ? 78  GLY A N   1 
ATOM   534  C  CA  . GLY A 1 78  ? -16.157 -9.788  -15.939 1.00 34.09 ? 78  GLY A CA  1 
ATOM   535  C  C   . GLY A 1 78  ? -16.138 -8.460  -16.680 1.00 33.88 ? 78  GLY A C   1 
ATOM   536  O  O   . GLY A 1 78  ? -16.538 -8.388  -17.842 1.00 34.37 ? 78  GLY A O   1 
ATOM   537  N  N   . SER A 1 79  ? -15.667 -7.412  -16.009 1.00 33.67 ? 79  SER A N   1 
ATOM   538  C  CA  . SER A 1 79  ? -15.610 -6.068  -16.551 1.00 33.07 ? 79  SER A CA  1 
ATOM   539  C  C   . SER A 1 79  ? -14.359 -5.384  -15.995 1.00 32.79 ? 79  SER A C   1 
ATOM   540  O  O   . SER A 1 79  ? -14.177 -5.289  -14.771 1.00 31.99 ? 79  SER A O   1 
ATOM   541  C  CB  . SER A 1 79  ? -16.870 -5.293  -16.153 1.00 33.32 ? 79  SER A CB  1 
ATOM   542  O  OG  . SER A 1 79  ? -16.708 -3.888  -16.285 1.00 33.24 ? 79  SER A OG  1 
ATOM   543  N  N   . ALA A 1 80  ? -13.487 -4.923  -16.889 1.00 32.13 ? 80  ALA A N   1 
ATOM   544  C  CA  . ALA A 1 80  ? -12.259 -4.287  -16.448 1.00 31.87 ? 80  ALA A CA  1 
ATOM   545  C  C   . ALA A 1 80  ? -12.595 -3.057  -15.633 1.00 31.21 ? 80  ALA A C   1 
ATOM   546  O  O   . ALA A 1 80  ? -11.937 -2.780  -14.632 1.00 31.20 ? 80  ALA A O   1 
ATOM   547  C  CB  . ALA A 1 80  ? -11.371 -3.913  -17.632 1.00 32.17 ? 80  ALA A CB  1 
ATOM   548  N  N   . LEU A 1 81  ? -13.635 -2.342  -16.058 1.00 30.68 ? 81  LEU A N   1 
ATOM   549  C  CA  . LEU A 1 81  ? -14.027 -1.085  -15.431 1.00 30.88 ? 81  LEU A CA  1 
ATOM   550  C  C   . LEU A 1 81  ? -14.502 -1.312  -14.008 1.00 30.78 ? 81  LEU A C   1 
ATOM   551  O  O   . LEU A 1 81  ? -14.003 -0.678  -13.085 1.00 30.83 ? 81  LEU A O   1 
ATOM   552  C  CB  . LEU A 1 81  ? -15.161 -0.430  -16.217 1.00 30.57 ? 81  LEU A CB  1 
ATOM   553  C  CG  . LEU A 1 81  ? -15.677 0.884   -15.615 1.00 30.65 ? 81  LEU A CG  1 
ATOM   554  C  CD1 . LEU A 1 81  ? -14.693 2.002   -15.796 1.00 31.18 ? 81  LEU A CD1 1 
ATOM   555  C  CD2 . LEU A 1 81  ? -17.028 1.244   -16.229 1.00 31.35 ? 81  LEU A CD2 1 
ATOM   556  N  N   . ASN A 1 82  ? -15.484 -2.208  -13.869 1.00 30.38 ? 82  ASN A N   1 
ATOM   557  C  CA  . ASN A 1 82  ? -16.119 -2.523  -12.582 1.00 29.50 ? 82  ASN A CA  1 
ATOM   558  C  C   . ASN A 1 82  ? -15.185 -3.296  -11.621 1.00 29.41 ? 82  ASN A C   1 
ATOM   559  O  O   . ASN A 1 82  ? -15.222 -3.047  -10.416 1.00 28.42 ? 82  ASN A O   1 
ATOM   560  C  CB  . ASN A 1 82  ? -17.409 -3.307  -12.813 1.00 30.64 ? 82  ASN A CB  1 
ATOM   561  C  CG  . ASN A 1 82  ? -18.557 -2.423  -13.299 1.00 30.43 ? 82  ASN A CG  1 
ATOM   562  O  OD1 . ASN A 1 82  ? -18.570 -1.206  -13.096 1.00 32.31 ? 82  ASN A OD1 1 
ATOM   563  N  ND2 . ASN A 1 82  ? -19.531 -3.044  -13.928 1.00 32.65 ? 82  ASN A ND2 1 
ATOM   564  N  N   . ASP A 1 83  ? -14.350 -4.203  -12.166 1.00 29.07 ? 83  ASP A N   1 
ATOM   565  C  CA  . ASP A 1 83  ? -13.176 -4.736  -11.441 1.00 29.59 ? 83  ASP A CA  1 
ATOM   566  C  C   . ASP A 1 83  ? -12.223 -3.592  -10.884 1.00 27.70 ? 83  ASP A C   1 
ATOM   567  O  O   . ASP A 1 83  ? -11.942 -3.557  -9.682  1.00 26.84 ? 83  ASP A O   1 
ATOM   568  C  CB  . ASP A 1 83  ? -12.384 -5.744  -12.342 1.00 29.14 ? 83  ASP A CB  1 
ATOM   569  C  CG  . ASP A 1 83  ? -13.038 -7.096  -12.515 1.00 34.41 ? 83  ASP A CG  1 
ATOM   570  O  OD1 . ASP A 1 83  ? -14.171 -7.323  -12.052 1.00 24.60 ? 83  ASP A OD1 1 
ATOM   571  O  OD2 . ASP A 1 83  ? -12.385 -7.905  -13.208 1.00 34.02 ? 83  ASP A OD2 1 
ATOM   572  N  N   . ILE A 1 84  ? -11.730 -2.674  -11.727 1.00 28.32 ? 84  ILE A N   1 
ATOM   573  C  CA  . ILE A 1 84  ? -10.810 -1.602  -11.259 1.00 27.26 ? 84  ILE A CA  1 
ATOM   574  C  C   . ILE A 1 84  ? -11.523 -0.655  -10.268 1.00 27.08 ? 84  ILE A C   1 
ATOM   575  O  O   . ILE A 1 84  ? -10.935 -0.230  -9.258  1.00 26.69 ? 84  ILE A O   1 
ATOM   576  C  CB  . ILE A 1 84  ? -10.144 -0.794  -12.455 1.00 28.05 ? 84  ILE A CB  1 
ATOM   577  C  CG1 . ILE A 1 84  ? -9.147  -1.666  -13.244 1.00 27.46 ? 84  ILE A CG1 1 
ATOM   578  C  CG2 . ILE A 1 84  ? -9.462  0.488   -11.989 1.00 27.40 ? 84  ILE A CG2 1 
ATOM   579  C  CD1 . ILE A 1 84  ? -7.878  -2.042  -12.512 1.00 28.47 ? 84  ILE A CD1 1 
ATOM   580  N  N   . LEU A 1 85  ? -12.794 -0.366  -10.533 1.00 26.51 ? 85  LEU A N   1 
ATOM   581  C  CA  . LEU A 1 85  ? -13.618 0.464   -9.643  1.00 26.59 ? 85  LEU A CA  1 
ATOM   582  C  C   . LEU A 1 85  ? -13.640 -0.090  -8.213  1.00 26.27 ? 85  LEU A C   1 
ATOM   583  O  O   . LEU A 1 85  ? -13.411 0.642   -7.239  1.00 26.67 ? 85  LEU A O   1 
ATOM   584  C  CB  . LEU A 1 85  ? -15.048 0.570   -10.189 1.00 27.17 ? 85  LEU A CB  1 
ATOM   585  C  CG  . LEU A 1 85  ? -16.001 1.524   -9.435  1.00 28.20 ? 85  LEU A CG  1 
ATOM   586  C  CD1 . LEU A 1 85  ? -15.489 2.943   -9.296  1.00 30.59 ? 85  LEU A CD1 1 
ATOM   587  C  CD2 . LEU A 1 85  ? -17.379 1.566   -10.107 1.00 27.58 ? 85  LEU A CD2 1 
ATOM   588  N  N   . ILE A 1 86  ? -13.879 -1.385  -8.099  1.00 25.84 ? 86  ILE A N   1 
ATOM   589  C  CA  . ILE A 1 86  ? -13.950 -2.037  -6.797  1.00 25.96 ? 86  ILE A CA  1 
ATOM   590  C  C   . ILE A 1 86  ? -12.559 -2.065  -6.161  1.00 25.67 ? 86  ILE A C   1 
ATOM   591  O  O   . ILE A 1 86  ? -12.425 -1.774  -4.976  1.00 25.42 ? 86  ILE A O   1 
ATOM   592  C  CB  . ILE A 1 86  ? -14.481 -3.457  -6.914  1.00 25.98 ? 86  ILE A CB  1 
ATOM   593  C  CG1 . ILE A 1 86  ? -15.950 -3.419  -7.335  1.00 26.42 ? 86  ILE A CG1 1 
ATOM   594  C  CG2 . ILE A 1 86  ? -14.303 -4.207  -5.564  1.00 24.75 ? 86  ILE A CG2 1 
ATOM   595  C  CD1 . ILE A 1 86  ? -16.464 -4.748  -7.684  1.00 26.27 ? 86  ILE A CD1 1 
ATOM   596  N  N   . HIS A 1 87  ? -11.547 -2.416  -6.953  1.00 25.84 ? 87  HIS A N   1 
ATOM   597  C  CA  . HIS A 1 87  ? -10.149 -2.414  -6.481  1.00 26.04 ? 87  HIS A CA  1 
ATOM   598  C  C   . HIS A 1 87  ? -9.757  -1.058  -5.926  1.00 25.93 ? 87  HIS A C   1 
ATOM   599  O  O   . HIS A 1 87  ? -9.296  -0.969  -4.791  1.00 25.40 ? 87  HIS A O   1 
ATOM   600  C  CB  . HIS A 1 87  ? -9.186  -2.807  -7.603  1.00 27.12 ? 87  HIS A CB  1 
ATOM   601  C  CG  . HIS A 1 87  ? -7.748  -2.815  -7.182  1.00 26.90 ? 87  HIS A CG  1 
ATOM   602  N  ND1 . HIS A 1 87  ? -6.938  -1.707  -7.290  1.00 31.18 ? 87  HIS A ND1 1 
ATOM   603  C  CD2 . HIS A 1 87  ? -6.992  -3.772  -6.598  1.00 28.81 ? 87  HIS A CD2 1 
ATOM   604  C  CE1 . HIS A 1 87  ? -5.738  -1.992  -6.823  1.00 28.41 ? 87  HIS A CE1 1 
ATOM   605  N  NE2 . HIS A 1 87  ? -5.740  -3.240  -6.403  1.00 29.52 ? 87  HIS A NE2 1 
ATOM   606  N  N   . ALA A 1 88  ? -9.946  -0.008  -6.726  1.00 25.48 ? 88  ALA A N   1 
ATOM   607  C  CA  . ALA A 1 88  ? -9.485  1.339   -6.359  1.00 25.96 ? 88  ALA A CA  1 
ATOM   608  C  C   . ALA A 1 88  ? -10.271 1.923   -5.197  1.00 25.47 ? 88  ALA A C   1 
ATOM   609  O  O   . ALA A 1 88  ? -9.710  2.609   -4.342  1.00 25.65 ? 88  ALA A O   1 
ATOM   610  C  CB  . ALA A 1 88  ? -9.520  2.269   -7.550  1.00 25.77 ? 88  ALA A CB  1 
ATOM   611  N  N   . THR A 1 89  ? -11.574 1.684   -5.187  1.00 24.64 ? 89  THR A N   1 
ATOM   612  C  CA  . THR A 1 89  ? -12.402 2.111   -4.076  1.00 24.72 ? 89  THR A CA  1 
ATOM   613  C  C   . THR A 1 89  ? -11.977 1.399   -2.759  1.00 24.35 ? 89  THR A C   1 
ATOM   614  O  O   . THR A 1 89  ? -11.851 2.038   -1.706  1.00 22.64 ? 89  THR A O   1 
ATOM   615  C  CB  . THR A 1 89  ? -13.905 1.900   -4.372  1.00 24.71 ? 89  THR A CB  1 
ATOM   616  O  OG1 . THR A 1 89  ? -14.248 2.526   -5.627  1.00 23.94 ? 89  THR A OG1 1 
ATOM   617  C  CG2 . THR A 1 89  ? -14.761 2.516   -3.280  1.00 24.57 ? 89  THR A CG2 1 
ATOM   618  N  N   . SER A 1 90  ? -11.743 0.095   -2.820  1.00 24.73 ? 90  SER A N   1 
ATOM   619  C  CA  . SER A 1 90  ? -11.305 -0.632  -1.631  1.00 25.15 ? 90  SER A CA  1 
ATOM   620  C  C   . SER A 1 90  ? -9.923  -0.105  -1.129  1.00 25.06 ? 90  SER A C   1 
ATOM   621  O  O   . SER A 1 90  ? -9.717  0.047   0.088   1.00 24.82 ? 90  SER A O   1 
ATOM   622  C  CB  . SER A 1 90  ? -11.334 -2.149  -1.896  1.00 25.50 ? 90  SER A CB  1 
ATOM   623  O  OG  . SER A 1 90  ? -10.267 -2.544  -2.749  1.00 27.55 ? 90  SER A OG  1 
ATOM   624  N  N   . LEU A 1 91  ? -9.027  0.238   -2.059  1.00 25.08 ? 91  LEU A N   1 
ATOM   625  C  CA  . LEU A 1 91  ? -7.745  0.862   -1.730  1.00 25.01 ? 91  LEU A CA  1 
ATOM   626  C  C   . LEU A 1 91  ? -7.966  2.198   -1.036  1.00 24.61 ? 91  LEU A C   1 
ATOM   627  O  O   . LEU A 1 91  ? -7.439  2.432   0.038   1.00 23.45 ? 91  LEU A O   1 
ATOM   628  C  CB  . LEU A 1 91  ? -6.905  1.057   -2.998  1.00 26.01 ? 91  LEU A CB  1 
ATOM   629  C  CG  . LEU A 1 91  ? -5.554  1.737   -2.840  1.00 25.48 ? 91  LEU A CG  1 
ATOM   630  C  CD1 . LEU A 1 91  ? -4.619  1.010   -1.855  1.00 25.93 ? 91  LEU A CD1 1 
ATOM   631  C  CD2 . LEU A 1 91  ? -4.888  1.993   -4.216  1.00 26.84 ? 91  LEU A CD2 1 
ATOM   632  N  N   . ALA A 1 92  ? -8.757  3.076   -1.668  1.00 24.18 ? 92  ALA A N   1 
ATOM   633  C  CA  . ALA A 1 92  ? -9.036  4.398   -1.120  1.00 24.51 ? 92  ALA A CA  1 
ATOM   634  C  C   . ALA A 1 92  ? -9.654  4.273   0.275   1.00 24.39 ? 92  ALA A C   1 
ATOM   635  O  O   . ALA A 1 92  ? -9.309  5.008   1.195   1.00 23.52 ? 92  ALA A O   1 
ATOM   636  C  CB  . ALA A 1 92  ? -9.957  5.182   -2.058  1.00 24.91 ? 92  ALA A CB  1 
ATOM   637  N  N   . ASN A 1 93  ? -10.564 3.324   0.438   1.00 24.40 ? 93  ASN A N   1 
ATOM   638  C  CA  . ASN A 1 93  ? -11.218 3.131   1.730   1.00 24.92 ? 93  ASN A CA  1 
ATOM   639  C  C   . ASN A 1 93  ? -10.196 2.715   2.797   1.00 24.82 ? 93  ASN A C   1 
ATOM   640  O  O   . ASN A 1 93  ? -10.300 3.119   3.958   1.00 25.64 ? 93  ASN A O   1 
ATOM   641  C  CB  . ASN A 1 93  ? -12.332 2.084   1.654   1.00 24.39 ? 93  ASN A CB  1 
ATOM   642  C  CG  . ASN A 1 93  ? -13.568 2.571   0.901   1.00 24.87 ? 93  ASN A CG  1 
ATOM   643  O  OD1 . ASN A 1 93  ? -13.651 3.722   0.458   1.00 26.41 ? 93  ASN A OD1 1 
ATOM   644  N  ND2 . ASN A 1 93  ? -14.503 1.687   0.732   1.00 22.31 ? 93  ASN A ND2 1 
ATOM   645  N  N   . PHE A 1 94  ? -9.240  1.890   2.413   1.00 25.42 ? 94  PHE A N   1 
ATOM   646  C  CA  . PHE A 1 94  ? -8.166  1.505   3.339   1.00 25.96 ? 94  PHE A CA  1 
ATOM   647  C  C   . PHE A 1 94  ? -7.354  2.744   3.745   1.00 25.65 ? 94  PHE A C   1 
ATOM   648  O  O   . PHE A 1 94  ? -7.090  2.969   4.908   1.00 25.17 ? 94  PHE A O   1 
ATOM   649  C  CB  . PHE A 1 94  ? -7.211  0.500   2.707   1.00 26.91 ? 94  PHE A CB  1 
ATOM   650  C  CG  . PHE A 1 94  ? -6.004  0.211   3.570   1.00 26.35 ? 94  PHE A CG  1 
ATOM   651  C  CD1 . PHE A 1 94  ? -6.131  -0.573  4.695   1.00 30.70 ? 94  PHE A CD1 1 
ATOM   652  C  CD2 . PHE A 1 94  ? -4.758  0.773   3.277   1.00 28.20 ? 94  PHE A CD2 1 
ATOM   653  C  CE1 . PHE A 1 94  ? -5.024  -0.838  5.505   1.00 30.21 ? 94  PHE A CE1 1 
ATOM   654  C  CE2 . PHE A 1 94  ? -3.658  0.515   4.080   1.00 28.18 ? 94  PHE A CE2 1 
ATOM   655  C  CZ  . PHE A 1 94  ? -3.806  -0.292  5.208   1.00 29.64 ? 94  PHE A CZ  1 
ATOM   656  N  N   . LEU A 1 95  ? -6.998  3.545   2.754   1.00 25.64 ? 95  LEU A N   1 
ATOM   657  C  CA  . LEU A 1 95  ? -6.111  4.696   2.951   1.00 26.77 ? 95  LEU A CA  1 
ATOM   658  C  C   . LEU A 1 95  ? -6.674  5.740   3.906   1.00 27.38 ? 95  LEU A C   1 
ATOM   659  O  O   . LEU A 1 95  ? -5.910  6.396   4.611   1.00 28.16 ? 95  LEU A O   1 
ATOM   660  C  CB  . LEU A 1 95  ? -5.777  5.337   1.607   1.00 25.93 ? 95  LEU A CB  1 
ATOM   661  C  CG  . LEU A 1 95  ? -4.937  4.426   0.673   1.00 25.19 ? 95  LEU A CG  1 
ATOM   662  C  CD1 . LEU A 1 95  ? -4.751  5.010   -0.712  1.00 24.92 ? 95  LEU A CD1 1 
ATOM   663  C  CD2 . LEU A 1 95  ? -3.587  4.098   1.302   1.00 26.34 ? 95  LEU A CD2 1 
ATOM   664  N  N   . ILE A 1 96  ? -7.995  5.913   3.907   1.00 27.87 ? 96  ILE A N   1 
ATOM   665  C  CA  . ILE A 1 96  ? -8.660  6.879   4.800   1.00 29.67 ? 96  ILE A CA  1 
ATOM   666  C  C   . ILE A 1 96  ? -8.925  6.303   6.177   1.00 30.43 ? 96  ILE A C   1 
ATOM   667  O  O   . ILE A 1 96  ? -9.244  7.058   7.103   1.00 30.45 ? 96  ILE A O   1 
ATOM   668  C  CB  . ILE A 1 96  ? -9.991  7.424   4.211   1.00 28.85 ? 96  ILE A CB  1 
ATOM   669  C  CG1 . ILE A 1 96  ? -11.030 6.322   4.045   1.00 29.94 ? 96  ILE A CG1 1 
ATOM   670  C  CG2 . ILE A 1 96  ? -9.723  8.123   2.883   1.00 30.08 ? 96  ILE A CG2 1 
ATOM   671  C  CD1 . ILE A 1 96  ? -12.422 6.840   3.725   1.00 30.86 ? 96  ILE A CD1 1 
ATOM   672  N  N   . SER A 1 97  ? -8.835  4.973   6.300   1.00 31.42 ? 97  SER A N   1 
ATOM   673  C  CA  . SER A 1 97  ? -8.955  4.289   7.598   1.00 32.82 ? 97  SER A CA  1 
ATOM   674  C  C   . SER A 1 97  ? -7.847  4.690   8.563   1.00 34.00 ? 97  SER A C   1 
ATOM   675  O  O   . SER A 1 97  ? -6.777  5.129   8.160   1.00 34.47 ? 97  SER A O   1 
ATOM   676  C  CB  . SER A 1 97  ? -8.970  2.750   7.440   1.00 32.50 ? 97  SER A CB  1 
ATOM   677  O  OG  . SER A 1 97  ? -7.673  2.159   7.274   1.00 31.27 ? 97  SER A OG  1 
ATOM   678  N  N   . ARG A 1 98  ? -8.100  4.525   9.857   1.00 36.72 ? 98  ARG A N   1 
ATOM   679  C  CA  . ARG A 1 98  ? -7.103  4.915   10.866  1.00 37.80 ? 98  ARG A CA  1 
ATOM   680  C  C   . ARG A 1 98  ? -5.757  4.243   10.586  1.00 38.53 ? 98  ARG A C   1 
ATOM   681  O  O   . ARG A 1 98  ? -4.706  4.880   10.646  1.00 38.88 ? 98  ARG A O   1 
ATOM   682  C  CB  . ARG A 1 98  ? -7.582  4.569   12.286  1.00 38.51 ? 98  ARG A CB  1 
ATOM   683  C  CG  . ARG A 1 98  ? -8.920  5.180   12.725  1.00 41.62 ? 98  ARG A CG  1 
ATOM   684  C  CD  . ARG A 1 98  ? -9.057  6.672   12.403  1.00 46.35 ? 98  ARG A CD  1 
ATOM   685  N  NE  . ARG A 1 98  ? -7.804  7.413   12.589  1.00 48.51 ? 98  ARG A NE  1 
ATOM   686  C  CZ  . ARG A 1 98  ? -7.514  8.575   11.996  1.00 50.52 ? 98  ARG A CZ  1 
ATOM   687  N  NH1 . ARG A 1 98  ? -6.336  9.158   12.225  1.00 50.77 ? 98  ARG A NH1 1 
ATOM   688  N  NH2 . ARG A 1 98  ? -8.386  9.168   11.179  1.00 51.97 ? 98  ARG A NH2 1 
ATOM   689  N  N   . GLU A 1 99  ? -5.808  2.951   10.263  1.00 39.33 ? 99  GLU A N   1 
ATOM   690  C  CA  . GLU A 1 99  ? -4.619  2.169   9.902   1.00 39.61 ? 99  GLU A CA  1 
ATOM   691  C  C   . GLU A 1 99  ? -3.982  2.717   8.641   1.00 39.05 ? 99  GLU A C   1 
ATOM   692  O  O   . GLU A 1 99  ? -2.776  2.946   8.584   1.00 39.20 ? 99  GLU A O   1 
ATOM   693  C  CB  . GLU A 1 99  ? -4.984  0.690   9.679   1.00 40.40 ? 99  GLU A CB  1 
ATOM   694  C  CG  . GLU A 1 99  ? -5.326  -0.071  10.935  1.00 43.08 ? 99  GLU A CG  1 
ATOM   695  C  CD  . GLU A 1 99  ? -6.698  0.264   11.519  1.00 47.32 ? 99  GLU A CD  1 
ATOM   696  O  OE1 . GLU A 1 99  ? -7.503  0.999   10.866  1.00 49.06 ? 99  GLU A OE1 1 
ATOM   697  O  OE2 . GLU A 1 99  ? -6.962  -0.211  12.656  1.00 49.79 ? 99  GLU A OE2 1 
ATOM   698  N  N   . GLY A 1 100 ? -4.801  2.946   7.630   1.00 38.20 ? 100 GLY A N   1 
ATOM   699  C  CA  . GLY A 1 100 ? -4.324  3.527   6.367   1.00 38.03 ? 100 GLY A CA  1 
ATOM   700  C  C   . GLY A 1 100 ? -3.640  4.870   6.437   1.00 37.77 ? 100 GLY A C   1 
ATOM   701  O  O   . GLY A 1 100 ? -2.861  5.201   5.557   1.00 39.21 ? 100 GLY A O   1 
ATOM   702  N  N   . THR A 1 101 ? -3.914  5.653   7.482   1.00 37.41 ? 101 THR A N   1 
ATOM   703  C  CA  . THR A 1 101 ? -3.299  6.972   7.646   1.00 36.68 ? 101 THR A CA  1 
ATOM   704  C  C   . THR A 1 101 ? -1.779  6.918   7.914   1.00 36.59 ? 101 THR A C   1 
ATOM   705  O  O   . THR A 1 101 ? -1.059  7.914   7.758   1.00 35.92 ? 101 THR A O   1 
ATOM   706  C  CB  . THR A 1 101 ? -4.011  7.809   8.783   1.00 37.19 ? 101 THR A CB  1 
ATOM   707  O  OG1 . THR A 1 101 ? -3.735  7.250   10.066  1.00 37.07 ? 101 THR A OG1 1 
ATOM   708  C  CG2 . THR A 1 101 ? -5.518  7.865   8.572   1.00 37.42 ? 101 THR A CG2 1 
ATOM   709  N  N   . ILE A 1 102 ? -1.302  5.748   8.309   1.00 34.83 ? 102 ILE A N   1 
ATOM   710  C  CA  . ILE A 1 102 ? 0.125   5.475   8.498   1.00 34.80 ? 102 ILE A CA  1 
ATOM   711  C  C   . ILE A 1 102 ? 0.883   5.619   7.184   1.00 33.90 ? 102 ILE A C   1 
ATOM   712  O  O   . ILE A 1 102 ? 2.064   5.979   7.175   1.00 33.85 ? 102 ILE A O   1 
ATOM   713  C  CB  . ILE A 1 102 ? 0.331   4.019   9.075   1.00 34.56 ? 102 ILE A CB  1 
ATOM   714  C  CG1 . ILE A 1 102 ? -0.251  3.955   10.489  1.00 35.98 ? 102 ILE A CG1 1 
ATOM   715  C  CG2 . ILE A 1 102 ? 1.818   3.597   9.095   1.00 35.46 ? 102 ILE A CG2 1 
ATOM   716  C  CD1 . ILE A 1 102 ? -0.757  2.530   10.924  1.00 36.60 ? 102 ILE A CD1 1 
ATOM   717  N  N   . ILE A 1 103 ? 0.206   5.368   6.069   1.00 32.84 ? 103 ILE A N   1 
ATOM   718  C  CA  . ILE A 1 103 ? 0.862   5.460   4.766   1.00 32.62 ? 103 ILE A CA  1 
ATOM   719  C  C   . ILE A 1 103 ? 1.408   6.876   4.530   1.00 31.58 ? 103 ILE A C   1 
ATOM   720  O  O   . ILE A 1 103 ? 2.546   7.014   4.091   1.00 31.54 ? 103 ILE A O   1 
ATOM   721  C  CB  . ILE A 1 103 ? -0.067  5.027   3.615   1.00 32.93 ? 103 ILE A CB  1 
ATOM   722  C  CG1 . ILE A 1 103 ? -0.367  3.534   3.738   1.00 33.23 ? 103 ILE A CG1 1 
ATOM   723  C  CG2 . ILE A 1 103 ? 0.562   5.309   2.271   1.00 33.74 ? 103 ILE A CG2 1 
ATOM   724  C  CD1 . ILE A 1 103 ? 0.862   2.692   3.672   1.00 34.66 ? 103 ILE A CD1 1 
ATOM   725  N  N   . ASN A 1 104 ? 0.611   7.898   4.847   1.00 31.26 ? 104 ASN A N   1 
ATOM   726  C  CA  . ASN A 1 104 ? 1.053   9.330   4.726   1.00 31.61 ? 104 ASN A CA  1 
ATOM   727  C  C   . ASN A 1 104 ? 2.368   9.544   5.420   1.00 31.61 ? 104 ASN A C   1 
ATOM   728  O  O   . ASN A 1 104 ? 3.316   10.117  4.876   1.00 29.98 ? 104 ASN A O   1 
ATOM   729  C  CB  . ASN A 1 104 ? 0.072   10.292  5.394   1.00 32.62 ? 104 ASN A CB  1 
ATOM   730  C  CG  . ASN A 1 104 ? -1.151  10.534  4.574   1.00 34.06 ? 104 ASN A CG  1 
ATOM   731  O  OD1 . ASN A 1 104 ? -1.285  11.579  3.941   1.00 38.32 ? 104 ASN A OD1 1 
ATOM   732  N  ND2 . ASN A 1 104 ? -2.070  9.567   4.580   1.00 36.16 ? 104 ASN A ND2 1 
ATOM   733  N  N   . GLU A 1 105 ? 2.376   9.108   6.668   1.00 30.58 ? 105 GLU A N   1 
ATOM   734  C  CA  . GLU A 1 105 ? 3.492   9.285   7.557   1.00 31.40 ? 105 GLU A CA  1 
ATOM   735  C  C   . GLU A 1 105 ? 4.732   8.581   7.066   1.00 29.55 ? 105 GLU A C   1 
ATOM   736  O  O   . GLU A 1 105 ? 5.807   9.168   7.108   1.00 29.92 ? 105 GLU A O   1 
ATOM   737  C  CB  . GLU A 1 105 ? 3.108   8.815   8.977   1.00 32.49 ? 105 GLU A CB  1 
ATOM   738  C  CG  . GLU A 1 105 ? 2.390   9.931   9.742   1.00 37.55 ? 105 GLU A CG  1 
ATOM   739  C  CD  . GLU A 1 105 ? 1.180   9.477   10.543  1.00 41.91 ? 105 GLU A CD  1 
ATOM   740  O  OE1 . GLU A 1 105 ? 1.335   8.653   11.463  1.00 45.00 ? 105 GLU A OE1 1 
ATOM   741  O  OE2 . GLU A 1 105 ? 0.067   9.970   10.251  1.00 45.54 ? 105 GLU A OE2 1 
ATOM   742  N  N   . LEU A 1 106 ? 4.589   7.338   6.606   1.00 28.46 ? 106 LEU A N   1 
ATOM   743  C  CA  . LEU A 1 106 ? 5.719   6.572   6.101   1.00 27.61 ? 106 LEU A CA  1 
ATOM   744  C  C   . LEU A 1 106 ? 6.300   7.171   4.823   1.00 26.68 ? 106 LEU A C   1 
ATOM   745  O  O   . LEU A 1 106 ? 7.505   7.303   4.677   1.00 25.89 ? 106 LEU A O   1 
ATOM   746  C  CB  . LEU A 1 106 ? 5.324   5.121   5.862   1.00 28.28 ? 106 LEU A CB  1 
ATOM   747  C  CG  . LEU A 1 106 ? 4.953   4.360   7.126   1.00 29.51 ? 106 LEU A CG  1 
ATOM   748  C  CD1 . LEU A 1 106 ? 4.489   2.978   6.678   1.00 31.53 ? 106 LEU A CD1 1 
ATOM   749  C  CD2 . LEU A 1 106 ? 6.094   4.314   8.168   1.00 30.80 ? 106 LEU A CD2 1 
ATOM   750  N  N   . VAL A 1 107 ? 5.422   7.551   3.908   1.00 25.76 ? 107 VAL A N   1 
ATOM   751  C  CA  . VAL A 1 107 ? 5.854   8.190   2.647   1.00 25.69 ? 107 VAL A CA  1 
ATOM   752  C  C   . VAL A 1 107 ? 6.512   9.544   2.951   1.00 24.74 ? 107 VAL A C   1 
ATOM   753  O  O   . VAL A 1 107 ? 7.506   9.952   2.311   1.00 25.76 ? 107 VAL A O   1 
ATOM   754  C  CB  . VAL A 1 107 ? 4.659   8.318   1.653   1.00 24.60 ? 107 VAL A CB  1 
ATOM   755  C  CG1 . VAL A 1 107 ? 5.044   9.152   0.422   1.00 25.77 ? 107 VAL A CG1 1 
ATOM   756  C  CG2 . VAL A 1 107 ? 4.130   6.945   1.217   1.00 26.92 ? 107 VAL A CG2 1 
ATOM   757  N  N   . GLY A 1 108 ? 5.973   10.261  3.940   1.00 24.91 ? 108 GLY A N   1 
ATOM   758  C  CA  . GLY A 1 108 ? 6.566   11.499  4.381   1.00 25.26 ? 108 GLY A CA  1 
ATOM   759  C  C   . GLY A 1 108 ? 7.991   11.301  4.846   1.00 24.94 ? 108 GLY A C   1 
ATOM   760  O  O   . GLY A 1 108 ? 8.920   11.995  4.401   1.00 24.68 ? 108 GLY A O   1 
ATOM   761  N  N   . GLU A 1 109 ? 8.171   10.343  5.759   1.00 25.43 ? 109 GLU A N   1 
ATOM   762  C  CA  . GLU A 1 109 ? 9.505   9.988   6.236   1.00 25.93 ? 109 GLU A CA  1 
ATOM   763  C  C   . GLU A 1 109 ? 10.386  9.504   5.117   1.00 25.13 ? 109 GLU A C   1 
ATOM   764  O  O   . GLU A 1 109 ? 11.589  9.729   5.169   1.00 25.74 ? 109 GLU A O   1 
ATOM   765  C  CB  . GLU A 1 109 ? 9.463   8.882   7.311   1.00 27.59 ? 109 GLU A CB  1 
ATOM   766  C  CG  . GLU A 1 109 ? 8.811   9.261   8.639   1.00 30.80 ? 109 GLU A CG  1 
ATOM   767  C  CD  . GLU A 1 109 ? 9.564   10.294  9.450   1.00 36.53 ? 109 GLU A CD  1 
ATOM   768  O  OE1 . GLU A 1 109 ? 10.745  10.609  9.168   1.00 36.30 ? 109 GLU A OE1 1 
ATOM   769  O  OE2 . GLU A 1 109 ? 8.925   10.815  10.392  1.00 41.16 ? 109 GLU A OE2 1 
ATOM   770  N  N   . GLY A 1 110 ? 9.800   8.808   4.139   1.00 25.72 ? 110 GLY A N   1 
ATOM   771  C  CA  . GLY A 1 110 ? 10.532  8.207   3.026   1.00 25.58 ? 110 GLY A CA  1 
ATOM   772  C  C   . GLY A 1 110 ? 11.193  9.193   2.074   1.00 26.48 ? 110 GLY A C   1 
ATOM   773  O  O   . GLY A 1 110 ? 12.101  8.802   1.334   1.00 26.90 ? 110 GLY A O   1 
ATOM   774  N  N   . GLN A 1 111 ? 10.752  10.459  2.108   1.00 26.32 ? 111 GLN A N   1 
ATOM   775  C  CA  . GLN A 1 111 ? 11.393  11.534  1.347   1.00 26.68 ? 111 GLN A CA  1 
ATOM   776  C  C   . GLN A 1 111 ? 12.787  11.806  1.865   1.00 27.40 ? 111 GLN A C   1 
ATOM   777  O  O   . GLN A 1 111 ? 13.616  12.393  1.137   1.00 27.98 ? 111 GLN A O   1 
ATOM   778  C  CB  . GLN A 1 111 ? 10.568  12.826  1.425   1.00 26.59 ? 111 GLN A CB  1 
ATOM   779  C  CG  . GLN A 1 111 ? 9.120   12.676  0.954   1.00 24.90 ? 111 GLN A CG  1 
ATOM   780  C  CD  . GLN A 1 111 ? 9.029   11.879  -0.330  1.00 24.96 ? 111 GLN A CD  1 
ATOM   781  O  OE1 . GLN A 1 111 ? 8.332   10.863  -0.390  1.00 30.03 ? 111 GLN A OE1 1 
ATOM   782  N  NE2 . GLN A 1 111 ? 9.756   12.311  -1.346  1.00 25.68 ? 111 GLN A NE2 1 
ATOM   783  N  N   . PHE A 1 112 ? 13.041  11.412  3.119   1.00 28.33 ? 112 PHE A N   1 
ATOM   784  C  CA  . PHE A 1 112 ? 14.316  11.630  3.800   1.00 29.21 ? 112 PHE A CA  1 
ATOM   785  C  C   . PHE A 1 112 ? 15.069  10.339  4.113   1.00 29.43 ? 112 PHE A C   1 
ATOM   786  O  O   . PHE A 1 112 ? 16.203  10.381  4.575   1.00 30.16 ? 112 PHE A O   1 
ATOM   787  C  CB  . PHE A 1 112 ? 14.073  12.381  5.117   1.00 29.97 ? 112 PHE A CB  1 
ATOM   788  C  CG  . PHE A 1 112 ? 13.298  13.642  4.942   1.00 30.93 ? 112 PHE A CG  1 
ATOM   789  C  CD1 . PHE A 1 112 ? 13.958  14.839  4.694   1.00 32.03 ? 112 PHE A CD1 1 
ATOM   790  C  CD2 . PHE A 1 112 ? 11.905  13.626  4.979   1.00 33.20 ? 112 PHE A CD2 1 
ATOM   791  C  CE1 . PHE A 1 112 ? 13.238  16.015  4.513   1.00 32.72 ? 112 PHE A CE1 1 
ATOM   792  C  CE2 . PHE A 1 112 ? 11.177  14.786  4.791   1.00 31.56 ? 112 PHE A CE2 1 
ATOM   793  C  CZ  . PHE A 1 112 ? 11.836  15.980  4.557   1.00 31.81 ? 112 PHE A CZ  1 
ATOM   794  N  N   . ASP A 1 113 ? 14.437  9.198   3.879   1.00 29.67 ? 113 ASP A N   1 
ATOM   795  C  CA  . ASP A 1 113 ? 14.982  7.902   4.291   1.00 29.85 ? 113 ASP A CA  1 
ATOM   796  C  C   . ASP A 1 113 ? 14.678  6.928   3.159   1.00 30.11 ? 113 ASP A C   1 
ATOM   797  O  O   . ASP A 1 113 ? 13.579  6.390   3.061   1.00 29.72 ? 113 ASP A O   1 
ATOM   798  C  CB  . ASP A 1 113 ? 14.348  7.459   5.619   1.00 29.70 ? 113 ASP A CB  1 
ATOM   799  C  CG  . ASP A 1 113 ? 14.929  6.155   6.160   1.00 30.40 ? 113 ASP A CG  1 
ATOM   800  O  OD1 . ASP A 1 113 ? 15.477  5.360   5.376   1.00 30.46 ? 113 ASP A OD1 1 
ATOM   801  O  OD2 . ASP A 1 113 ? 14.823  5.922   7.382   1.00 31.96 ? 113 ASP A OD2 1 
ATOM   802  N  N   . SER A 1 114 ? 15.659  6.745   2.282   1.00 30.42 ? 114 SER A N   1 
ATOM   803  C  CA  . SER A 1 114 ? 15.514  5.865   1.115   1.00 30.64 ? 114 SER A CA  1 
ATOM   804  C  C   . SER A 1 114 ? 15.398  4.388   1.524   1.00 30.71 ? 114 SER A C   1 
ATOM   805  O  O   . SER A 1 114 ? 14.876  3.568   0.765   1.00 30.63 ? 114 SER A O   1 
ATOM   806  C  CB  . SER A 1 114 ? 16.692  6.063   0.150   1.00 31.21 ? 114 SER A CB  1 
ATOM   807  O  OG  . SER A 1 114 ? 17.895  5.537   0.707   1.00 32.15 ? 114 SER A OG  1 
ATOM   808  N  N   . LYS A 1 115 ? 15.880  4.050   2.726   1.00 30.81 ? 115 LYS A N   1 
ATOM   809  C  CA  . LYS A 1 115 ? 15.800  2.680   3.222   1.00 30.80 ? 115 LYS A CA  1 
ATOM   810  C  C   . LYS A 1 115 ? 14.318  2.322   3.456   1.00 30.37 ? 115 LYS A C   1 
ATOM   811  O  O   . LYS A 1 115 ? 13.855  1.249   3.042   1.00 30.17 ? 115 LYS A O   1 
ATOM   812  C  CB  . LYS A 1 115 ? 16.671  2.476   4.490   1.00 31.10 ? 115 LYS A CB  1 
ATOM   813  C  CG  . LYS A 1 115 ? 18.024  3.251   4.472   1.00 32.86 ? 115 LYS A CG  1 
ATOM   814  C  CD  . LYS A 1 115 ? 19.025  2.755   5.507   1.00 33.27 ? 115 LYS A CD  1 
ATOM   815  C  CE  . LYS A 1 115 ? 18.684  3.216   6.930   1.00 35.26 ? 115 LYS A CE  1 
ATOM   816  N  NZ  . LYS A 1 115 ? 18.433  4.679   7.019   1.00 35.47 ? 115 LYS A NZ  1 
ATOM   817  N  N   . LEU A 1 116 ? 13.584  3.247   4.082   1.00 29.16 ? 116 LEU A N   1 
ATOM   818  C  CA  . LEU A 1 116 ? 12.151  3.117   4.300   1.00 28.67 ? 116 LEU A CA  1 
ATOM   819  C  C   . LEU A 1 116 ? 11.373  3.063   2.971   1.00 28.00 ? 116 LEU A C   1 
ATOM   820  O  O   . LEU A 1 116 ? 10.496  2.229   2.792   1.00 27.00 ? 116 LEU A O   1 
ATOM   821  C  CB  . LEU A 1 116 ? 11.646  4.278   5.178   1.00 27.95 ? 116 LEU A CB  1 
ATOM   822  C  CG  . LEU A 1 116 ? 10.139  4.338   5.424   1.00 27.60 ? 116 LEU A CG  1 
ATOM   823  C  CD1 . LEU A 1 116 ? 9.641   2.999   5.984   1.00 26.41 ? 116 LEU A CD1 1 
ATOM   824  C  CD2 . LEU A 1 116 ? 9.777   5.473   6.354   1.00 28.09 ? 116 LEU A CD2 1 
ATOM   825  N  N   . ALA A 1 117 ? 11.722  3.952   2.035   1.00 28.11 ? 117 ALA A N   1 
ATOM   826  C  CA  . ALA A 1 117 ? 11.069  3.996   0.734   1.00 27.97 ? 117 ALA A CA  1 
ATOM   827  C  C   . ALA A 1 117 ? 11.222  2.675   -0.010  1.00 27.34 ? 117 ALA A C   1 
ATOM   828  O  O   . ALA A 1 117 ? 10.281  2.168   -0.616  1.00 25.98 ? 117 ALA A O   1 
ATOM   829  C  CB  . ALA A 1 117 ? 11.653  5.163   -0.105  1.00 28.14 ? 117 ALA A CB  1 
ATOM   830  N  N   . GLU A 1 118 ? 12.416  2.109   0.022   1.00 28.30 ? 118 GLU A N   1 
ATOM   831  C  CA  . GLU A 1 118 ? 12.629  0.800   -0.593  1.00 28.84 ? 118 GLU A CA  1 
ATOM   832  C  C   . GLU A 1 118 ? 11.645  -0.220  -0.009  1.00 28.48 ? 118 GLU A C   1 
ATOM   833  O  O   . GLU A 1 118 ? 11.004  -0.997  -0.737  1.00 27.42 ? 118 GLU A O   1 
ATOM   834  C  CB  . GLU A 1 118 ? 14.062  0.331   -0.341  1.00 29.95 ? 118 GLU A CB  1 
ATOM   835  C  CG  . GLU A 1 118 ? 14.308  -1.140  -0.637  1.00 31.80 ? 118 GLU A CG  1 
ATOM   836  C  CD  . GLU A 1 118 ? 13.977  -1.526  -2.068  1.00 38.50 ? 118 GLU A CD  1 
ATOM   837  O  OE1 . GLU A 1 118 ? 13.508  -0.654  -2.837  1.00 43.72 ? 118 GLU A OE1 1 
ATOM   838  O  OE2 . GLU A 1 118 ? 14.198  -2.707  -2.431  1.00 43.61 ? 118 GLU A OE2 1 
ATOM   839  N  N   . GLU A 1 119 ? 11.515  -0.192  1.310   1.00 28.86 ? 119 GLU A N   1 
ATOM   840  C  CA  . GLU A 1 119 ? 10.618  -1.091  1.995   1.00 30.01 ? 119 GLU A CA  1 
ATOM   841  C  C   . GLU A 1 119 ? 9.160   -0.924  1.572   1.00 29.29 ? 119 GLU A C   1 
ATOM   842  O  O   . GLU A 1 119 ? 8.477   -1.924  1.261   1.00 30.68 ? 119 GLU A O   1 
ATOM   843  C  CB  . GLU A 1 119 ? 10.756  -0.931  3.500   1.00 30.48 ? 119 GLU A CB  1 
ATOM   844  C  CG  . GLU A 1 119 ? 11.925  -1.696  4.033   1.00 33.14 ? 119 GLU A CG  1 
ATOM   845  C  CD  . GLU A 1 119 ? 11.787  -3.170  3.715   1.00 35.52 ? 119 GLU A CD  1 
ATOM   846  O  OE1 . GLU A 1 119 ? 10.670  -3.689  3.861   1.00 38.59 ? 119 GLU A OE1 1 
ATOM   847  O  OE2 . GLU A 1 119 ? 12.740  -3.803  3.300   1.00 32.76 ? 119 GLU A OE2 1 
ATOM   848  N  N   . TYR A 1 120 ? 8.657   0.302   1.539   1.00 28.52 ? 120 TYR A N   1 
ATOM   849  C  CA  . TYR A 1 120 ? 7.247   0.434   1.202   1.00 28.00 ? 120 TYR A CA  1 
ATOM   850  C  C   . TYR A 1 120 ? 6.980   0.170   -0.266  1.00 27.48 ? 120 TYR A C   1 
ATOM   851  O  O   . TYR A 1 120 ? 5.897   -0.245  -0.610  1.00 27.56 ? 120 TYR A O   1 
ATOM   852  C  CB  . TYR A 1 120 ? 6.562   1.737   1.705   1.00 27.91 ? 120 TYR A CB  1 
ATOM   853  C  CG  . TYR A 1 120 ? 7.172   3.093   1.372   1.00 26.88 ? 120 TYR A CG  1 
ATOM   854  C  CD1 . TYR A 1 120 ? 7.241   3.560   0.071   1.00 27.18 ? 120 TYR A CD1 1 
ATOM   855  C  CD2 . TYR A 1 120 ? 7.536   3.959   2.386   1.00 29.75 ? 120 TYR A CD2 1 
ATOM   856  C  CE1 . TYR A 1 120 ? 7.748   4.827   -0.222  1.00 25.89 ? 120 TYR A CE1 1 
ATOM   857  C  CE2 . TYR A 1 120 ? 8.032   5.208   2.113   1.00 27.45 ? 120 TYR A CE2 1 
ATOM   858  C  CZ  . TYR A 1 120 ? 8.136   5.654   0.806   1.00 28.21 ? 120 TYR A CZ  1 
ATOM   859  O  OH  . TYR A 1 120 ? 8.652   6.937   0.568   1.00 26.27 ? 120 TYR A OH  1 
ATOM   860  N  N   . ARG A 1 121 ? 7.944   0.431   -1.129  1.00 27.30 ? 121 ARG A N   1 
ATOM   861  C  CA  . ARG A 1 121 ? 7.759   0.176   -2.555  1.00 27.25 ? 121 ARG A CA  1 
ATOM   862  C  C   . ARG A 1 121 ? 7.572   -1.312  -2.837  1.00 28.39 ? 121 ARG A C   1 
ATOM   863  O  O   . ARG A 1 121 ? 6.660   -1.694  -3.580  1.00 29.08 ? 121 ARG A O   1 
ATOM   864  C  CB  . ARG A 1 121 ? 8.934   0.712   -3.353  1.00 27.49 ? 121 ARG A CB  1 
ATOM   865  C  CG  . ARG A 1 121 ? 8.925   2.229   -3.420  1.00 26.20 ? 121 ARG A CG  1 
ATOM   866  C  CD  . ARG A 1 121 ? 10.280  2.752   -3.849  1.00 27.64 ? 121 ARG A CD  1 
ATOM   867  N  NE  . ARG A 1 121 ? 10.302  4.211   -3.814  1.00 28.12 ? 121 ARG A NE  1 
ATOM   868  C  CZ  . ARG A 1 121 ? 11.402  4.952   -3.925  1.00 27.03 ? 121 ARG A CZ  1 
ATOM   869  N  NH1 . ARG A 1 121 ? 12.596  4.395   -4.068  1.00 29.13 ? 121 ARG A NH1 1 
ATOM   870  N  NH2 . ARG A 1 121 ? 11.308  6.268   -3.873  1.00 29.28 ? 121 ARG A NH2 1 
ATOM   871  N  N   . VAL A 1 122 ? 8.440   -2.132  -2.255  1.00 28.31 ? 122 VAL A N   1 
ATOM   872  C  CA  . VAL A 1 122 ? 8.373   -3.576  -2.524  1.00 29.06 ? 122 VAL A CA  1 
ATOM   873  C  C   . VAL A 1 122 ? 7.298   -4.253  -1.678  1.00 28.58 ? 122 VAL A C   1 
ATOM   874  O  O   . VAL A 1 122 ? 6.580   -5.116  -2.177  1.00 29.11 ? 122 VAL A O   1 
ATOM   875  C  CB  . VAL A 1 122 ? 9.754   -4.324  -2.478  1.00 29.85 ? 122 VAL A CB  1 
ATOM   876  C  CG1 . VAL A 1 122 ? 10.920  -3.416  -2.892  1.00 30.68 ? 122 VAL A CG1 1 
ATOM   877  C  CG2 . VAL A 1 122 ? 10.010  -5.061  -1.151  1.00 31.58 ? 122 VAL A CG2 1 
ATOM   878  N  N   . ARG A 1 123 ? 7.135   -3.835  -0.427  1.00 28.96 ? 123 ARG A N   1 
ATOM   879  C  CA  . ARG A 1 123 ? 6.256   -4.581  0.520   1.00 28.79 ? 123 ARG A CA  1 
ATOM   880  C  C   . ARG A 1 123 ? 4.801   -4.108  0.521   1.00 28.40 ? 123 ARG A C   1 
ATOM   881  O  O   . ARG A 1 123 ? 3.915   -4.891  0.805   1.00 27.19 ? 123 ARG A O   1 
ATOM   882  C  CB  . ARG A 1 123 ? 6.783   -4.502  1.958   1.00 29.07 ? 123 ARG A CB  1 
ATOM   883  C  CG  . ARG A 1 123 ? 8.145   -5.103  2.178   1.00 30.29 ? 123 ARG A CG  1 
ATOM   884  C  CD  . ARG A 1 123 ? 8.573   -5.078  3.665   1.00 31.27 ? 123 ARG A CD  1 
ATOM   885  N  NE  . ARG A 1 123 ? 10.000  -5.486  3.761   1.00 36.00 ? 123 ARG A NE  1 
ATOM   886  C  CZ  . ARG A 1 123 ? 10.499  -6.504  4.466   1.00 33.80 ? 123 ARG A CZ  1 
ATOM   887  N  NH1 . ARG A 1 123 ? 9.731   -7.279  5.166   1.00 36.89 ? 123 ARG A NH1 1 
ATOM   888  N  NH2 . ARG A 1 123 ? 11.806  -6.763  4.431   1.00 34.10 ? 123 ARG A NH2 1 
ATOM   889  N  N   . TYR A 1 124 ? 4.556   -2.816  0.264   1.00 29.12 ? 124 TYR A N   1 
ATOM   890  C  CA  . TYR A 1 124 ? 3.188   -2.296  0.230   1.00 28.98 ? 124 TYR A CA  1 
ATOM   891  C  C   . TYR A 1 124 ? 2.689   -2.040  -1.186  1.00 29.31 ? 124 TYR A C   1 
ATOM   892  O  O   . TYR A 1 124 ? 1.710   -2.651  -1.600  1.00 28.62 ? 124 TYR A O   1 
ATOM   893  C  CB  . TYR A 1 124 ? 3.024   -1.016  1.078   1.00 29.24 ? 124 TYR A CB  1 
ATOM   894  C  CG  . TYR A 1 124 ? 1.596   -0.521  1.011   1.00 28.38 ? 124 TYR A CG  1 
ATOM   895  C  CD1 . TYR A 1 124 ? 0.567   -1.241  1.624   1.00 27.65 ? 124 TYR A CD1 1 
ATOM   896  C  CD2 . TYR A 1 124 ? 1.261   0.631   0.290   1.00 29.01 ? 124 TYR A CD2 1 
ATOM   897  C  CE1 . TYR A 1 124 ? -0.743  -0.828  1.519   1.00 28.78 ? 124 TYR A CE1 1 
ATOM   898  C  CE2 . TYR A 1 124 ? -0.059  1.054   0.201   1.00 27.79 ? 124 TYR A CE2 1 
ATOM   899  C  CZ  . TYR A 1 124 ? -1.053  0.312   0.809   1.00 29.80 ? 124 TYR A CZ  1 
ATOM   900  O  OH  . TYR A 1 124 ? -2.376  0.697   0.709   1.00 31.79 ? 124 TYR A OH  1 
ATOM   901  N  N   . PHE A 1 125 ? 3.362   -1.138  -1.902  1.00 28.40 ? 125 PHE A N   1 
ATOM   902  C  CA  . PHE A 1 125 ? 2.897   -0.639  -3.204  1.00 29.57 ? 125 PHE A CA  1 
ATOM   903  C  C   . PHE A 1 125 ? 2.949   -1.698  -4.313  1.00 29.70 ? 125 PHE A C   1 
ATOM   904  O  O   . PHE A 1 125 ? 1.980   -1.862  -5.045  1.00 28.06 ? 125 PHE A O   1 
ATOM   905  C  CB  . PHE A 1 125 ? 3.679   0.627   -3.610  1.00 29.26 ? 125 PHE A CB  1 
ATOM   906  C  CG  . PHE A 1 125 ? 3.352   1.833   -2.768  1.00 28.83 ? 125 PHE A CG  1 
ATOM   907  C  CD1 . PHE A 1 125 ? 2.214   2.604   -3.032  1.00 31.68 ? 125 PHE A CD1 1 
ATOM   908  C  CD2 . PHE A 1 125 ? 4.177   2.217   -1.716  1.00 27.77 ? 125 PHE A CD2 1 
ATOM   909  C  CE1 . PHE A 1 125 ? 1.892   3.697   -2.243  1.00 30.87 ? 125 PHE A CE1 1 
ATOM   910  C  CE2 . PHE A 1 125 ? 3.851   3.306   -0.919  1.00 29.89 ? 125 PHE A CE2 1 
ATOM   911  C  CZ  . PHE A 1 125 ? 2.706   4.050   -1.196  1.00 31.12 ? 125 PHE A CZ  1 
ATOM   912  N  N   . GLN A 1 126 ? 4.066   -2.417  -4.435  1.00 31.04 ? 126 GLN A N   1 
ATOM   913  C  CA  . GLN A 1 126 ? 4.202   -3.463  -5.496  1.00 31.08 ? 126 GLN A CA  1 
ATOM   914  C  C   . GLN A 1 126 ? 3.071   -4.502  -5.473  1.00 30.54 ? 126 GLN A C   1 
ATOM   915  O  O   . GLN A 1 126 ? 2.470   -4.763  -6.510  1.00 29.80 ? 126 GLN A O   1 
ATOM   916  C  CB  . GLN A 1 126 ? 5.594   -4.142  -5.470  1.00 31.67 ? 126 GLN A CB  1 
ATOM   917  C  CG  . GLN A 1 126 ? 5.749   -5.451  -6.327  1.00 33.79 ? 126 GLN A CG  1 
ATOM   918  C  CD  . GLN A 1 126 ? 5.658   -6.749  -5.487  1.00 39.17 ? 126 GLN A CD  1 
ATOM   919  O  OE1 . GLN A 1 126 ? 4.676   -7.510  -5.568  1.00 41.14 ? 126 GLN A OE1 1 
ATOM   920  N  NE2 . GLN A 1 126 ? 6.690   -6.989  -4.664  1.00 40.62 ? 126 GLN A NE2 1 
ATOM   921  N  N   . PRO A 1 127 ? 2.794   -5.118  -4.306  1.00 30.87 ? 127 PRO A N   1 
ATOM   922  C  CA  . PRO A 1 127 ? 1.721   -6.107  -4.311  1.00 30.78 ? 127 PRO A CA  1 
ATOM   923  C  C   . PRO A 1 127 ? 0.355   -5.556  -4.729  1.00 30.25 ? 127 PRO A C   1 
ATOM   924  O  O   . PRO A 1 127 ? -0.392  -6.270  -5.372  1.00 29.68 ? 127 PRO A O   1 
ATOM   925  C  CB  . PRO A 1 127 ? 1.687   -6.621  -2.863  1.00 31.56 ? 127 PRO A CB  1 
ATOM   926  C  CG  . PRO A 1 127 ? 3.023   -6.307  -2.311  1.00 31.37 ? 127 PRO A CG  1 
ATOM   927  C  CD  . PRO A 1 127 ? 3.428   -5.019  -2.983  1.00 31.19 ? 127 PRO A CD  1 
ATOM   928  N  N   . ARG A 1 128 ? 0.038   -4.307  -4.377  1.00 29.91 ? 128 ARG A N   1 
ATOM   929  C  CA  . ARG A 1 128 ? -1.260  -3.747  -4.764  1.00 30.32 ? 128 ARG A CA  1 
ATOM   930  C  C   . ARG A 1 128 ? -1.290  -3.440  -6.246  1.00 29.41 ? 128 ARG A C   1 
ATOM   931  O  O   . ARG A 1 128 ? -2.303  -3.668  -6.905  1.00 28.87 ? 128 ARG A O   1 
ATOM   932  C  CB  . ARG A 1 128 ? -1.592  -2.472  -4.014  1.00 31.19 ? 128 ARG A CB  1 
ATOM   933  C  CG  . ARG A 1 128 ? -1.442  -2.511  -2.526  1.00 35.64 ? 128 ARG A CG  1 
ATOM   934  C  CD  . ARG A 1 128 ? -2.117  -3.654  -1.928  1.00 41.34 ? 128 ARG A CD  1 
ATOM   935  N  NE  . ARG A 1 128 ? -2.055  -3.556  -0.477  1.00 45.43 ? 128 ARG A NE  1 
ATOM   936  C  CZ  . ARG A 1 128 ? -1.073  -4.024  0.304   1.00 45.08 ? 128 ARG A CZ  1 
ATOM   937  N  NH1 . ARG A 1 128 ? 0.025   -4.588  -0.160  1.00 42.34 ? 128 ARG A NH1 1 
ATOM   938  N  NH2 . ARG A 1 128 ? -1.199  -3.888  1.604   1.00 47.76 ? 128 ARG A NH2 1 
ATOM   939  N  N   . ARG A 1 129 ? -0.180  -2.901  -6.754  1.00 28.25 ? 129 ARG A N   1 
ATOM   940  C  CA  . ARG A 1 129 ? -0.056  -2.661  -8.195  1.00 28.13 ? 129 ARG A CA  1 
ATOM   941  C  C   . ARG A 1 129 ? -0.138  -3.982  -8.966  1.00 27.30 ? 129 ARG A C   1 
ATOM   942  O  O   . ARG A 1 129 ? -0.794  -4.050  -9.995  1.00 27.45 ? 129 ARG A O   1 
ATOM   943  C  CB  . ARG A 1 129 ? 1.237   -1.946  -8.532  1.00 27.90 ? 129 ARG A CB  1 
ATOM   944  C  CG  . ARG A 1 129 ? 1.257   -0.470  -8.103  1.00 28.45 ? 129 ARG A CG  1 
ATOM   945  C  CD  . ARG A 1 129 ? 2.573   0.230   -8.501  1.00 29.33 ? 129 ARG A CD  1 
ATOM   946  N  NE  . ARG A 1 129 ? 2.749   0.219   -9.957  1.00 28.43 ? 129 ARG A NE  1 
ATOM   947  C  CZ  . ARG A 1 129 ? 2.364   1.183   -10.783 1.00 27.58 ? 129 ARG A CZ  1 
ATOM   948  N  NH1 . ARG A 1 129 ? 1.825   2.290   -10.329 1.00 28.54 ? 129 ARG A NH1 1 
ATOM   949  N  NH2 . ARG A 1 129 ? 2.547   1.042   -12.082 1.00 27.76 ? 129 ARG A NH2 1 
ATOM   950  N  N   . LEU A 1 130 ? 0.531   -5.020  -8.478  1.00 27.10 ? 130 LEU A N   1 
ATOM   951  C  CA  . LEU A 1 130 ? 0.369   -6.355  -9.074  1.00 27.05 ? 130 LEU A CA  1 
ATOM   952  C  C   . LEU A 1 130 ? -1.104  -6.775  -9.241  1.00 27.01 ? 130 LEU A C   1 
ATOM   953  O  O   . LEU A 1 130 ? -1.486  -7.338  -10.268 1.00 27.65 ? 130 LEU A O   1 
ATOM   954  C  CB  . LEU A 1 130 ? 1.117   -7.413  -8.260  1.00 27.25 ? 130 LEU A CB  1 
ATOM   955  C  CG  . LEU A 1 130 ? 1.145   -8.816  -8.872  1.00 27.41 ? 130 LEU A CG  1 
ATOM   956  C  CD1 . LEU A 1 130 ? 1.647   -8.764  -10.305 1.00 27.43 ? 130 LEU A CD1 1 
ATOM   957  C  CD2 . LEU A 1 130 ? 1.994   -9.751  -7.999  1.00 27.14 ? 130 LEU A CD2 1 
ATOM   958  N  N   . GLN A 1 131 ? -1.919  -6.526  -8.226  1.00 26.76 ? 131 GLN A N   1 
ATOM   959  C  CA  . GLN A 1 131 ? -3.332  -6.878  -8.270  1.00 27.39 ? 131 GLN A CA  1 
ATOM   960  C  C   . GLN A 1 131 ? -4.048  -6.115  -9.365  1.00 27.02 ? 131 GLN A C   1 
ATOM   961  O  O   . GLN A 1 131 ? -4.885  -6.683  -10.070 1.00 26.41 ? 131 GLN A O   1 
ATOM   962  C  CB  . GLN A 1 131 ? -4.016  -6.601  -6.928  1.00 27.92 ? 131 GLN A CB  1 
ATOM   963  C  CG  . GLN A 1 131 ? -3.539  -7.468  -5.792  1.00 28.80 ? 131 GLN A CG  1 
ATOM   964  C  CD  . GLN A 1 131 ? -4.342  -7.219  -4.535  1.00 28.40 ? 131 GLN A CD  1 
ATOM   965  O  OE1 . GLN A 1 131 ? -4.387  -6.113  -4.040  1.00 31.98 ? 131 GLN A OE1 1 
ATOM   966  N  NE2 . GLN A 1 131 ? -4.989  -8.255  -4.020  1.00 27.00 ? 131 GLN A NE2 1 
ATOM   967  N  N   . ALA A 1 132 ? -3.716  -4.830  -9.489  1.00 26.99 ? 132 ALA A N   1 
ATOM   968  C  CA  . ALA A 1 132 ? -4.264  -3.981  -10.526 1.00 26.82 ? 132 ALA A CA  1 
ATOM   969  C  C   . ALA A 1 132 ? -3.860  -4.475  -11.920 1.00 26.55 ? 132 ALA A C   1 
ATOM   970  O  O   . ALA A 1 132 ? -4.672  -4.449  -12.831 1.00 26.25 ? 132 ALA A O   1 
ATOM   971  C  CB  . ALA A 1 132 ? -3.819  -2.531  -10.314 1.00 26.80 ? 132 ALA A CB  1 
ATOM   972  N  N   . LYS A 1 133 ? -2.612  -4.920  -12.074 1.00 26.84 ? 133 LYS A N   1 
ATOM   973  C  CA  . LYS A 1 133 ? -2.121  -5.492  -13.342 1.00 27.10 ? 133 LYS A CA  1 
ATOM   974  C  C   . LYS A 1 133 ? -2.950  -6.713  -13.768 1.00 27.39 ? 133 LYS A C   1 
ATOM   975  O  O   . LYS A 1 133 ? -3.300  -6.866  -14.928 1.00 26.61 ? 133 LYS A O   1 
ATOM   976  C  CB  . LYS A 1 133 ? -0.637  -5.858  -13.195 1.00 27.05 ? 133 LYS A CB  1 
ATOM   977  C  CG  . LYS A 1 133 ? -0.040  -6.720  -14.314 1.00 27.73 ? 133 LYS A CG  1 
ATOM   978  C  CD  . LYS A 1 133 ? 1.470   -6.881  -14.092 1.00 27.99 ? 133 LYS A CD  1 
ATOM   979  C  CE  . LYS A 1 133 ? 2.078   -7.996  -14.965 1.00 29.31 ? 133 LYS A CE  1 
ATOM   980  N  NZ  . LYS A 1 133 ? 2.390   -7.504  -16.316 1.00 27.96 ? 133 LYS A NZ  1 
ATOM   981  N  N   . GLN A 1 134 ? -3.259  -7.560  -12.792 1.00 27.40 ? 134 GLN A N   1 
ATOM   982  C  CA  . GLN A 1 134 ? -4.028  -8.776  -13.020 1.00 28.31 ? 134 GLN A CA  1 
ATOM   983  C  C   . GLN A 1 134 ? -5.445  -8.479  -13.556 1.00 28.06 ? 134 GLN A C   1 
ATOM   984  O  O   . GLN A 1 134 ? -5.919  -9.135  -14.494 1.00 28.10 ? 134 GLN A O   1 
ATOM   985  C  CB  . GLN A 1 134 ? -4.002  -9.616  -11.731 1.00 27.91 ? 134 GLN A CB  1 
ATOM   986  C  CG  . GLN A 1 134 ? -2.561  -10.076 -11.415 1.00 29.39 ? 134 GLN A CG  1 
ATOM   987  C  CD  . GLN A 1 134 ? -2.425  -10.888 -10.144 1.00 29.94 ? 134 GLN A CD  1 
ATOM   988  O  OE1 . GLN A 1 134 ? -2.667  -10.398 -9.043  1.00 33.91 ? 134 GLN A OE1 1 
ATOM   989  N  NE2 . GLN A 1 134 ? -2.014  -12.154 -10.296 1.00 34.64 ? 134 GLN A NE2 1 
ATOM   990  N  N   . LEU A 1 135 ? -6.088  -7.447  -13.007 1.00 28.59 ? 135 LEU A N   1 
ATOM   991  C  CA  . LEU A 1 135 ? -7.412  -7.012  -13.469 1.00 28.90 ? 135 LEU A CA  1 
ATOM   992  C  C   . LEU A 1 135 ? -7.349  -6.424  -14.867 1.00 29.38 ? 135 LEU A C   1 
ATOM   993  O  O   . LEU A 1 135 ? -8.232  -6.670  -15.679 1.00 29.22 ? 135 LEU A O   1 
ATOM   994  C  CB  . LEU A 1 135 ? -8.025  -5.977  -12.518 1.00 28.76 ? 135 LEU A CB  1 
ATOM   995  C  CG  . LEU A 1 135 ? -8.116  -6.359  -11.036 1.00 28.93 ? 135 LEU A CG  1 
ATOM   996  C  CD1 . LEU A 1 135 ? -8.764  -5.246  -10.228 1.00 28.93 ? 135 LEU A CD1 1 
ATOM   997  C  CD2 . LEU A 1 135 ? -8.876  -7.652  -10.900 1.00 29.24 ? 135 LEU A CD2 1 
ATOM   998  N  N   . LEU A 1 136 ? -6.312  -5.630  -15.144 1.00 29.94 ? 136 LEU A N   1 
ATOM   999  C  CA  . LEU A 1 136 ? -6.158  -5.029  -16.475 1.00 31.15 ? 136 LEU A CA  1 
ATOM   1000 C  C   . LEU A 1 136 ? -5.891  -6.108  -17.530 1.00 31.84 ? 136 LEU A C   1 
ATOM   1001 O  O   . LEU A 1 136 ? -6.461  -6.064  -18.615 1.00 32.32 ? 136 LEU A O   1 
ATOM   1002 C  CB  . LEU A 1 136 ? -5.048  -3.976  -16.477 1.00 30.77 ? 136 LEU A CB  1 
ATOM   1003 C  CG  . LEU A 1 136 ? -5.423  -2.711  -15.704 1.00 30.50 ? 136 LEU A CG  1 
ATOM   1004 C  CD1 . LEU A 1 136 ? -4.238  -1.802  -15.597 1.00 29.23 ? 136 LEU A CD1 1 
ATOM   1005 C  CD2 . LEU A 1 136 ? -6.610  -1.992  -16.383 1.00 30.17 ? 136 LEU A CD2 1 
ATOM   1006 N  N   . GLU A 1 137 ? -5.038  -7.074  -17.186 1.00 33.18 ? 137 GLU A N   1 
ATOM   1007 C  CA  . GLU A 1 137 ? -4.731  -8.204  -18.079 1.00 34.33 ? 137 GLU A CA  1 
ATOM   1008 C  C   . GLU A 1 137 ? -5.943  -9.068  -18.407 1.00 34.82 ? 137 GLU A C   1 
ATOM   1009 O  O   . GLU A 1 137 ? -5.965  -9.709  -19.464 1.00 35.21 ? 137 GLU A O   1 
ATOM   1010 C  CB  . GLU A 1 137 ? -3.605  -9.071  -17.508 1.00 34.37 ? 137 GLU A CB  1 
ATOM   1011 C  CG  . GLU A 1 137 ? -2.235  -8.416  -17.667 1.00 35.50 ? 137 GLU A CG  1 
ATOM   1012 C  CD  . GLU A 1 137 ? -1.113  -9.146  -16.941 1.00 35.94 ? 137 GLU A CD  1 
ATOM   1013 O  OE1 . GLU A 1 137 ? -1.362  -9.729  -15.862 1.00 37.88 ? 137 GLU A OE1 1 
ATOM   1014 O  OE2 . GLU A 1 137 ? 0.030   -9.113  -17.453 1.00 39.41 ? 137 GLU A OE2 1 
ATOM   1015 N  N   . LYS A 1 138 ? -6.938  -9.096  -17.523 1.00 35.49 ? 138 LYS A N   1 
ATOM   1016 C  CA  . LYS A 1 138 ? -8.214  -9.747  -17.848 1.00 36.40 ? 138 LYS A CA  1 
ATOM   1017 C  C   . LYS A 1 138 ? -8.912  -8.933  -18.940 1.00 36.67 ? 138 LYS A C   1 
ATOM   1018 O  O   . LYS A 1 138 ? -9.391  -9.496  -19.929 1.00 36.47 ? 138 LYS A O   1 
ATOM   1019 C  CB  . LYS A 1 138 ? -9.134  -9.867  -16.622 1.00 36.66 ? 138 LYS A CB  1 
ATOM   1020 C  CG  . LYS A 1 138 ? -8.754  -10.928 -15.579 1.00 37.20 ? 138 LYS A CG  1 
ATOM   1021 C  CD  . LYS A 1 138 ? -9.470  -10.656 -14.218 1.00 37.38 ? 138 LYS A CD  1 
ATOM   1022 C  CE  . LYS A 1 138 ? -9.220  -11.757 -13.176 1.00 38.24 ? 138 LYS A CE  1 
ATOM   1023 N  NZ  . LYS A 1 138 ? -9.745  -11.461 -11.778 1.00 37.85 ? 138 LYS A NZ  1 
ATOM   1024 N  N   . GLY A 1 139 ? -8.954  -7.613  -18.755 1.00 36.99 ? 139 GLY A N   1 
ATOM   1025 C  CA  . GLY A 1 139 ? -9.567  -6.690  -19.726 1.00 37.38 ? 139 GLY A CA  1 
ATOM   1026 C  C   . GLY A 1 139 ? -8.936  -6.726  -21.108 1.00 37.72 ? 139 GLY A C   1 
ATOM   1027 O  O   . GLY A 1 139 ? -9.638  -6.659  -22.119 1.00 37.90 ? 139 GLY A O   1 
ATOM   1028 N  N   . ILE A 1 140 ? -7.611  -6.839  -21.151 1.00 38.24 ? 140 ILE A N   1 
ATOM   1029 C  CA  . ILE A 1 140 ? -6.874  -6.960  -22.412 1.00 38.48 ? 140 ILE A CA  1 
ATOM   1030 C  C   . ILE A 1 140 ? -7.297  -8.230  -23.142 1.00 39.00 ? 140 ILE A C   1 
ATOM   1031 O  O   . ILE A 1 140 ? -7.675  -8.177  -24.313 1.00 39.13 ? 140 ILE A O   1 
ATOM   1032 C  CB  . ILE A 1 140 ? -5.332  -6.962  -22.177 1.00 38.41 ? 140 ILE A CB  1 
ATOM   1033 C  CG1 . ILE A 1 140 ? -4.836  -5.549  -21.889 1.00 37.88 ? 140 ILE A CG1 1 
ATOM   1034 C  CG2 . ILE A 1 140 ? -4.572  -7.523  -23.382 1.00 38.34 ? 140 ILE A CG2 1 
ATOM   1035 C  CD1 . ILE A 1 140 ? -3.413  -5.513  -21.349 1.00 37.99 ? 140 ILE A CD1 1 
ATOM   1036 N  N   . LYS A 1 141 ? -7.253  -9.372  -22.459 1.00 39.75 ? 141 LYS A N   1 
ATOM   1037 C  CA  . LYS A 1 141 ? -7.643  -10.636 -23.104 1.00 40.15 ? 141 LYS A CA  1 
ATOM   1038 C  C   . LYS A 1 141 ? -9.160  -10.749 -23.336 1.00 40.59 ? 141 LYS A C   1 
ATOM   1039 O  O   . LYS A 1 141 ? -9.608  -11.610 -24.085 1.00 40.35 ? 141 LYS A O   1 
ATOM   1040 C  CB  . LYS A 1 141 ? -7.108  -11.860 -22.347 1.00 40.23 ? 141 LYS A CB  1 
ATOM   1041 C  CG  . LYS A 1 141 ? -7.860  -12.241 -21.077 1.00 40.62 ? 141 LYS A CG  1 
ATOM   1042 C  CD  . LYS A 1 141 ? -8.150  -13.753 -21.014 1.00 40.71 ? 141 LYS A CD  1 
ATOM   1043 C  CE  . LYS A 1 141 ? -6.880  -14.606 -21.009 1.00 40.90 ? 141 LYS A CE  1 
ATOM   1044 N  NZ  . LYS A 1 141 ? -7.142  -16.041 -20.661 1.00 39.91 ? 141 LYS A NZ  1 
ATOM   1045 N  N   . ARG A 1 142 ? -9.933  -9.879  -22.690 1.00 41.05 ? 142 ARG A N   1 
ATOM   1046 C  CA  . ARG A 1 142 ? -11.365 -9.733  -22.969 1.00 41.33 ? 142 ARG A CA  1 
ATOM   1047 C  C   . ARG A 1 142 ? -11.610 -8.862  -24.207 1.00 41.47 ? 142 ARG A C   1 
ATOM   1048 O  O   . ARG A 1 142 ? -12.733 -8.783  -24.702 1.00 41.23 ? 142 ARG A O   1 
ATOM   1049 C  CB  . ARG A 1 142 ? -12.070 -9.108  -21.756 1.00 41.36 ? 142 ARG A CB  1 
ATOM   1050 C  CG  . ARG A 1 142 ? -13.566 -9.379  -21.677 1.00 41.60 ? 142 ARG A CG  1 
ATOM   1051 C  CD  . ARG A 1 142 ? -14.153 -8.952  -20.322 1.00 41.99 ? 142 ARG A CD  1 
ATOM   1052 N  NE  . ARG A 1 142 ? -13.743 -9.819  -19.208 1.00 42.37 ? 142 ARG A NE  1 
ATOM   1053 C  CZ  . ARG A 1 142 ? -12.999 -9.456  -18.155 1.00 41.93 ? 142 ARG A CZ  1 
ATOM   1054 N  NH1 . ARG A 1 142 ? -12.533 -8.216  -18.009 1.00 42.06 ? 142 ARG A NH1 1 
ATOM   1055 N  NH2 . ARG A 1 142 ? -12.718 -10.357 -17.220 1.00 42.31 ? 142 ARG A NH2 1 
ATOM   1056 N  N   . GLY A 1 143 ? -10.564 -8.191  -24.684 1.00 41.77 ? 143 GLY A N   1 
ATOM   1057 C  CA  . GLY A 1 143 ? -10.661 -7.319  -25.853 1.00 42.11 ? 143 GLY A CA  1 
ATOM   1058 C  C   . GLY A 1 143 ? -11.454 -6.042  -25.623 1.00 42.42 ? 143 GLY A C   1 
ATOM   1059 O  O   . GLY A 1 143 ? -12.058 -5.510  -26.556 1.00 42.56 ? 143 GLY A O   1 
ATOM   1060 N  N   . GLU A 1 144 ? -11.452 -5.539  -24.389 1.00 42.73 ? 144 GLU A N   1 
ATOM   1061 C  CA  . GLU A 1 144 ? -12.178 -4.310  -24.072 1.00 43.08 ? 144 GLU A CA  1 
ATOM   1062 C  C   . GLU A 1 144 ? -11.249 -3.106  -23.825 1.00 43.02 ? 144 GLU A C   1 
ATOM   1063 O  O   . GLU A 1 144 ? -11.720 -1.967  -23.732 1.00 43.10 ? 144 GLU A O   1 
ATOM   1064 C  CB  . GLU A 1 144 ? -13.134 -4.529  -22.894 1.00 43.32 ? 144 GLU A CB  1 
ATOM   1065 C  CG  . GLU A 1 144 ? -12.465 -4.758  -21.552 1.00 43.68 ? 144 GLU A CG  1 
ATOM   1066 C  CD  . GLU A 1 144 ? -13.462 -5.093  -20.448 1.00 44.16 ? 144 GLU A CD  1 
ATOM   1067 O  OE1 . GLU A 1 144 ? -14.535 -4.456  -20.373 1.00 46.75 ? 144 GLU A OE1 1 
ATOM   1068 O  OE2 . GLU A 1 144 ? -13.165 -5.990  -19.637 1.00 44.61 ? 144 GLU A OE2 1 
ATOM   1069 N  N   . LEU A 1 145 ? -9.940  -3.344  -23.757 1.00 42.95 ? 145 LEU A N   1 
ATOM   1070 C  CA  . LEU A 1 145 ? -8.990  -2.260  -23.509 1.00 43.14 ? 145 LEU A CA  1 
ATOM   1071 C  C   . LEU A 1 145 ? -8.212  -1.803  -24.753 1.00 43.28 ? 145 LEU A C   1 
ATOM   1072 O  O   . LEU A 1 145 ? -8.322  -2.395  -25.825 1.00 43.33 ? 145 LEU A O   1 
ATOM   1073 C  CB  . LEU A 1 145 ? -8.032  -2.655  -22.376 1.00 43.21 ? 145 LEU A CB  1 
ATOM   1074 C  CG  . LEU A 1 145 ? -8.724  -2.911  -21.031 1.00 42.72 ? 145 LEU A CG  1 
ATOM   1075 C  CD1 . LEU A 1 145 ? -7.689  -3.090  -19.909 1.00 43.07 ? 145 LEU A CD1 1 
ATOM   1076 C  CD2 . LEU A 1 145 ? -9.704  -1.791  -20.676 1.00 41.49 ? 145 LEU A CD2 1 
ATOM   1077 N  N   . LYS A 1 146 ? -7.451  -0.724  -24.577 1.00 43.13 ? 146 LYS A N   1 
ATOM   1078 C  CA  . LYS A 1 146 ? -6.643  -0.107  -25.628 1.00 43.03 ? 146 LYS A CA  1 
ATOM   1079 C  C   . LYS A 1 146 ? -5.675  -1.070  -26.332 1.00 42.74 ? 146 LYS A C   1 
ATOM   1080 O  O   . LYS A 1 146 ? -5.080  -1.955  -25.709 1.00 42.78 ? 146 LYS A O   1 
ATOM   1081 C  CB  . LYS A 1 146 ? -5.853  1.071   -25.031 1.00 43.13 ? 146 LYS A CB  1 
ATOM   1082 C  CG  . LYS A 1 146 ? -4.827  1.721   -25.955 1.00 43.75 ? 146 LYS A CG  1 
ATOM   1083 C  CD  . LYS A 1 146 ? -3.905  2.663   -25.185 1.00 44.44 ? 146 LYS A CD  1 
ATOM   1084 C  CE  . LYS A 1 146 ? -4.573  4.002   -24.895 1.00 46.42 ? 146 LYS A CE  1 
ATOM   1085 N  NZ  . LYS A 1 146 ? -4.194  4.554   -23.552 1.00 46.86 ? 146 LYS A NZ  1 
ATOM   1086 N  N   . GLU A 1 147 ? -5.552  -0.872  -27.644 1.00 42.14 ? 147 GLU A N   1 
ATOM   1087 C  CA  . GLU A 1 147 ? -4.503  -1.477  -28.473 1.00 41.59 ? 147 GLU A CA  1 
ATOM   1088 C  C   . GLU A 1 147 ? -3.079  -1.184  -27.961 1.00 40.71 ? 147 GLU A C   1 
ATOM   1089 O  O   . GLU A 1 147 ? -2.667  -0.021  -27.893 1.00 40.74 ? 147 GLU A O   1 
ATOM   1090 C  CB  . GLU A 1 147 ? -4.637  -0.975  -29.922 1.00 41.77 ? 147 GLU A CB  1 
ATOM   1091 C  CG  . GLU A 1 147 ? -4.710  0.568   -30.076 1.00 42.37 ? 147 GLU A CG  1 
ATOM   1092 C  CD  . GLU A 1 147 ? -4.852  1.009   -31.519 1.00 42.57 ? 147 GLU A CD  1 
ATOM   1093 O  OE1 . GLU A 1 147 ? -4.137  0.452   -32.382 1.00 44.45 ? 147 GLU A OE1 1 
ATOM   1094 O  OE2 . GLU A 1 147 ? -5.669  1.918   -31.795 1.00 44.46 ? 147 GLU A OE2 1 
ATOM   1095 N  N   . ASN A 1 148 ? -2.339  -2.251  -27.637 1.00 39.70 ? 148 ASN A N   1 
ATOM   1096 C  CA  . ASN A 1 148 ? -0.997  -2.174  -27.035 1.00 38.76 ? 148 ASN A CA  1 
ATOM   1097 C  C   . ASN A 1 148 ? -0.962  -1.317  -25.763 1.00 37.86 ? 148 ASN A C   1 
ATOM   1098 O  O   . ASN A 1 148 ? -0.224  -0.331  -25.665 1.00 37.99 ? 148 ASN A O   1 
ATOM   1099 C  CB  . ASN A 1 148 ? 0.049   -1.691  -28.053 1.00 38.91 ? 148 ASN A CB  1 
ATOM   1100 C  CG  . ASN A 1 148 ? 0.762   -2.835  -28.752 1.00 39.47 ? 148 ASN A CG  1 
ATOM   1101 O  OD1 . ASN A 1 148 ? 1.053   -2.752  -29.943 1.00 39.15 ? 148 ASN A OD1 1 
ATOM   1102 N  ND2 . ASN A 1 148 ? 1.056   -3.909  -28.010 1.00 39.37 ? 148 ASN A ND2 1 
ATOM   1103 N  N   . LEU A 1 149 ? -1.764  -1.717  -24.786 1.00 36.25 ? 149 LEU A N   1 
ATOM   1104 C  CA  . LEU A 1 149 ? -1.883  -0.973  -23.537 1.00 35.46 ? 149 LEU A CA  1 
ATOM   1105 C  C   . LEU A 1 149 ? -0.599  -1.035  -22.725 1.00 33.59 ? 149 LEU A C   1 
ATOM   1106 O  O   . LEU A 1 149 ? -0.024  -2.102  -22.557 1.00 33.42 ? 149 LEU A O   1 
ATOM   1107 C  CB  . LEU A 1 149 ? -3.014  -1.551  -22.702 1.00 35.47 ? 149 LEU A CB  1 
ATOM   1108 C  CG  . LEU A 1 149 ? -3.319  -0.829  -21.393 1.00 35.44 ? 149 LEU A CG  1 
ATOM   1109 C  CD1 . LEU A 1 149 ? -4.255  0.324   -21.656 1.00 35.02 ? 149 LEU A CD1 1 
ATOM   1110 C  CD2 . LEU A 1 149 ? -3.909  -1.806  -20.384 1.00 35.49 ? 149 LEU A CD2 1 
ATOM   1111 N  N   . ASP A 1 150 ? -0.167  0.110   -22.204 1.00 31.57 ? 150 ASP A N   1 
ATOM   1112 C  CA  . ASP A 1 150 ? 0.950   0.142   -21.272 1.00 30.18 ? 150 ASP A CA  1 
ATOM   1113 C  C   . ASP A 1 150 ? 0.363   -0.047  -19.882 1.00 29.57 ? 150 ASP A C   1 
ATOM   1114 O  O   . ASP A 1 150 ? -0.137  0.905   -19.286 1.00 28.40 ? 150 ASP A O   1 
ATOM   1115 C  CB  . ASP A 1 150 ? 1.713   1.463   -21.360 1.00 30.41 ? 150 ASP A CB  1 
ATOM   1116 C  CG  . ASP A 1 150 ? 2.928   1.504   -20.443 1.00 30.80 ? 150 ASP A CG  1 
ATOM   1117 O  OD1 . ASP A 1 150 ? 2.872   0.940   -19.337 1.00 29.80 ? 150 ASP A OD1 1 
ATOM   1118 O  OD2 . ASP A 1 150 ? 3.943   2.117   -20.839 1.00 31.89 ? 150 ASP A OD2 1 
ATOM   1119 N  N   . ILE A 1 151 ? 0.433   -1.275  -19.385 1.00 28.27 ? 151 ILE A N   1 
ATOM   1120 C  CA  . ILE A 1 151 ? -0.228  -1.646  -18.120 1.00 28.28 ? 151 ILE A CA  1 
ATOM   1121 C  C   . ILE A 1 151 ? 0.226   -0.747  -16.960 1.00 27.62 ? 151 ILE A C   1 
ATOM   1122 O  O   . ILE A 1 151 ? -0.596  -0.155  -16.267 1.00 28.13 ? 151 ILE A O   1 
ATOM   1123 C  CB  . ILE A 1 151 ? -0.001  -3.141  -17.792 1.00 28.14 ? 151 ILE A CB  1 
ATOM   1124 C  CG1 . ILE A 1 151 ? -0.746  -4.023  -18.810 1.00 28.85 ? 151 ILE A CG1 1 
ATOM   1125 C  CG2 . ILE A 1 151 ? -0.468  -3.461  -16.380 1.00 28.28 ? 151 ILE A CG2 1 
ATOM   1126 C  CD1 . ILE A 1 151 ? -0.367  -5.497  -18.749 1.00 28.12 ? 151 ILE A CD1 1 
ATOM   1127 N  N   . GLU A 1 152 ? 1.533   -0.645  -16.773 1.00 26.92 ? 152 GLU A N   1 
ATOM   1128 C  CA  . GLU A 1 152 ? 2.114   0.108   -15.668 1.00 27.21 ? 152 GLU A CA  1 
ATOM   1129 C  C   . GLU A 1 152 ? 1.751   1.599   -15.703 1.00 26.60 ? 152 GLU A C   1 
ATOM   1130 O  O   . GLU A 1 152 ? 1.439   2.194   -14.673 1.00 25.24 ? 152 GLU A O   1 
ATOM   1131 C  CB  . GLU A 1 152 ? 3.631   -0.107  -15.629 1.00 27.68 ? 152 GLU A CB  1 
ATOM   1132 C  CG  . GLU A 1 152 ? 4.048   -1.593  -15.417 1.00 28.62 ? 152 GLU A CG  1 
ATOM   1133 C  CD  . GLU A 1 152 ? 3.590   -2.173  -14.088 1.00 31.58 ? 152 GLU A CD  1 
ATOM   1134 O  OE1 . GLU A 1 152 ? 3.787   -1.514  -13.043 1.00 33.22 ? 152 GLU A OE1 1 
ATOM   1135 O  OE2 . GLU A 1 152 ? 3.039   -3.310  -14.080 1.00 30.69 ? 152 GLU A OE2 1 
ATOM   1136 N  N   . LEU A 1 153 ? 1.759   2.193   -16.895 1.00 26.65 ? 153 LEU A N   1 
ATOM   1137 C  CA  . LEU A 1 153 ? 1.299   3.571   -17.063 1.00 26.95 ? 153 LEU A CA  1 
ATOM   1138 C  C   . LEU A 1 153 ? -0.193  3.710   -16.733 1.00 26.99 ? 153 LEU A C   1 
ATOM   1139 O  O   . LEU A 1 153 ? -0.636  4.712   -16.153 1.00 27.72 ? 153 LEU A O   1 
ATOM   1140 C  CB  . LEU A 1 153 ? 1.566   4.033   -18.494 1.00 27.26 ? 153 LEU A CB  1 
ATOM   1141 C  CG  . LEU A 1 153 ? 1.305   5.495   -18.843 1.00 27.17 ? 153 LEU A CG  1 
ATOM   1142 C  CD1 . LEU A 1 153 ? 2.136   6.428   -17.966 1.00 28.46 ? 153 LEU A CD1 1 
ATOM   1143 C  CD2 . LEU A 1 153 ? 1.658   5.728   -20.298 1.00 27.19 ? 153 LEU A CD2 1 
ATOM   1144 N  N   . SER A 1 154 ? -0.959  2.703   -17.119 1.00 26.35 ? 154 SER A N   1 
ATOM   1145 C  CA  . SER A 1 154 ? -2.401  2.669   -16.872 1.00 26.16 ? 154 SER A CA  1 
ATOM   1146 C  C   . SER A 1 154 ? -2.722  2.619   -15.384 1.00 25.00 ? 154 SER A C   1 
ATOM   1147 O  O   . SER A 1 154 ? -3.666  3.261   -14.934 1.00 24.28 ? 154 SER A O   1 
ATOM   1148 C  CB  . SER A 1 154 ? -3.042  1.467   -17.576 1.00 25.99 ? 154 SER A CB  1 
ATOM   1149 O  OG  . SER A 1 154 ? -2.715  1.444   -18.961 1.00 28.20 ? 154 SER A OG  1 
ATOM   1150 N  N   . ILE A 1 155 ? -1.910  1.878   -14.636 1.00 24.19 ? 155 ILE A N   1 
ATOM   1151 C  CA  . ILE A 1 155 ? -2.037  1.792   -13.203 1.00 24.81 ? 155 ILE A CA  1 
ATOM   1152 C  C   . ILE A 1 155 ? -1.647  3.162   -12.591 1.00 24.77 ? 155 ILE A C   1 
ATOM   1153 O  O   . ILE A 1 155 ? -2.305  3.611   -11.651 1.00 24.15 ? 155 ILE A O   1 
ATOM   1154 C  CB  . ILE A 1 155 ? -1.160  0.654   -12.637 1.00 24.52 ? 155 ILE A CB  1 
ATOM   1155 C  CG1 . ILE A 1 155 ? -1.648  -0.724  -13.136 1.00 24.69 ? 155 ILE A CG1 1 
ATOM   1156 C  CG2 . ILE A 1 155 ? -1.109  0.706   -11.104 1.00 24.78 ? 155 ILE A CG2 1 
ATOM   1157 C  CD1 . ILE A 1 155 ? -0.645  -1.847  -12.882 1.00 24.45 ? 155 ILE A CD1 1 
ATOM   1158 N  N   . ASP A 1 156 ? -0.617  3.805   -13.158 1.00 25.33 ? 156 ASP A N   1 
ATOM   1159 C  CA  . ASP A 1 156 ? -0.216  5.172   -12.763 1.00 25.91 ? 156 ASP A CA  1 
ATOM   1160 C  C   . ASP A 1 156 ? -1.368  6.170   -12.910 1.00 26.14 ? 156 ASP A C   1 
ATOM   1161 O  O   . ASP A 1 156 ? -1.483  7.067   -12.102 1.00 25.35 ? 156 ASP A O   1 
ATOM   1162 C  CB  . ASP A 1 156 ? 0.986   5.714   -13.569 1.00 25.04 ? 156 ASP A CB  1 
ATOM   1163 C  CG  . ASP A 1 156 ? 2.292   4.976   -13.295 1.00 25.01 ? 156 ASP A CG  1 
ATOM   1164 O  OD1 . ASP A 1 156 ? 2.371   4.139   -12.373 1.00 24.91 ? 156 ASP A OD1 1 
ATOM   1165 O  OD2 . ASP A 1 156 ? 3.251   5.205   -14.046 1.00 26.08 ? 156 ASP A OD2 1 
ATOM   1166 N  N   . LEU A 1 157 ? -2.199  6.022   -13.940 1.00 27.79 ? 157 LEU A N   1 
ATOM   1167 C  CA  . LEU A 1 157 ? -3.371  6.896   -14.114 1.00 28.50 ? 157 LEU A CA  1 
ATOM   1168 C  C   . LEU A 1 157 ? -4.436  6.789   -13.021 1.00 29.02 ? 157 LEU A C   1 
ATOM   1169 O  O   . LEU A 1 157 ? -5.182  7.737   -12.791 1.00 28.46 ? 157 LEU A O   1 
ATOM   1170 C  CB  . LEU A 1 157 ? -4.066  6.636   -15.445 1.00 29.41 ? 157 LEU A CB  1 
ATOM   1171 C  CG  . LEU A 1 157 ? -3.447  6.965   -16.787 1.00 29.91 ? 157 LEU A CG  1 
ATOM   1172 C  CD1 . LEU A 1 157 ? -4.507  6.644   -17.828 1.00 31.92 ? 157 LEU A CD1 1 
ATOM   1173 C  CD2 . LEU A 1 157 ? -2.998  8.435   -16.904 1.00 31.92 ? 157 LEU A CD2 1 
ATOM   1174 N  N   . ILE A 1 158 ? -4.526  5.630   -12.371 1.00 29.83 ? 158 ILE A N   1 
ATOM   1175 C  CA  . ILE A 1 158 ? -5.518  5.388   -11.332 1.00 30.21 ? 158 ILE A CA  1 
ATOM   1176 C  C   . ILE A 1 158 ? -4.913  5.632   -9.958  1.00 30.49 ? 158 ILE A C   1 
ATOM   1177 O  O   . ILE A 1 158 ? -5.406  6.448   -9.158  1.00 31.91 ? 158 ILE A O   1 
ATOM   1178 C  CB  . ILE A 1 158 ? -6.065  3.909   -11.425 1.00 30.99 ? 158 ILE A CB  1 
ATOM   1179 C  CG1 . ILE A 1 158 ? -6.802  3.712   -12.752 1.00 33.21 ? 158 ILE A CG1 1 
ATOM   1180 C  CG2 . ILE A 1 158 ? -6.985  3.603   -10.243 1.00 30.31 ? 158 ILE A CG2 1 
ATOM   1181 C  CD1 . ILE A 1 158 ? -6.555  2.367   -13.369 1.00 35.84 ? 158 ILE A CD1 1 
ATOM   1182 N  N   . TYR A 1 159 ? -3.806  4.964   -9.695  1.00 30.05 ? 159 TYR A N   1 
ATOM   1183 C  CA  . TYR A 1 159 ? -3.076  5.143   -8.444  1.00 29.33 ? 159 TYR A CA  1 
ATOM   1184 C  C   . TYR A 1 159 ? -2.516  6.543   -8.240  1.00 28.76 ? 159 TYR A C   1 
ATOM   1185 O  O   . TYR A 1 159 ? -2.528  7.056   -7.131  1.00 27.69 ? 159 TYR A O   1 
ATOM   1186 C  CB  . TYR A 1 159 ? -1.906  4.153   -8.368  1.00 29.71 ? 159 TYR A CB  1 
ATOM   1187 C  CG  . TYR A 1 159 ? -2.262  2.814   -7.819  1.00 30.23 ? 159 TYR A CG  1 
ATOM   1188 C  CD1 . TYR A 1 159 ? -3.443  2.170   -8.191  1.00 30.47 ? 159 TYR A CD1 1 
ATOM   1189 C  CD2 . TYR A 1 159 ? -1.425  2.189   -6.888  1.00 30.54 ? 159 TYR A CD2 1 
ATOM   1190 C  CE1 . TYR A 1 159 ? -3.775  0.933   -7.668  1.00 32.07 ? 159 TYR A CE1 1 
ATOM   1191 C  CE2 . TYR A 1 159 ? -1.760  0.956   -6.353  1.00 31.80 ? 159 TYR A CE2 1 
ATOM   1192 C  CZ  . TYR A 1 159 ? -2.932  0.336   -6.747  1.00 31.32 ? 159 TYR A CZ  1 
ATOM   1193 O  OH  . TYR A 1 159 ? -3.259  -0.878  -6.208  1.00 30.74 ? 159 TYR A OH  1 
ATOM   1194 N  N   . GLY A 1 160 ? -1.958  7.137   -9.287  1.00 28.03 ? 160 GLY A N   1 
ATOM   1195 C  CA  . GLY A 1 160 ? -1.369  8.463   -9.165  1.00 26.98 ? 160 GLY A CA  1 
ATOM   1196 C  C   . GLY A 1 160 ? -2.307  9.490   -8.554  1.00 26.68 ? 160 GLY A C   1 
ATOM   1197 O  O   . GLY A 1 160 ? -1.947  10.145  -7.589  1.00 26.91 ? 160 GLY A O   1 
ATOM   1198 N  N   . PRO A 1 161 ? -3.480  9.712   -9.172  1.00 26.15 ? 161 PRO A N   1 
ATOM   1199 C  CA  . PRO A 1 161 ? -4.443  10.644  -8.590  1.00 25.78 ? 161 PRO A CA  1 
ATOM   1200 C  C   . PRO A 1 161 ? -4.851  10.305  -7.166  1.00 25.48 ? 161 PRO A C   1 
ATOM   1201 O  O   . PRO A 1 161 ? -5.039  11.209  -6.378  1.00 24.74 ? 161 PRO A O   1 
ATOM   1202 C  CB  . PRO A 1 161 ? -5.618  10.560  -9.543  1.00 25.98 ? 161 PRO A CB  1 
ATOM   1203 C  CG  . PRO A 1 161 ? -4.970  10.261  -10.861 1.00 25.63 ? 161 PRO A CG  1 
ATOM   1204 C  CD  . PRO A 1 161 ? -3.924  9.262   -10.504 1.00 25.66 ? 161 PRO A CD  1 
ATOM   1205 N  N   . ILE A 1 162 ? -4.941  9.018   -6.840  1.00 25.29 ? 162 ILE A N   1 
ATOM   1206 C  CA  . ILE A 1 162 ? -5.327  8.581   -5.491  1.00 25.10 ? 162 ILE A CA  1 
ATOM   1207 C  C   . ILE A 1 162 ? -4.291  9.076   -4.466  1.00 25.06 ? 162 ILE A C   1 
ATOM   1208 O  O   . ILE A 1 162 ? -4.625  9.757   -3.476  1.00 24.35 ? 162 ILE A O   1 
ATOM   1209 C  CB  . ILE A 1 162 ? -5.561  7.032   -5.445  1.00 24.64 ? 162 ILE A CB  1 
ATOM   1210 C  CG1 . ILE A 1 162 ? -6.901  6.712   -6.151  1.00 25.85 ? 162 ILE A CG1 1 
ATOM   1211 C  CG2 . ILE A 1 162 ? -5.614  6.538   -3.982  1.00 26.18 ? 162 ILE A CG2 1 
ATOM   1212 C  CD1 . ILE A 1 162 ? -7.218  5.229   -6.299  1.00 25.52 ? 162 ILE A CD1 1 
ATOM   1213 N  N   . PHE A 1 163 ? -3.034  8.754   -4.714  1.00 24.89 ? 163 PHE A N   1 
ATOM   1214 C  CA  . PHE A 1 163 ? -1.958  9.116   -3.818  1.00 25.23 ? 163 PHE A CA  1 
ATOM   1215 C  C   . PHE A 1 163 ? -1.631  10.609  -3.812  1.00 25.10 ? 163 PHE A C   1 
ATOM   1216 O  O   . PHE A 1 163 ? -1.287  11.163  -2.775  1.00 25.09 ? 163 PHE A O   1 
ATOM   1217 C  CB  . PHE A 1 163 ? -0.748  8.184   -4.026  1.00 26.37 ? 163 PHE A CB  1 
ATOM   1218 C  CG  . PHE A 1 163 ? -0.990  6.813   -3.479  1.00 26.12 ? 163 PHE A CG  1 
ATOM   1219 C  CD1 . PHE A 1 163 ? -0.968  6.602   -2.116  1.00 28.14 ? 163 PHE A CD1 1 
ATOM   1220 C  CD2 . PHE A 1 163 ? -1.321  5.747   -4.312  1.00 27.68 ? 163 PHE A CD2 1 
ATOM   1221 C  CE1 . PHE A 1 163 ? -1.274  5.342   -1.572  1.00 27.64 ? 163 PHE A CE1 1 
ATOM   1222 C  CE2 . PHE A 1 163 ? -1.614  4.477   -3.789  1.00 28.66 ? 163 PHE A CE2 1 
ATOM   1223 C  CZ  . PHE A 1 163 ? -1.578  4.269   -2.422  1.00 28.34 ? 163 PHE A CZ  1 
ATOM   1224 N  N   . TYR A 1 164 ? -1.803  11.252  -4.957  1.00 25.32 ? 164 TYR A N   1 
ATOM   1225 C  CA  . TYR A 1 164 ? -1.739  12.708  -5.051  1.00 25.43 ? 164 TYR A CA  1 
ATOM   1226 C  C   . TYR A 1 164 ? -2.769  13.346  -4.117  1.00 25.57 ? 164 TYR A C   1 
ATOM   1227 O  O   . TYR A 1 164 ? -2.423  14.231  -3.352  1.00 26.33 ? 164 TYR A O   1 
ATOM   1228 C  CB  . TYR A 1 164 ? -1.952  13.134  -6.507  1.00 26.00 ? 164 TYR A CB  1 
ATOM   1229 C  CG  . TYR A 1 164 ? -2.056  14.621  -6.784  1.00 25.43 ? 164 TYR A CG  1 
ATOM   1230 C  CD1 . TYR A 1 164 ? -0.988  15.483  -6.554  1.00 24.38 ? 164 TYR A CD1 1 
ATOM   1231 C  CD2 . TYR A 1 164 ? -3.200  15.159  -7.343  1.00 24.25 ? 164 TYR A CD2 1 
ATOM   1232 C  CE1 . TYR A 1 164 ? -1.101  16.831  -6.812  1.00 25.89 ? 164 TYR A CE1 1 
ATOM   1233 C  CE2 . TYR A 1 164 ? -3.303  16.508  -7.609  1.00 27.81 ? 164 TYR A CE2 1 
ATOM   1234 C  CZ  . TYR A 1 164 ? -2.257  17.338  -7.351  1.00 24.91 ? 164 TYR A CZ  1 
ATOM   1235 O  OH  . TYR A 1 164 ? -2.342  18.697  -7.639  1.00 28.10 ? 164 TYR A OH  1 
ATOM   1236 N  N   . ARG A 1 165 ? -4.029  12.898  -4.163  1.00 25.16 ? 165 ARG A N   1 
ATOM   1237 C  CA  . ARG A 1 165 ? -5.049  13.430  -3.226  1.00 25.03 ? 165 ARG A CA  1 
ATOM   1238 C  C   . ARG A 1 165 ? -4.669  13.165  -1.763  1.00 23.75 ? 165 ARG A C   1 
ATOM   1239 O  O   . ARG A 1 165 ? -4.784  14.041  -0.909  1.00 22.69 ? 165 ARG A O   1 
ATOM   1240 C  CB  . ARG A 1 165 ? -6.431  12.850  -3.495  1.00 25.36 ? 165 ARG A CB  1 
ATOM   1241 C  CG  . ARG A 1 165 ? -7.519  13.414  -2.561  1.00 24.80 ? 165 ARG A CG  1 
ATOM   1242 C  CD  . ARG A 1 165 ? -8.906  13.438  -3.222  1.00 24.86 ? 165 ARG A CD  1 
ATOM   1243 N  NE  . ARG A 1 165 ? -8.986  14.485  -4.232  1.00 24.66 ? 165 ARG A NE  1 
ATOM   1244 C  CZ  . ARG A 1 165 ? -10.096 15.064  -4.683  1.00 25.46 ? 165 ARG A CZ  1 
ATOM   1245 N  NH1 . ARG A 1 165 ? -11.302 14.755  -4.213  1.00 25.40 ? 165 ARG A NH1 1 
ATOM   1246 N  NH2 . ARG A 1 165 ? -9.991  16.005  -5.603  1.00 25.27 ? 165 ARG A NH2 1 
ATOM   1247 N  N   . LEU A 1 166 ? -4.224  11.951  -1.481  1.00 24.75 ? 166 LEU A N   1 
ATOM   1248 C  CA  . LEU A 1 166 ? -3.871  11.548  -0.109  1.00 25.64 ? 166 LEU A CA  1 
ATOM   1249 C  C   . LEU A 1 166 ? -2.729  12.386  0.467   1.00 25.06 ? 166 LEU A C   1 
ATOM   1250 O  O   . LEU A 1 166 ? -2.825  12.885  1.585   1.00 23.95 ? 166 LEU A O   1 
ATOM   1251 C  CB  . LEU A 1 166 ? -3.403  10.109  -0.072  1.00 24.85 ? 166 LEU A CB  1 
ATOM   1252 C  CG  . LEU A 1 166 ? -3.150  9.534   1.315   1.00 27.13 ? 166 LEU A CG  1 
ATOM   1253 C  CD1 . LEU A 1 166 ? -4.514  9.304   2.001   1.00 30.65 ? 166 LEU A CD1 1 
ATOM   1254 C  CD2 . LEU A 1 166 ? -2.332  8.234   1.225   1.00 27.81 ? 166 LEU A CD2 1 
ATOM   1255 N  N   . LEU A 1 167 ? -1.669  12.526  -0.332  1.00 25.69 ? 167 LEU A N   1 
ATOM   1256 C  CA  . LEU A 1 167 ? -0.403  13.183  0.077   1.00 25.70 ? 167 LEU A CA  1 
ATOM   1257 C  C   . LEU A 1 167 ? -0.277  14.676  -0.149  1.00 26.53 ? 167 LEU A C   1 
ATOM   1258 O  O   . LEU A 1 167 ? 0.379   15.363  0.640   1.00 26.95 ? 167 LEU A O   1 
ATOM   1259 C  CB  . LEU A 1 167 ? 0.772   12.523  -0.640  1.00 26.28 ? 167 LEU A CB  1 
ATOM   1260 C  CG  . LEU A 1 167 ? 0.987   11.032  -0.389  1.00 26.40 ? 167 LEU A CG  1 
ATOM   1261 C  CD1 . LEU A 1 167 ? 1.850   10.454  -1.493  1.00 26.15 ? 167 LEU A CD1 1 
ATOM   1262 C  CD2 . LEU A 1 167 ? 1.617   10.789  0.973   1.00 27.62 ? 167 LEU A CD2 1 
ATOM   1263 N  N   . VAL A 1 168 ? -0.862  15.200  -1.221  1.00 26.30 ? 168 VAL A N   1 
ATOM   1264 C  CA  . VAL A 1 168 ? -0.612  16.590  -1.592  1.00 27.67 ? 168 VAL A CA  1 
ATOM   1265 C  C   . VAL A 1 168 ? -1.813  17.508  -1.363  1.00 27.89 ? 168 VAL A C   1 
ATOM   1266 O  O   . VAL A 1 168 ? -1.691  18.544  -0.723  1.00 27.20 ? 168 VAL A O   1 
ATOM   1267 C  CB  . VAL A 1 168 ? -0.139  16.696  -3.082  1.00 27.78 ? 168 VAL A CB  1 
ATOM   1268 C  CG1 . VAL A 1 168 ? -0.063  18.129  -3.518  1.00 29.26 ? 168 VAL A CG1 1 
ATOM   1269 C  CG2 . VAL A 1 168 ? 1.217   15.980  -3.262  1.00 30.15 ? 168 VAL A CG2 1 
ATOM   1270 N  N   . THR A 1 169 ? -2.962  17.167  -1.936  1.00 28.41 ? 169 THR A N   1 
ATOM   1271 C  CA  . THR A 1 169 ? -4.037  18.141  -2.010  1.00 30.11 ? 169 THR A CA  1 
ATOM   1272 C  C   . THR A 1 169 ? -4.882  18.223  -0.726  1.00 30.70 ? 169 THR A C   1 
ATOM   1273 O  O   . THR A 1 169 ? -5.440  19.272  -0.424  1.00 31.30 ? 169 THR A O   1 
ATOM   1274 C  CB  . THR A 1 169 ? -4.927  17.934  -3.273  1.00 30.58 ? 169 THR A CB  1 
ATOM   1275 O  OG1 . THR A 1 169 ? -5.829  16.854  -3.071  1.00 29.07 ? 169 THR A OG1 1 
ATOM   1276 C  CG2 . THR A 1 169 ? -4.077  17.645  -4.508  1.00 30.99 ? 169 THR A CG2 1 
ATOM   1277 N  N   . GLY A 1 170 ? -4.965  17.131  0.020   1.00 31.93 ? 170 GLY A N   1 
ATOM   1278 C  CA  . GLY A 1 170 ? -5.772  17.079  1.238   1.00 32.49 ? 170 GLY A CA  1 
ATOM   1279 C  C   . GLY A 1 170 ? -7.277  17.123  0.975   1.00 33.40 ? 170 GLY A C   1 
ATOM   1280 O  O   . GLY A 1 170 ? -8.062  17.317  1.898   1.00 33.97 ? 170 GLY A O   1 
ATOM   1281 N  N   . GLU A 1 171 ? -7.679  16.940  -0.281  1.00 33.52 ? 171 GLU A N   1 
ATOM   1282 C  CA  . GLU A 1 171 ? -9.087  16.871  -0.640  1.00 33.25 ? 171 GLU A CA  1 
ATOM   1283 C  C   . GLU A 1 171 ? -9.688  15.522  -0.209  1.00 32.85 ? 171 GLU A C   1 
ATOM   1284 O  O   . GLU A 1 171 ? -8.982  14.541  0.046   1.00 31.30 ? 171 GLU A O   1 
ATOM   1285 C  CB  . GLU A 1 171 ? -9.281  17.021  -2.152  1.00 33.78 ? 171 GLU A CB  1 
ATOM   1286 C  CG  . GLU A 1 171 ? -8.660  18.267  -2.786  1.00 36.54 ? 171 GLU A CG  1 
ATOM   1287 C  CD  . GLU A 1 171 ? -9.531  19.463  -2.722  1.00 39.86 ? 171 GLU A CD  1 
ATOM   1288 O  OE1 . GLU A 1 171 ? -10.604 19.449  -3.357  1.00 43.85 ? 171 GLU A OE1 1 
ATOM   1289 O  OE2 . GLU A 1 171 ? -9.131  20.447  -2.062  1.00 43.17 ? 171 GLU A OE2 1 
ATOM   1290 N  N   . LYS A 1 172 ? -11.019 15.515  -0.146  1.00 32.67 ? 172 LYS A N   1 
ATOM   1291 C  CA  . LYS A 1 172 ? -11.782 14.343  0.285   1.00 32.61 ? 172 LYS A CA  1 
ATOM   1292 C  C   . LYS A 1 172 ? -11.620 13.165  -0.682  1.00 30.52 ? 172 LYS A C   1 
ATOM   1293 O  O   . LYS A 1 172 ? -11.946 13.257  -1.872  1.00 29.81 ? 172 LYS A O   1 
ATOM   1294 C  CB  . LYS A 1 172 ? -13.265 14.724  0.420   1.00 32.45 ? 172 LYS A CB  1 
ATOM   1295 C  CG  . LYS A 1 172 ? -14.101 13.660  1.072   1.00 34.40 ? 172 LYS A CG  1 
ATOM   1296 C  CD  . LYS A 1 172 ? -15.487 14.156  1.481   1.00 35.10 ? 172 LYS A CD  1 
ATOM   1297 C  CE  . LYS A 1 172 ? -16.276 14.718  0.306   1.00 37.74 ? 172 LYS A CE  1 
ATOM   1298 N  NZ  . LYS A 1 172 ? -17.752 14.719  0.601   1.00 38.24 ? 172 LYS A NZ  1 
ATOM   1299 N  N   . LEU A 1 173 ? -11.118 12.060  -0.162  1.00 29.05 ? 173 LEU A N   1 
ATOM   1300 C  CA  . LEU A 1 173 ? -10.939 10.852  -0.949  1.00 28.11 ? 173 LEU A CA  1 
ATOM   1301 C  C   . LEU A 1 173 ? -12.079 9.891   -0.622  1.00 27.94 ? 173 LEU A C   1 
ATOM   1302 O  O   . LEU A 1 173 ? -11.980 9.086   0.318   1.00 28.64 ? 173 LEU A O   1 
ATOM   1303 C  CB  . LEU A 1 173 ? -9.581  10.242  -0.630  1.00 29.18 ? 173 LEU A CB  1 
ATOM   1304 C  CG  . LEU A 1 173 ? -9.046  9.071   -1.459  1.00 28.70 ? 173 LEU A CG  1 
ATOM   1305 C  CD1 . LEU A 1 173 ? -8.781  9.469   -2.885  1.00 29.41 ? 173 LEU A CD1 1 
ATOM   1306 C  CD2 . LEU A 1 173 ? -7.747  8.567   -0.814  1.00 28.36 ? 173 LEU A CD2 1 
ATOM   1307 N  N   . ASP A 1 174 ? -13.173 10.007  -1.380  1.00 26.63 ? 174 ASP A N   1 
ATOM   1308 C  CA  . ASP A 1 174 ? -14.384 9.223   -1.146  1.00 26.12 ? 174 ASP A CA  1 
ATOM   1309 C  C   . ASP A 1 174 ? -14.719 8.347   -2.345  1.00 25.15 ? 174 ASP A C   1 
ATOM   1310 O  O   . ASP A 1 174 ? -14.052 8.423   -3.367  1.00 24.39 ? 174 ASP A O   1 
ATOM   1311 C  CB  . ASP A 1 174 ? -15.567 10.138  -0.786  1.00 25.96 ? 174 ASP A CB  1 
ATOM   1312 C  CG  . ASP A 1 174 ? -15.830 11.224  -1.828  1.00 27.60 ? 174 ASP A CG  1 
ATOM   1313 O  OD1 . ASP A 1 174 ? -15.235 11.203  -2.914  1.00 24.96 ? 174 ASP A OD1 1 
ATOM   1314 O  OD2 . ASP A 1 174 ? -16.664 12.104  -1.554  1.00 30.76 ? 174 ASP A OD2 1 
ATOM   1315 N  N   . ASP A 1 175 ? -15.757 7.514   -2.210  1.00 24.48 ? 175 ASP A N   1 
ATOM   1316 C  CA  . ASP A 1 175 ? -16.143 6.589   -3.271  1.00 24.47 ? 175 ASP A CA  1 
ATOM   1317 C  C   . ASP A 1 175 ? -16.509 7.304   -4.564  1.00 24.32 ? 175 ASP A C   1 
ATOM   1318 O  O   . ASP A 1 175 ? -16.135 6.856   -5.635  1.00 23.80 ? 175 ASP A O   1 
ATOM   1319 C  CB  . ASP A 1 175 ? -17.307 5.718   -2.826  1.00 24.59 ? 175 ASP A CB  1 
ATOM   1320 C  CG  . ASP A 1 175 ? -16.943 4.741   -1.718  1.00 21.53 ? 175 ASP A CG  1 
ATOM   1321 O  OD1 . ASP A 1 175 ? -15.809 4.758   -1.176  1.00 22.12 ? 175 ASP A OD1 1 
ATOM   1322 O  OD2 . ASP A 1 175 ? -17.806 3.899   -1.396  1.00 24.36 ? 175 ASP A OD2 1 
ATOM   1323 N  N   . SER A 1 176 ? -17.214 8.421   -4.458  1.00 24.86 ? 176 SER A N   1 
ATOM   1324 C  CA  . SER A 1 176 ? -17.680 9.152   -5.629  1.00 25.90 ? 176 SER A CA  1 
ATOM   1325 C  C   . SER A 1 176 ? -16.518 9.729   -6.446  1.00 25.54 ? 176 SER A C   1 
ATOM   1326 O  O   . SER A 1 176 ? -16.518 9.605   -7.663  1.00 26.03 ? 176 SER A O   1 
ATOM   1327 C  CB  . SER A 1 176 ? -18.625 10.273  -5.215  1.00 27.04 ? 176 SER A CB  1 
ATOM   1328 O  OG  . SER A 1 176 ? -18.043 11.007  -4.151  1.00 31.51 ? 176 SER A OG  1 
ATOM   1329 N  N   . TYR A 1 177 ? -15.539 10.332  -5.774  1.00 25.62 ? 177 TYR A N   1 
ATOM   1330 C  CA  . TYR A 1 177 ? -14.310 10.802  -6.431  1.00 25.17 ? 177 TYR A CA  1 
ATOM   1331 C  C   . TYR A 1 177 ? -13.603 9.669   -7.166  1.00 24.74 ? 177 TYR A C   1 
ATOM   1332 O  O   . TYR A 1 177 ? -13.244 9.803   -8.345  1.00 24.08 ? 177 TYR A O   1 
ATOM   1333 C  CB  . TYR A 1 177 ? -13.323 11.463  -5.454  1.00 25.61 ? 177 TYR A CB  1 
ATOM   1334 C  CG  . TYR A 1 177 ? -12.027 11.884  -6.148  1.00 25.51 ? 177 TYR A CG  1 
ATOM   1335 C  CD1 . TYR A 1 177 ? -11.977 13.034  -6.929  1.00 26.60 ? 177 TYR A CD1 1 
ATOM   1336 C  CD2 . TYR A 1 177 ? -10.877 11.099  -6.076  1.00 25.21 ? 177 TYR A CD2 1 
ATOM   1337 C  CE1 . TYR A 1 177 ? -10.832 13.404  -7.606  1.00 24.74 ? 177 TYR A CE1 1 
ATOM   1338 C  CE2 . TYR A 1 177 ? -9.713  11.456  -6.748  1.00 24.69 ? 177 TYR A CE2 1 
ATOM   1339 C  CZ  . TYR A 1 177 ? -9.694  12.623  -7.507  1.00 25.36 ? 177 TYR A CZ  1 
ATOM   1340 O  OH  . TYR A 1 177 ? -8.561  13.009  -8.166  1.00 25.84 ? 177 TYR A OH  1 
ATOM   1341 N  N   . VAL A 1 178 ? -13.398 8.552   -6.469  1.00 24.69 ? 178 VAL A N   1 
ATOM   1342 C  CA  . VAL A 1 178 ? -12.686 7.419   -7.063  1.00 25.20 ? 178 VAL A CA  1 
ATOM   1343 C  C   . VAL A 1 178 ? -13.455 6.873   -8.276  1.00 25.08 ? 178 VAL A C   1 
ATOM   1344 O  O   . VAL A 1 178 ? -12.839 6.457   -9.279  1.00 25.19 ? 178 VAL A O   1 
ATOM   1345 C  CB  . VAL A 1 178 ? -12.431 6.308   -6.041  1.00 24.90 ? 178 VAL A CB  1 
ATOM   1346 C  CG1 . VAL A 1 178 ? -11.801 5.052   -6.713  1.00 24.72 ? 178 VAL A CG1 1 
ATOM   1347 C  CG2 . VAL A 1 178 ? -11.532 6.815   -4.911  1.00 25.19 ? 178 VAL A CG2 1 
ATOM   1348 N  N   . HIS A 1 179 ? -14.787 6.864   -8.180  1.00 25.94 ? 179 HIS A N   1 
ATOM   1349 C  CA  . HIS A 1 179 ? -15.630 6.473   -9.295  1.00 27.23 ? 179 HIS A CA  1 
ATOM   1350 C  C   . HIS A 1 179 ? -15.327 7.336   -10.520 1.00 27.26 ? 179 HIS A C   1 
ATOM   1351 O  O   . HIS A 1 179 ? -15.018 6.821   -11.602 1.00 27.44 ? 179 HIS A O   1 
ATOM   1352 C  CB  . HIS A 1 179 ? -17.124 6.585   -8.936  1.00 27.90 ? 179 HIS A CB  1 
ATOM   1353 C  CG  . HIS A 1 179 ? -18.025 5.885   -9.901  1.00 29.36 ? 179 HIS A CG  1 
ATOM   1354 N  ND1 . HIS A 1 179 ? -19.385 5.758   -9.702  1.00 29.07 ? 179 HIS A ND1 1 
ATOM   1355 C  CD2 . HIS A 1 179 ? -17.748 5.214   -11.046 1.00 31.88 ? 179 HIS A CD2 1 
ATOM   1356 C  CE1 . HIS A 1 179 ? -19.907 5.072   -10.704 1.00 32.32 ? 179 HIS A CE1 1 
ATOM   1357 N  NE2 . HIS A 1 179 ? -18.934 4.722   -11.527 1.00 32.17 ? 179 HIS A NE2 1 
ATOM   1358 N  N   . ASP A 1 180 ? -15.372 8.650   -10.337 1.00 27.49 ? 180 ASP A N   1 
ATOM   1359 C  CA  . ASP A 1 180 ? -15.162 9.585   -11.452 1.00 27.76 ? 180 ASP A CA  1 
ATOM   1360 C  C   . ASP A 1 180 ? -13.781 9.449   -12.050 1.00 27.74 ? 180 ASP A C   1 
ATOM   1361 O  O   . ASP A 1 180 ? -13.608 9.520   -13.281 1.00 26.51 ? 180 ASP A O   1 
ATOM   1362 C  CB  . ASP A 1 180 ? -15.363 11.026  -10.994 1.00 28.04 ? 180 ASP A CB  1 
ATOM   1363 C  CG  . ASP A 1 180 ? -16.816 11.344  -10.714 1.00 29.70 ? 180 ASP A CG  1 
ATOM   1364 O  OD1 . ASP A 1 180 ? -17.661 10.494  -11.014 1.00 32.90 ? 180 ASP A OD1 1 
ATOM   1365 O  OD2 . ASP A 1 180 ? -17.105 12.416  -10.171 1.00 31.70 ? 180 ASP A OD2 1 
ATOM   1366 N  N   . LEU A 1 181 ? -12.807 9.285   -11.156 1.00 27.95 ? 181 LEU A N   1 
ATOM   1367 C  CA  . LEU A 1 181 ? -11.418 9.102   -11.530 1.00 28.75 ? 181 LEU A CA  1 
ATOM   1368 C  C   . LEU A 1 181 ? -11.242 7.862   -12.419 1.00 28.33 ? 181 LEU A C   1 
ATOM   1369 O  O   . LEU A 1 181 ? -10.568 7.921   -13.453 1.00 28.38 ? 181 LEU A O   1 
ATOM   1370 C  CB  . LEU A 1 181 ? -10.552 8.980   -10.283 1.00 28.05 ? 181 LEU A CB  1 
ATOM   1371 C  CG  . LEU A 1 181 ? -9.139  8.462   -10.535 1.00 29.23 ? 181 LEU A CG  1 
ATOM   1372 C  CD1 . LEU A 1 181 ? -8.330  9.558   -11.206 1.00 31.88 ? 181 LEU A CD1 1 
ATOM   1373 C  CD2 . LEU A 1 181 ? -8.516  7.950   -9.234  1.00 30.03 ? 181 LEU A CD2 1 
ATOM   1374 N  N   . VAL A 1 182 ? -11.838 6.748   -12.021 1.00 28.97 ? 182 VAL A N   1 
ATOM   1375 C  CA  . VAL A 1 182 ? -11.663 5.520   -12.779 1.00 29.50 ? 182 VAL A CA  1 
ATOM   1376 C  C   . VAL A 1 182 ? -12.309 5.674   -14.159 1.00 29.77 ? 182 VAL A C   1 
ATOM   1377 O  O   . VAL A 1 182 ? -11.698 5.329   -15.172 1.00 30.36 ? 182 VAL A O   1 
ATOM   1378 C  CB  . VAL A 1 182 ? -12.221 4.275   -12.048 1.00 29.27 ? 182 VAL A CB  1 
ATOM   1379 C  CG1 . VAL A 1 182 ? -12.149 3.051   -12.964 1.00 28.97 ? 182 VAL A CG1 1 
ATOM   1380 C  CG2 . VAL A 1 182 ? -11.455 4.026   -10.756 1.00 29.63 ? 182 VAL A CG2 1 
ATOM   1381 N  N   . ILE A 1 183 ? -13.521 6.214   -14.204 1.00 30.25 ? 183 ILE A N   1 
ATOM   1382 C  CA  . ILE A 1 183 ? -14.242 6.371   -15.475 1.00 30.44 ? 183 ILE A CA  1 
ATOM   1383 C  C   . ILE A 1 183 ? -13.458 7.253   -16.438 1.00 30.99 ? 183 ILE A C   1 
ATOM   1384 O  O   . ILE A 1 183 ? -13.311 6.943   -17.613 1.00 32.41 ? 183 ILE A O   1 
ATOM   1385 C  CB  . ILE A 1 183 ? -15.639 6.985   -15.249 1.00 30.80 ? 183 ILE A CB  1 
ATOM   1386 C  CG1 . ILE A 1 183 ? -16.544 5.952   -14.557 1.00 30.87 ? 183 ILE A CG1 1 
ATOM   1387 C  CG2 . ILE A 1 183 ? -16.264 7.428   -16.571 1.00 30.88 ? 183 ILE A CG2 1 
ATOM   1388 C  CD1 . ILE A 1 183 ? -17.950 6.446   -14.312 1.00 30.95 ? 183 ILE A CD1 1 
ATOM   1389 N  N   . ASN A 1 184 ? -12.972 8.358   -15.924 1.00 30.44 ? 184 ASN A N   1 
ATOM   1390 C  CA  . ASN A 1 184 ? -12.256 9.312   -16.736 1.00 30.91 ? 184 ASN A CA  1 
ATOM   1391 C  C   . ASN A 1 184 ? -10.912 8.789   -17.194 1.00 29.24 ? 184 ASN A C   1 
ATOM   1392 O  O   . ASN A 1 184 ? -10.481 9.101   -18.294 1.00 28.67 ? 184 ASN A O   1 
ATOM   1393 C  CB  . ASN A 1 184 ? -12.189 10.631  -16.005 1.00 31.93 ? 184 ASN A CB  1 
ATOM   1394 C  CG  . ASN A 1 184 ? -13.546 11.363  -16.007 1.00 36.93 ? 184 ASN A CG  1 
ATOM   1395 O  OD1 . ASN A 1 184 ? -13.765 12.275  -15.210 1.00 43.74 ? 184 ASN A OD1 1 
ATOM   1396 N  ND2 . ASN A 1 184 ? -14.450 10.974  -16.918 1.00 39.23 ? 184 ASN A ND2 1 
ATOM   1397 N  N   . ALA A 1 185 ? -10.281 7.941   -16.393 1.00 28.72 ? 185 ALA A N   1 
ATOM   1398 C  CA  . ALA A 1 185 ? -9.056  7.279   -16.823 1.00 28.84 ? 185 ALA A CA  1 
ATOM   1399 C  C   . ALA A 1 185 ? -9.360  6.274   -17.935 1.00 28.99 ? 185 ALA A C   1 
ATOM   1400 O  O   . ALA A 1 185 ? -8.543  6.063   -18.831 1.00 28.86 ? 185 ALA A O   1 
ATOM   1401 C  CB  . ALA A 1 185 ? -8.333  6.606   -15.645 1.00 29.06 ? 185 ALA A CB  1 
ATOM   1402 N  N   . PHE A 1 186 ? -10.548 5.677   -17.888 1.00 28.23 ? 186 PHE A N   1 
ATOM   1403 C  CA  . PHE A 1 186 ? -10.994 4.802   -18.950 1.00 29.16 ? 186 PHE A CA  1 
ATOM   1404 C  C   . PHE A 1 186 ? -11.409 5.579   -20.200 1.00 29.04 ? 186 PHE A C   1 
ATOM   1405 O  O   . PHE A 1 186 ? -11.019 5.216   -21.303 1.00 29.18 ? 186 PHE A O   1 
ATOM   1406 C  CB  . PHE A 1 186 ? -12.116 3.889   -18.446 1.00 29.75 ? 186 PHE A CB  1 
ATOM   1407 C  CG  . PHE A 1 186 ? -11.625 2.576   -17.897 1.00 30.49 ? 186 PHE A CG  1 
ATOM   1408 C  CD1 . PHE A 1 186 ? -11.056 2.491   -16.629 1.00 32.38 ? 186 PHE A CD1 1 
ATOM   1409 C  CD2 . PHE A 1 186 ? -11.737 1.416   -18.648 1.00 30.82 ? 186 PHE A CD2 1 
ATOM   1410 C  CE1 . PHE A 1 186 ? -10.600 1.269   -16.121 1.00 31.85 ? 186 PHE A CE1 1 
ATOM   1411 C  CE2 . PHE A 1 186 ? -11.294 0.200   -18.154 1.00 32.18 ? 186 PHE A CE2 1 
ATOM   1412 C  CZ  . PHE A 1 186 ? -10.722 0.120   -16.878 1.00 31.53 ? 186 PHE A CZ  1 
ATOM   1413 N  N   . GLU A 1 187 ? -12.179 6.649   -20.043 1.00 29.22 ? 187 GLU A N   1 
ATOM   1414 C  CA  . GLU A 1 187 ? -12.664 7.399   -21.215 1.00 29.66 ? 187 GLU A CA  1 
ATOM   1415 C  C   . GLU A 1 187 ? -11.602 8.287   -21.845 1.00 30.27 ? 187 GLU A C   1 
ATOM   1416 O  O   . GLU A 1 187 ? -11.581 8.478   -23.068 1.00 29.63 ? 187 GLU A O   1 
ATOM   1417 C  CB  . GLU A 1 187 ? -13.860 8.269   -20.839 1.00 29.93 ? 187 GLU A CB  1 
ATOM   1418 C  CG  . GLU A 1 187 ? -15.040 7.508   -20.332 1.00 30.73 ? 187 GLU A CG  1 
ATOM   1419 C  CD  . GLU A 1 187 ? -15.597 6.510   -21.352 1.00 33.44 ? 187 GLU A CD  1 
ATOM   1420 O  OE1 . GLU A 1 187 ? -15.740 6.884   -22.533 1.00 35.51 ? 187 GLU A OE1 1 
ATOM   1421 O  OE2 . GLU A 1 187 ? -15.893 5.349   -20.975 1.00 37.83 ? 187 GLU A OE2 1 
ATOM   1422 N  N   . GLY A 1 188 ? -10.741 8.865   -21.008 1.00 31.00 ? 188 GLY A N   1 
ATOM   1423 C  CA  . GLY A 1 188 ? -9.799  9.872   -21.452 1.00 31.83 ? 188 GLY A CA  1 
ATOM   1424 C  C   . GLY A 1 188 ? -10.507 11.196  -21.592 1.00 33.21 ? 188 GLY A C   1 
ATOM   1425 O  O   . GLY A 1 188 ? -11.740 11.254  -21.606 1.00 32.58 ? 188 GLY A O   1 
ATOM   1426 N  N   . ILE A 1 189 ? -9.720  12.264  -21.685 1.00 34.87 ? 189 ILE A N   1 
ATOM   1427 C  CA  . ILE A 1 189 ? -10.253 13.617  -21.732 1.00 37.03 ? 189 ILE A CA  1 
ATOM   1428 C  C   . ILE A 1 189 ? -10.527 14.075  -23.172 1.00 37.63 ? 189 ILE A C   1 
ATOM   1429 O  O   . ILE A 1 189 ? -11.256 15.045  -23.378 1.00 37.83 ? 189 ILE A O   1 
ATOM   1430 C  CB  . ILE A 1 189 ? -9.340  14.614  -20.943 1.00 37.26 ? 189 ILE A CB  1 
ATOM   1431 C  CG1 . ILE A 1 189 ? -7.934  14.741  -21.557 1.00 37.15 ? 189 ILE A CG1 1 
ATOM   1432 C  CG2 . ILE A 1 189 ? -9.271  14.191  -19.477 1.00 37.99 ? 189 ILE A CG2 1 
ATOM   1433 C  CD1 . ILE A 1 189 ? -6.727  14.683  -20.514 1.00 38.06 ? 189 ILE A CD1 1 
ATOM   1434 N  N   . ARG A 1 190 ? -9.987  13.352  -24.157 1.00 38.53 ? 190 ARG A N   1 
ATOM   1435 C  CA  . ARG A 1 190 ? -10.230 13.662  -25.572 1.00 39.71 ? 190 ARG A CA  1 
ATOM   1436 C  C   . ARG A 1 190 ? -11.668 13.301  -25.935 1.00 40.28 ? 190 ARG A C   1 
ATOM   1437 O  O   . ARG A 1 190 ? -12.192 12.280  -25.478 1.00 40.40 ? 190 ARG A O   1 
ATOM   1438 C  CB  . ARG A 1 190 ? -9.274  12.877  -26.486 1.00 39.65 ? 190 ARG A CB  1 
ATOM   1439 C  CG  . ARG A 1 190 ? -8.792  13.641  -27.686 1.00 41.42 ? 190 ARG A CG  1 
ATOM   1440 C  CD  . ARG A 1 190 ? -9.134  12.951  -28.964 1.00 42.83 ? 190 ARG A CD  1 
ATOM   1441 N  NE  . ARG A 1 190 ? -8.449  11.672  -29.166 1.00 43.62 ? 190 ARG A NE  1 
ATOM   1442 C  CZ  . ARG A 1 190 ? -8.836  10.772  -30.075 1.00 44.29 ? 190 ARG A CZ  1 
ATOM   1443 N  NH1 . ARG A 1 190 ? -9.898  11.002  -30.844 1.00 44.51 ? 190 ARG A NH1 1 
ATOM   1444 N  NH2 . ARG A 1 190 ? -8.172  9.635   -30.225 1.00 43.39 ? 190 ARG A NH2 1 
ATOM   1445 N  N   . LEU A 1 191 ? -12.301 14.137  -26.752 1.00 41.41 ? 191 LEU A N   1 
ATOM   1446 C  CA  . LEU A 1 191 ? -13.653 13.861  -27.242 1.00 41.76 ? 191 LEU A CA  1 
ATOM   1447 C  C   . LEU A 1 191 ? -13.666 12.532  -27.990 1.00 42.40 ? 191 LEU A C   1 
ATOM   1448 O  O   . LEU A 1 191 ? -12.744 12.238  -28.754 1.00 42.77 ? 191 LEU A O   1 
ATOM   1449 C  CB  . LEU A 1 191 ? -14.126 14.974  -28.186 1.00 42.05 ? 191 LEU A CB  1 
ATOM   1450 C  CG  . LEU A 1 191 ? -15.588 14.920  -28.658 1.00 42.27 ? 191 LEU A CG  1 
ATOM   1451 C  CD1 . LEU A 1 191 ? -16.545 15.541  -27.631 1.00 42.82 ? 191 LEU A CD1 1 
ATOM   1452 C  CD2 . LEU A 1 191 ? -15.745 15.589  -30.006 1.00 42.44 ? 191 LEU A CD2 1 
ATOM   1453 N  N   . ARG A 1 192 ? -14.714 11.745  -27.767 1.00 42.48 ? 192 ARG A N   1 
ATOM   1454 C  CA  . ARG A 1 192 ? -14.887 10.467  -28.453 1.00 42.64 ? 192 ARG A CA  1 
ATOM   1455 C  C   . ARG A 1 192 ? -15.879 10.571  -29.611 1.00 43.00 ? 192 ARG A C   1 
ATOM   1456 O  O   . ARG A 1 192 ? -16.634 11.539  -29.752 1.00 43.18 ? 192 ARG A O   1 
ATOM   1457 C  CB  . ARG A 1 192 ? -15.337 9.388   -27.459 1.00 42.69 ? 192 ARG A CB  1 
ATOM   1458 C  CG  . ARG A 1 192 ? -14.177 8.785   -26.700 1.00 42.76 ? 192 ARG A CG  1 
ATOM   1459 C  CD  . ARG A 1 192 ? -14.607 7.843   -25.604 1.00 42.75 ? 192 ARG A CD  1 
ATOM   1460 N  NE  . ARG A 1 192 ? -13.436 7.318   -24.899 1.00 42.95 ? 192 ARG A NE  1 
ATOM   1461 C  CZ  . ARG A 1 192 ? -12.792 6.186   -25.203 1.00 43.32 ? 192 ARG A CZ  1 
ATOM   1462 N  NH1 . ARG A 1 192 ? -13.214 5.390   -26.186 1.00 43.22 ? 192 ARG A NH1 1 
ATOM   1463 N  NH2 . ARG A 1 192 ? -11.719 5.832   -24.502 1.00 41.71 ? 192 ARG A NH2 1 
ATOM   1464 O  OXT . ARG A 1 192 ? -15.939 9.670   -30.448 1.00 43.08 ? 192 ARG A OXT 1 
HETATM 1465 O  O   . HOH B 2 .   ? 17.791  0.734   14.494  1.00 18.41 ? 193 HOH A O   1 
HETATM 1466 O  O   . HOH B 2 .   ? 17.503  -3.652  23.516  1.00 27.51 ? 194 HOH A O   1 
HETATM 1467 O  O   . HOH B 2 .   ? -6.646  15.595  -5.562  1.00 23.80 ? 195 HOH A O   1 
HETATM 1468 O  O   . HOH B 2 .   ? -6.092  13.478  -7.299  1.00 23.22 ? 196 HOH A O   1 
HETATM 1469 O  O   . HOH B 2 .   ? -4.299  -1.702  0.976   1.00 27.14 ? 197 HOH A O   1 
HETATM 1470 O  O   . HOH B 2 .   ? 9.475   7.571   -1.833  1.00 25.26 ? 198 HOH A O   1 
HETATM 1471 O  O   . HOH B 2 .   ? 18.883  -0.243  17.242  1.00 24.81 ? 199 HOH A O   1 
HETATM 1472 O  O   . HOH B 2 .   ? -12.255 6.376   0.634   1.00 37.94 ? 200 HOH A O   1 
HETATM 1473 O  O   . HOH B 2 .   ? 15.195  3.293   8.292   1.00 29.70 ? 201 HOH A O   1 
HETATM 1474 O  O   . HOH B 2 .   ? 4.947   3.677   -11.769 1.00 25.47 ? 202 HOH A O   1 
HETATM 1475 O  O   . HOH B 2 .   ? 11.449  -0.382  23.963  1.00 29.08 ? 203 HOH A O   1 
HETATM 1476 O  O   . HOH B 2 .   ? 5.558   -7.451  21.751  1.00 31.20 ? 204 HOH A O   1 
HETATM 1477 O  O   . HOH B 2 .   ? 17.240  3.071   20.849  1.00 30.61 ? 205 HOH A O   1 
HETATM 1478 O  O   . HOH B 2 .   ? 13.893  7.644   9.118   1.00 32.29 ? 206 HOH A O   1 
HETATM 1479 O  O   . HOH B 2 .   ? 5.281   -1.700  12.702  1.00 34.17 ? 207 HOH A O   1 
HETATM 1480 O  O   . HOH B 2 .   ? -11.212 -4.971  -3.880  1.00 28.85 ? 208 HOH A O   1 
HETATM 1481 O  O   . HOH B 2 .   ? 6.243   -8.667  3.947   1.00 29.02 ? 209 HOH A O   1 
HETATM 1482 O  O   . HOH B 2 .   ? 12.639  9.798   8.054   1.00 34.41 ? 210 HOH A O   1 
HETATM 1483 O  O   . HOH B 2 .   ? 4.592   3.325   -15.321 1.00 30.62 ? 211 HOH A O   1 
HETATM 1484 O  O   . HOH B 2 .   ? -9.731  19.095  -6.821  1.00 38.81 ? 212 HOH A O   1 
HETATM 1485 O  O   . HOH B 2 .   ? 9.595   9.740   15.451  1.00 31.16 ? 213 HOH A O   1 
HETATM 1486 O  O   . HOH B 2 .   ? 10.907  10.410  -2.704  1.00 35.81 ? 214 HOH A O   1 
HETATM 1487 O  O   . HOH B 2 .   ? -12.378 3.482   5.210   1.00 33.90 ? 215 HOH A O   1 
HETATM 1488 O  O   . HOH B 2 .   ? 18.225  -0.514  11.994  1.00 30.34 ? 216 HOH A O   1 
HETATM 1489 O  O   . HOH B 2 .   ? 3.731   -13.573 21.045  1.00 39.25 ? 217 HOH A O   1 
HETATM 1490 O  O   . HOH B 2 .   ? 16.034  0.854   8.034   1.00 26.80 ? 218 HOH A O   1 
HETATM 1491 O  O   . HOH B 2 .   ? 2.071   -5.931  14.164  1.00 30.24 ? 219 HOH A O   1 
HETATM 1492 O  O   . HOH B 2 .   ? 12.105  -5.293  1.176   1.00 57.21 ? 220 HOH A O   1 
HETATM 1493 O  O   . HOH B 2 .   ? -0.328  -8.817  -5.090  1.00 29.43 ? 221 HOH A O   1 
HETATM 1494 O  O   . HOH B 2 .   ? 21.907  -9.803  19.982  1.00 32.00 ? 222 HOH A O   1 
HETATM 1495 O  O   . HOH B 2 .   ? -17.981 7.441   -0.026  1.00 40.37 ? 223 HOH A O   1 
HETATM 1496 O  O   . HOH B 2 .   ? -6.807  13.750  1.074   1.00 37.08 ? 224 HOH A O   1 
HETATM 1497 O  O   . HOH B 2 .   ? -13.181 -10.047 -14.272 1.00 40.73 ? 225 HOH A O   1 
HETATM 1498 O  O   . HOH B 2 .   ? -16.413 4.173   -5.920  1.00 30.04 ? 226 HOH A O   1 
HETATM 1499 O  O   . HOH B 2 .   ? 14.698  -2.932  4.345   1.00 37.22 ? 227 HOH A O   1 
HETATM 1500 O  O   . HOH B 2 .   ? 20.054  -2.303  11.664  1.00 29.62 ? 228 HOH A O   1 
HETATM 1501 O  O   . HOH B 2 .   ? -10.006 12.203  2.521   1.00 33.59 ? 229 HOH A O   1 
HETATM 1502 O  O   . HOH B 2 .   ? 7.021   4.913   22.629  1.00 38.02 ? 230 HOH A O   1 
HETATM 1503 O  O   . HOH B 2 .   ? -6.247  -7.732  4.918   1.00 42.02 ? 231 HOH A O   1 
HETATM 1504 O  O   . HOH B 2 .   ? -20.538 6.804   -7.556  1.00 32.55 ? 232 HOH A O   1 
HETATM 1505 O  O   . HOH B 2 .   ? -6.464  -2.030  9.177   1.00 40.60 ? 233 HOH A O   1 
HETATM 1506 O  O   . HOH B 2 .   ? -2.113  -6.324  5.527   1.00 41.99 ? 234 HOH A O   1 
HETATM 1507 O  O   . HOH B 2 .   ? -7.876  -6.426  -6.292  1.00 32.87 ? 235 HOH A O   1 
HETATM 1508 O  O   . HOH B 2 .   ? 14.681  6.873   11.517  1.00 34.33 ? 236 HOH A O   1 
HETATM 1509 O  O   . HOH B 2 .   ? 4.296   -2.293  -10.355 1.00 34.79 ? 237 HOH A O   1 
HETATM 1510 O  O   . HOH B 2 .   ? 4.145   7.650   11.710  1.00 43.80 ? 238 HOH A O   1 
HETATM 1511 O  O   . HOH B 2 .   ? 8.109   -20.264 20.463  1.00 42.79 ? 239 HOH A O   1 
HETATM 1512 O  O   . HOH B 2 .   ? -6.822  -8.187  -8.413  1.00 35.06 ? 240 HOH A O   1 
HETATM 1513 O  O   . HOH B 2 .   ? -12.601 17.806  -1.377  1.00 42.13 ? 241 HOH A O   1 
HETATM 1514 O  O   . HOH B 2 .   ? 2.294   -4.555  -11.842 1.00 36.70 ? 242 HOH A O   1 
HETATM 1515 O  O   . HOH B 2 .   ? -3.889  -10.846 -4.329  1.00 41.56 ? 243 HOH A O   1 
HETATM 1516 O  O   . HOH B 2 .   ? 3.252   7.388   14.398  1.00 37.47 ? 244 HOH A O   1 
HETATM 1517 O  O   . HOH B 2 .   ? 5.587   1.853   -9.824  1.00 36.36 ? 245 HOH A O   1 
HETATM 1518 O  O   . HOH B 2 .   ? -3.712  -6.342  -1.616  1.00 29.18 ? 246 HOH A O   1 
HETATM 1519 O  O   . HOH B 2 .   ? -0.058  -5.813  16.279  1.00 40.27 ? 247 HOH A O   1 
HETATM 1520 O  O   . HOH B 2 .   ? 15.918  -13.708 21.589  1.00 36.21 ? 248 HOH A O   1 
HETATM 1521 O  O   . HOH B 2 .   ? 2.192   -9.781  -4.752  1.00 47.77 ? 249 HOH A O   1 
HETATM 1522 O  O   . HOH B 2 .   ? 19.722  -7.158  22.136  1.00 33.25 ? 250 HOH A O   1 
HETATM 1523 O  O   . HOH B 2 .   ? 13.721  1.758   -4.255  1.00 39.76 ? 251 HOH A O   1 
HETATM 1524 O  O   . HOH B 2 .   ? -15.007 2.970   3.925   1.00 34.49 ? 252 HOH A O   1 
HETATM 1525 O  O   . HOH B 2 .   ? 3.139   -7.339  0.961   1.00 38.59 ? 253 HOH A O   1 
HETATM 1526 O  O   . HOH B 2 .   ? -10.708 -7.227  -15.518 1.00 34.28 ? 254 HOH A O   1 
HETATM 1527 O  O   . HOH B 2 .   ? 3.317   -4.415  -9.096  1.00 46.28 ? 255 HOH A O   1 
HETATM 1528 O  O   . HOH B 2 .   ? -13.453 10.857  -23.752 1.00 40.50 ? 256 HOH A O   1 
HETATM 1529 O  O   . HOH B 2 .   ? 13.878  -19.003 10.260  1.00 49.49 ? 257 HOH A O   1 
HETATM 1530 O  O   . HOH B 2 .   ? 11.942  -0.924  -4.599  1.00 34.68 ? 258 HOH A O   1 
HETATM 1531 O  O   . HOH B 2 .   ? -3.277  20.869  -5.201  1.00 33.93 ? 259 HOH A O   1 
HETATM 1532 O  O   . HOH B 2 .   ? 6.642   -19.053 22.465  1.00 42.42 ? 260 HOH A O   1 
HETATM 1533 O  O   . HOH B 2 .   ? 0.913   -4.120  18.079  1.00 41.25 ? 261 HOH A O   1 
HETATM 1534 O  O   . HOH B 2 .   ? -14.165 14.272  -3.135  1.00 44.53 ? 262 HOH A O   1 
HETATM 1535 O  O   . HOH B 2 .   ? -7.481  11.343  1.816   1.00 39.35 ? 263 HOH A O   1 
HETATM 1536 O  O   . HOH B 2 .   ? -17.075 0.663   -12.842 1.00 66.90 ? 264 HOH A O   1 
HETATM 1537 O  O   . HOH B 2 .   ? 8.872   13.884  6.897   0.50 72.51 ? 265 HOH A O   1 
HETATM 1538 O  O   . HOH B 2 .   ? -2.925  15.612  1.681   1.00 38.07 ? 266 HOH A O   1 
HETATM 1539 O  O   . HOH B 2 .   ? 5.888   -8.235  -0.387  1.00 42.87 ? 267 HOH A O   1 
HETATM 1540 O  O   . HOH B 2 .   ? 6.185   -19.998 18.264  1.00 45.03 ? 268 HOH A O   1 
HETATM 1541 O  O   . HOH B 2 .   ? -18.853 9.045   -1.903  1.00 37.64 ? 269 HOH A O   1 
HETATM 1542 O  O   . HOH B 2 .   ? 13.428  -17.676 17.726  1.00 50.80 ? 270 HOH A O   1 
HETATM 1543 O  O   . HOH B 2 .   ? 21.107  -6.432  8.905   1.00 60.51 ? 271 HOH A O   1 
HETATM 1544 O  O   . HOH B 2 .   ? -2.675  -12.340 20.520  1.00 40.34 ? 272 HOH A O   1 
HETATM 1545 O  O   . HOH B 2 .   ? 7.771   -16.265 21.835  1.00 49.43 ? 273 HOH A O   1 
HETATM 1546 O  O   . HOH B 2 .   ? 19.541  -4.417  21.867  1.00 34.45 ? 274 HOH A O   1 
HETATM 1547 O  O   . HOH B 2 .   ? 16.972  5.761   20.565  1.00 41.57 ? 275 HOH A O   1 
HETATM 1548 O  O   . HOH B 2 .   ? -15.623 3.328   -19.445 1.00 53.51 ? 276 HOH A O   1 
HETATM 1549 O  O   . HOH B 2 .   ? 3.558   -4.812  -16.070 1.00 38.83 ? 277 HOH A O   1 
HETATM 1550 O  O   . HOH B 2 .   ? 14.840  6.621   19.476  1.00 42.96 ? 278 HOH A O   1 
HETATM 1551 O  O   . HOH B 2 .   ? 13.657  12.729  -1.515  1.00 44.17 ? 279 HOH A O   1 
HETATM 1552 O  O   . HOH B 2 .   ? 1.160   0.909   22.524  1.00 48.62 ? 280 HOH A O   1 
HETATM 1553 O  O   . HOH B 2 .   ? 8.414   10.087  12.824  1.00 54.70 ? 281 HOH A O   1 
HETATM 1554 O  O   . HOH B 2 .   ? 12.561  -19.519 15.822  1.00 48.70 ? 282 HOH A O   1 
HETATM 1555 O  O   . HOH B 2 .   ? 16.120  -5.050  4.944   1.00 45.31 ? 283 HOH A O   1 
HETATM 1556 O  O   . HOH B 2 .   ? 15.622  -0.820  3.151   1.00 36.96 ? 284 HOH A O   1 
HETATM 1557 O  O   . HOH B 2 .   ? 9.180   -5.290  27.654  1.00 45.68 ? 285 HOH A O   1 
HETATM 1558 O  O   . HOH B 2 .   ? 1.322   -14.761 21.486  1.00 35.37 ? 286 HOH A O   1 
HETATM 1559 O  O   . HOH B 2 .   ? -7.988  -9.661  1.700   1.00 48.69 ? 287 HOH A O   1 
HETATM 1560 O  O   . HOH B 2 .   ? 17.095  2.303   23.434  1.00 40.63 ? 288 HOH A O   1 
HETATM 1561 O  O   . HOH B 2 .   ? -10.831 -1.537  1.880   1.00 31.31 ? 289 HOH A O   1 
HETATM 1562 O  O   . HOH B 2 .   ? -3.561  -4.096  -25.168 1.00 43.55 ? 290 HOH A O   1 
HETATM 1563 O  O   . HOH B 2 .   ? 0.897   1.954   20.155  1.00 42.69 ? 291 HOH A O   1 
HETATM 1564 O  O   . HOH B 2 .   ? -15.088 6.795   1.257   1.00 39.11 ? 292 HOH A O   1 
HETATM 1565 O  O   . HOH B 2 .   ? -17.792 -2.815  -10.122 1.00 46.37 ? 293 HOH A O   1 
HETATM 1566 O  O   . HOH B 2 .   ? -9.897  7.298   -31.830 1.00 47.15 ? 294 HOH A O   1 
# 
